data_3DOW
# 
_entry.id   3DOW 
# 
_audit_conform.dict_name       mmcif_pdbx.dic 
_audit_conform.dict_version    5.397 
_audit_conform.dict_location   http://mmcif.pdb.org/dictionaries/ascii/mmcif_pdbx.dic 
# 
loop_
_database_2.database_id 
_database_2.database_code 
_database_2.pdbx_database_accession 
_database_2.pdbx_DOI 
PDB   3DOW         pdb_00003dow 10.2210/pdb3dow/pdb 
RCSB  RCSB048306   ?            ?                   
WWPDB D_1000048306 ?            ?                   
# 
loop_
_pdbx_audit_revision_history.ordinal 
_pdbx_audit_revision_history.data_content_type 
_pdbx_audit_revision_history.major_revision 
_pdbx_audit_revision_history.minor_revision 
_pdbx_audit_revision_history.revision_date 
1 'Structure model' 1 0 2009-02-24 
2 'Structure model' 1 1 2011-07-13 
3 'Structure model' 1 2 2023-08-30 
4 'Structure model' 1 3 2024-10-30 
# 
_pdbx_audit_revision_details.ordinal             1 
_pdbx_audit_revision_details.revision_ordinal    1 
_pdbx_audit_revision_details.data_content_type   'Structure model' 
_pdbx_audit_revision_details.provider            repository 
_pdbx_audit_revision_details.type                'Initial release' 
_pdbx_audit_revision_details.description         ? 
_pdbx_audit_revision_details.details             ? 
# 
loop_
_pdbx_audit_revision_group.ordinal 
_pdbx_audit_revision_group.revision_ordinal 
_pdbx_audit_revision_group.data_content_type 
_pdbx_audit_revision_group.group 
1 2 'Structure model' 'Version format compliance' 
2 3 'Structure model' 'Data collection'           
3 3 'Structure model' 'Database references'       
4 3 'Structure model' 'Derived calculations'      
5 3 'Structure model' 'Refinement description'    
6 4 'Structure model' 'Structure summary'         
# 
loop_
_pdbx_audit_revision_category.ordinal 
_pdbx_audit_revision_category.revision_ordinal 
_pdbx_audit_revision_category.data_content_type 
_pdbx_audit_revision_category.category 
1  3 'Structure model' chem_comp_atom                
2  3 'Structure model' chem_comp_bond                
3  3 'Structure model' database_2                    
4  3 'Structure model' pdbx_initial_refinement_model 
5  3 'Structure model' struct_conn                   
6  3 'Structure model' struct_conn_type              
7  3 'Structure model' struct_ref_seq_dif            
8  3 'Structure model' struct_site                   
9  4 'Structure model' pdbx_entry_details            
10 4 'Structure model' pdbx_modification_feature     
# 
loop_
_pdbx_audit_revision_item.ordinal 
_pdbx_audit_revision_item.revision_ordinal 
_pdbx_audit_revision_item.data_content_type 
_pdbx_audit_revision_item.item 
1  3 'Structure model' '_database_2.pdbx_DOI'                
2  3 'Structure model' '_database_2.pdbx_database_accession' 
3  3 'Structure model' '_struct_conn.conn_type_id'           
4  3 'Structure model' '_struct_conn.id'                     
5  3 'Structure model' '_struct_conn.pdbx_dist_value'        
6  3 'Structure model' '_struct_conn.pdbx_leaving_atom_flag' 
7  3 'Structure model' '_struct_conn.ptnr1_auth_asym_id'     
8  3 'Structure model' '_struct_conn.ptnr1_auth_comp_id'     
9  3 'Structure model' '_struct_conn.ptnr1_auth_seq_id'      
10 3 'Structure model' '_struct_conn.ptnr1_label_asym_id'    
11 3 'Structure model' '_struct_conn.ptnr1_label_atom_id'    
12 3 'Structure model' '_struct_conn.ptnr1_label_comp_id'    
13 3 'Structure model' '_struct_conn.ptnr1_label_seq_id'     
14 3 'Structure model' '_struct_conn.ptnr2_auth_asym_id'     
15 3 'Structure model' '_struct_conn.ptnr2_auth_comp_id'     
16 3 'Structure model' '_struct_conn.ptnr2_auth_seq_id'      
17 3 'Structure model' '_struct_conn.ptnr2_label_asym_id'    
18 3 'Structure model' '_struct_conn.ptnr2_label_atom_id'    
19 3 'Structure model' '_struct_conn.ptnr2_label_comp_id'    
20 3 'Structure model' '_struct_conn.ptnr2_label_seq_id'     
21 3 'Structure model' '_struct_conn_type.id'                
22 3 'Structure model' '_struct_ref_seq_dif.details'         
23 3 'Structure model' '_struct_site.pdbx_auth_asym_id'      
24 3 'Structure model' '_struct_site.pdbx_auth_comp_id'      
25 3 'Structure model' '_struct_site.pdbx_auth_seq_id'       
# 
_pdbx_database_status.entry_id                        3DOW 
_pdbx_database_status.deposit_site                    RCSB 
_pdbx_database_status.process_site                    RCSB 
_pdbx_database_status.recvd_initial_deposition_date   2008-07-07 
_pdbx_database_status.status_code                     REL 
_pdbx_database_status.status_code_sf                  REL 
_pdbx_database_status.status_code_mr                  ? 
_pdbx_database_status.SG_entry                        . 
_pdbx_database_status.pdb_format_compatible           Y 
_pdbx_database_status.status_code_cs                  ? 
_pdbx_database_status.status_code_nmr_data            ? 
_pdbx_database_status.methods_development_category    ? 
# 
_pdbx_database_related.db_name        PDB 
_pdbx_database_related.db_id          3D32 
_pdbx_database_related.details        'Complex of GABA(A) receptor-associated protein with a synthetic peptide' 
_pdbx_database_related.content_type   unspecified 
# 
loop_
_audit_author.name 
_audit_author.pdbx_ordinal 
'Thielmann, Y.'      1 
'Weiergraeber, O.H.' 2 
'Willbold, D.'       3 
# 
_citation.id                        primary 
_citation.title                     
;Structural framework of the GABARAP-calreticulin interface - implications for substrate binding to endoplasmic reticulum chaperones.
;
_citation.journal_abbrev            'Febs J.' 
_citation.journal_volume            276 
_citation.page_first                1140 
_citation.page_last                 1152 
_citation.year                      2009 
_citation.journal_id_ASTM           ? 
_citation.country                   UK 
_citation.journal_id_ISSN           1742-464X 
_citation.journal_id_CSD            ? 
_citation.book_publisher            ? 
_citation.pdbx_database_id_PubMed   19154346 
_citation.pdbx_database_id_DOI      10.1111/j.1742-4658.2008.06857.x 
# 
loop_
_citation_author.citation_id 
_citation_author.name 
_citation_author.ordinal 
_citation_author.identifier_ORCID 
primary 'Thielmann, Y.'     1 ? 
primary 'Weiergraber, O.H.' 2 ? 
primary 'Mohrluder, J.'     3 ? 
primary 'Willbold, D.'      4 ? 
# 
loop_
_entity.id 
_entity.type 
_entity.src_method 
_entity.pdbx_description 
_entity.formula_weight 
_entity.pdbx_number_of_molecules 
_entity.pdbx_ec 
_entity.pdbx_mutation 
_entity.pdbx_fragment 
_entity.details 
1 polymer     man 'Gamma-aminobutyric acid receptor-associated protein' 14086.176 1  ? ? ? ? 
2 polymer     syn 'CRT peptide'                                         1331.407  1  ? ? ? ? 
3 non-polymer syn 'ZINC ION'                                            65.409    1  ? ? ? ? 
4 water       nat water                                                 18.015    29 ? ? ? ? 
# 
loop_
_entity_name_com.entity_id 
_entity_name_com.name 
1 'GABA(A) receptor-associated protein, MM46'            
2 'Calreticulin, CRP55, Calregulin, HACBP, ERp60, grp60' 
# 
loop_
_entity_poly.entity_id 
_entity_poly.type 
_entity_poly.nstd_linkage 
_entity_poly.nstd_monomer 
_entity_poly.pdbx_seq_one_letter_code 
_entity_poly.pdbx_seq_one_letter_code_can 
_entity_poly.pdbx_strand_id 
_entity_poly.pdbx_target_identifier 
1 'polypeptide(L)' no no  
;GSMKFVYKEEHPFEKRRSEGEKIRKKYPDRVPVIVEKAPKARIGDLDKKKYLVPSDLTVGQFYFLIRKRIHLRAEDALFF
FVNNVIPPTSATMGQLYQEHHEEDFFLYIAYSDESVYGL
;
;GSMKFVYKEEHPFEKRRSEGEKIRKKYPDRVPVIVEKAPKARIGDLDKKKYLVPSDLTVGQFYFLIRKRIHLRAEDALFF
FVNNVIPPTSATMGQLYQEHHEEDFFLYIAYSDESVYGL
;
A ? 
2 'polypeptide(L)' no yes 'SLEDDWDFLPP(NH2)' SLEDDWDFLPPX B ? 
# 
loop_
_pdbx_entity_nonpoly.entity_id 
_pdbx_entity_nonpoly.name 
_pdbx_entity_nonpoly.comp_id 
3 'ZINC ION' ZN  
4 water      HOH 
# 
loop_
_entity_poly_seq.entity_id 
_entity_poly_seq.num 
_entity_poly_seq.mon_id 
_entity_poly_seq.hetero 
1 1   GLY n 
1 2   SER n 
1 3   MET n 
1 4   LYS n 
1 5   PHE n 
1 6   VAL n 
1 7   TYR n 
1 8   LYS n 
1 9   GLU n 
1 10  GLU n 
1 11  HIS n 
1 12  PRO n 
1 13  PHE n 
1 14  GLU n 
1 15  LYS n 
1 16  ARG n 
1 17  ARG n 
1 18  SER n 
1 19  GLU n 
1 20  GLY n 
1 21  GLU n 
1 22  LYS n 
1 23  ILE n 
1 24  ARG n 
1 25  LYS n 
1 26  LYS n 
1 27  TYR n 
1 28  PRO n 
1 29  ASP n 
1 30  ARG n 
1 31  VAL n 
1 32  PRO n 
1 33  VAL n 
1 34  ILE n 
1 35  VAL n 
1 36  GLU n 
1 37  LYS n 
1 38  ALA n 
1 39  PRO n 
1 40  LYS n 
1 41  ALA n 
1 42  ARG n 
1 43  ILE n 
1 44  GLY n 
1 45  ASP n 
1 46  LEU n 
1 47  ASP n 
1 48  LYS n 
1 49  LYS n 
1 50  LYS n 
1 51  TYR n 
1 52  LEU n 
1 53  VAL n 
1 54  PRO n 
1 55  SER n 
1 56  ASP n 
1 57  LEU n 
1 58  THR n 
1 59  VAL n 
1 60  GLY n 
1 61  GLN n 
1 62  PHE n 
1 63  TYR n 
1 64  PHE n 
1 65  LEU n 
1 66  ILE n 
1 67  ARG n 
1 68  LYS n 
1 69  ARG n 
1 70  ILE n 
1 71  HIS n 
1 72  LEU n 
1 73  ARG n 
1 74  ALA n 
1 75  GLU n 
1 76  ASP n 
1 77  ALA n 
1 78  LEU n 
1 79  PHE n 
1 80  PHE n 
1 81  PHE n 
1 82  VAL n 
1 83  ASN n 
1 84  ASN n 
1 85  VAL n 
1 86  ILE n 
1 87  PRO n 
1 88  PRO n 
1 89  THR n 
1 90  SER n 
1 91  ALA n 
1 92  THR n 
1 93  MET n 
1 94  GLY n 
1 95  GLN n 
1 96  LEU n 
1 97  TYR n 
1 98  GLN n 
1 99  GLU n 
1 100 HIS n 
1 101 HIS n 
1 102 GLU n 
1 103 GLU n 
1 104 ASP n 
1 105 PHE n 
1 106 PHE n 
1 107 LEU n 
1 108 TYR n 
1 109 ILE n 
1 110 ALA n 
1 111 TYR n 
1 112 SER n 
1 113 ASP n 
1 114 GLU n 
1 115 SER n 
1 116 VAL n 
1 117 TYR n 
1 118 GLY n 
1 119 LEU n 
2 1   SER n 
2 2   LEU n 
2 3   GLU n 
2 4   ASP n 
2 5   ASP n 
2 6   TRP n 
2 7   ASP n 
2 8   PHE n 
2 9   LEU n 
2 10  PRO n 
2 11  PRO n 
2 12  NH2 n 
# 
_entity_src_gen.entity_id                          1 
_entity_src_gen.pdbx_src_id                        1 
_entity_src_gen.pdbx_alt_source_flag               sample 
_entity_src_gen.pdbx_seq_type                      ? 
_entity_src_gen.pdbx_beg_seq_num                   ? 
_entity_src_gen.pdbx_end_seq_num                   ? 
_entity_src_gen.gene_src_common_name               ? 
_entity_src_gen.gene_src_genus                     ? 
_entity_src_gen.pdbx_gene_src_gene                 'GABARAP, FLC3B' 
_entity_src_gen.gene_src_species                   ? 
_entity_src_gen.gene_src_strain                    ? 
_entity_src_gen.gene_src_tissue                    ? 
_entity_src_gen.gene_src_tissue_fraction           ? 
_entity_src_gen.gene_src_details                   
'Product contains an N-terminal cloning artifact (glycine-serine) preceding the sequence of native GABARAP.' 
_entity_src_gen.pdbx_gene_src_fragment             ? 
_entity_src_gen.pdbx_gene_src_scientific_name      'Homo sapiens' 
_entity_src_gen.pdbx_gene_src_ncbi_taxonomy_id     9606 
_entity_src_gen.pdbx_gene_src_variant              ? 
_entity_src_gen.pdbx_gene_src_cell_line            ? 
_entity_src_gen.pdbx_gene_src_atcc                 ? 
_entity_src_gen.pdbx_gene_src_organ                ? 
_entity_src_gen.pdbx_gene_src_organelle            ? 
_entity_src_gen.pdbx_gene_src_cell                 ? 
_entity_src_gen.pdbx_gene_src_cellular_location    ? 
_entity_src_gen.host_org_common_name               ? 
_entity_src_gen.pdbx_host_org_scientific_name      'Escherichia coli' 
_entity_src_gen.pdbx_host_org_ncbi_taxonomy_id     ? 
_entity_src_gen.host_org_genus                     ? 
_entity_src_gen.pdbx_host_org_gene                 ? 
_entity_src_gen.pdbx_host_org_organ                ? 
_entity_src_gen.host_org_species                   ? 
_entity_src_gen.pdbx_host_org_tissue               ? 
_entity_src_gen.pdbx_host_org_tissue_fraction      ? 
_entity_src_gen.pdbx_host_org_strain               BL21 
_entity_src_gen.pdbx_host_org_variant              ? 
_entity_src_gen.pdbx_host_org_cell_line            ? 
_entity_src_gen.pdbx_host_org_atcc                 ? 
_entity_src_gen.pdbx_host_org_culture_collection   ? 
_entity_src_gen.pdbx_host_org_cell                 ? 
_entity_src_gen.pdbx_host_org_organelle            ? 
_entity_src_gen.pdbx_host_org_cellular_location    ? 
_entity_src_gen.pdbx_host_org_vector_type          Plasmid 
_entity_src_gen.pdbx_host_org_vector               ? 
_entity_src_gen.host_org_details                   ? 
_entity_src_gen.expression_system_id               ? 
_entity_src_gen.plasmid_name                       ? 
_entity_src_gen.plasmid_details                    ? 
_entity_src_gen.pdbx_description                   ? 
# 
_pdbx_entity_src_syn.entity_id              2 
_pdbx_entity_src_syn.pdbx_src_id            1 
_pdbx_entity_src_syn.pdbx_alt_source_flag   sample 
_pdbx_entity_src_syn.pdbx_beg_seq_num       ? 
_pdbx_entity_src_syn.pdbx_end_seq_num       ? 
_pdbx_entity_src_syn.organism_scientific    ? 
_pdbx_entity_src_syn.organism_common_name   ? 
_pdbx_entity_src_syn.ncbi_taxonomy_id       ? 
_pdbx_entity_src_syn.details                
'Synthetic peptide containing amino acids 195-205 of mature calreticulin, CALR_HUMAN, UniProt entry P27797' 
# 
loop_
_chem_comp.id 
_chem_comp.type 
_chem_comp.mon_nstd_flag 
_chem_comp.name 
_chem_comp.pdbx_synonyms 
_chem_comp.formula 
_chem_comp.formula_weight 
ALA 'L-peptide linking' y ALANINE         ? 'C3 H7 N O2'     89.093  
ARG 'L-peptide linking' y ARGININE        ? 'C6 H15 N4 O2 1' 175.209 
ASN 'L-peptide linking' y ASPARAGINE      ? 'C4 H8 N2 O3'    132.118 
ASP 'L-peptide linking' y 'ASPARTIC ACID' ? 'C4 H7 N O4'     133.103 
GLN 'L-peptide linking' y GLUTAMINE       ? 'C5 H10 N2 O3'   146.144 
GLU 'L-peptide linking' y 'GLUTAMIC ACID' ? 'C5 H9 N O4'     147.129 
GLY 'peptide linking'   y GLYCINE         ? 'C2 H5 N O2'     75.067  
HIS 'L-peptide linking' y HISTIDINE       ? 'C6 H10 N3 O2 1' 156.162 
HOH non-polymer         . WATER           ? 'H2 O'           18.015  
ILE 'L-peptide linking' y ISOLEUCINE      ? 'C6 H13 N O2'    131.173 
LEU 'L-peptide linking' y LEUCINE         ? 'C6 H13 N O2'    131.173 
LYS 'L-peptide linking' y LYSINE          ? 'C6 H15 N2 O2 1' 147.195 
MET 'L-peptide linking' y METHIONINE      ? 'C5 H11 N O2 S'  149.211 
NH2 non-polymer         . 'AMINO GROUP'   ? 'H2 N'           16.023  
PHE 'L-peptide linking' y PHENYLALANINE   ? 'C9 H11 N O2'    165.189 
PRO 'L-peptide linking' y PROLINE         ? 'C5 H9 N O2'     115.130 
SER 'L-peptide linking' y SERINE          ? 'C3 H7 N O3'     105.093 
THR 'L-peptide linking' y THREONINE       ? 'C4 H9 N O3'     119.119 
TRP 'L-peptide linking' y TRYPTOPHAN      ? 'C11 H12 N2 O2'  204.225 
TYR 'L-peptide linking' y TYROSINE        ? 'C9 H11 N O3'    181.189 
VAL 'L-peptide linking' y VALINE          ? 'C5 H11 N O2'    117.146 
ZN  non-polymer         . 'ZINC ION'      ? 'Zn 2'           65.409  
# 
loop_
_pdbx_poly_seq_scheme.asym_id 
_pdbx_poly_seq_scheme.entity_id 
_pdbx_poly_seq_scheme.seq_id 
_pdbx_poly_seq_scheme.mon_id 
_pdbx_poly_seq_scheme.ndb_seq_num 
_pdbx_poly_seq_scheme.pdb_seq_num 
_pdbx_poly_seq_scheme.auth_seq_num 
_pdbx_poly_seq_scheme.pdb_mon_id 
_pdbx_poly_seq_scheme.auth_mon_id 
_pdbx_poly_seq_scheme.pdb_strand_id 
_pdbx_poly_seq_scheme.pdb_ins_code 
_pdbx_poly_seq_scheme.hetero 
A 1 1   GLY 1   1   1   GLY GLY A . n 
A 1 2   SER 2   2   2   SER SER A . n 
A 1 3   MET 3   3   3   MET MET A . n 
A 1 4   LYS 4   4   4   LYS LYS A . n 
A 1 5   PHE 5   5   5   PHE PHE A . n 
A 1 6   VAL 6   6   6   VAL VAL A . n 
A 1 7   TYR 7   7   7   TYR TYR A . n 
A 1 8   LYS 8   8   8   LYS LYS A . n 
A 1 9   GLU 9   9   9   GLU GLU A . n 
A 1 10  GLU 10  10  10  GLU GLU A . n 
A 1 11  HIS 11  11  11  HIS HIS A . n 
A 1 12  PRO 12  12  12  PRO PRO A . n 
A 1 13  PHE 13  13  13  PHE PHE A . n 
A 1 14  GLU 14  14  14  GLU GLU A . n 
A 1 15  LYS 15  15  15  LYS LYS A . n 
A 1 16  ARG 16  16  16  ARG ARG A . n 
A 1 17  ARG 17  17  17  ARG ARG A . n 
A 1 18  SER 18  18  18  SER SER A . n 
A 1 19  GLU 19  19  19  GLU GLU A . n 
A 1 20  GLY 20  20  20  GLY GLY A . n 
A 1 21  GLU 21  21  21  GLU GLU A . n 
A 1 22  LYS 22  22  22  LYS LYS A . n 
A 1 23  ILE 23  23  23  ILE ILE A . n 
A 1 24  ARG 24  24  24  ARG ARG A . n 
A 1 25  LYS 25  25  25  LYS LYS A . n 
A 1 26  LYS 26  26  26  LYS LYS A . n 
A 1 27  TYR 27  27  27  TYR TYR A . n 
A 1 28  PRO 28  28  28  PRO PRO A . n 
A 1 29  ASP 29  29  29  ASP ASP A . n 
A 1 30  ARG 30  30  30  ARG ARG A . n 
A 1 31  VAL 31  31  31  VAL VAL A . n 
A 1 32  PRO 32  32  32  PRO PRO A . n 
A 1 33  VAL 33  33  33  VAL VAL A . n 
A 1 34  ILE 34  34  34  ILE ILE A . n 
A 1 35  VAL 35  35  35  VAL VAL A . n 
A 1 36  GLU 36  36  36  GLU GLU A . n 
A 1 37  LYS 37  37  37  LYS LYS A . n 
A 1 38  ALA 38  38  38  ALA ALA A . n 
A 1 39  PRO 39  39  39  PRO PRO A . n 
A 1 40  LYS 40  40  40  LYS LYS A . n 
A 1 41  ALA 41  41  41  ALA ALA A . n 
A 1 42  ARG 42  42  42  ARG ARG A . n 
A 1 43  ILE 43  43  43  ILE ILE A . n 
A 1 44  GLY 44  44  44  GLY GLY A . n 
A 1 45  ASP 45  45  45  ASP ASP A . n 
A 1 46  LEU 46  46  46  LEU LEU A . n 
A 1 47  ASP 47  47  47  ASP ASP A . n 
A 1 48  LYS 48  48  48  LYS LYS A . n 
A 1 49  LYS 49  49  49  LYS LYS A . n 
A 1 50  LYS 50  50  50  LYS LYS A . n 
A 1 51  TYR 51  51  51  TYR TYR A . n 
A 1 52  LEU 52  52  52  LEU LEU A . n 
A 1 53  VAL 53  53  53  VAL VAL A . n 
A 1 54  PRO 54  54  54  PRO PRO A . n 
A 1 55  SER 55  55  55  SER SER A . n 
A 1 56  ASP 56  56  56  ASP ASP A . n 
A 1 57  LEU 57  57  57  LEU LEU A . n 
A 1 58  THR 58  58  58  THR THR A . n 
A 1 59  VAL 59  59  59  VAL VAL A . n 
A 1 60  GLY 60  60  60  GLY GLY A . n 
A 1 61  GLN 61  61  61  GLN GLN A . n 
A 1 62  PHE 62  62  62  PHE PHE A . n 
A 1 63  TYR 63  63  63  TYR TYR A . n 
A 1 64  PHE 64  64  64  PHE PHE A . n 
A 1 65  LEU 65  65  65  LEU LEU A . n 
A 1 66  ILE 66  66  66  ILE ILE A . n 
A 1 67  ARG 67  67  67  ARG ARG A . n 
A 1 68  LYS 68  68  68  LYS LYS A . n 
A 1 69  ARG 69  69  69  ARG ARG A . n 
A 1 70  ILE 70  70  70  ILE ILE A . n 
A 1 71  HIS 71  71  71  HIS HIS A . n 
A 1 72  LEU 72  72  72  LEU LEU A . n 
A 1 73  ARG 73  73  73  ARG ARG A . n 
A 1 74  ALA 74  74  74  ALA ALA A . n 
A 1 75  GLU 75  75  75  GLU GLU A . n 
A 1 76  ASP 76  76  76  ASP ASP A . n 
A 1 77  ALA 77  77  77  ALA ALA A . n 
A 1 78  LEU 78  78  78  LEU LEU A . n 
A 1 79  PHE 79  79  79  PHE PHE A . n 
A 1 80  PHE 80  80  80  PHE PHE A . n 
A 1 81  PHE 81  81  81  PHE PHE A . n 
A 1 82  VAL 82  82  82  VAL VAL A . n 
A 1 83  ASN 83  83  83  ASN ASN A . n 
A 1 84  ASN 84  84  84  ASN ASN A . n 
A 1 85  VAL 85  85  85  VAL VAL A . n 
A 1 86  ILE 86  86  86  ILE ILE A . n 
A 1 87  PRO 87  87  87  PRO PRO A . n 
A 1 88  PRO 88  88  88  PRO PRO A . n 
A 1 89  THR 89  89  89  THR THR A . n 
A 1 90  SER 90  90  90  SER SER A . n 
A 1 91  ALA 91  91  91  ALA ALA A . n 
A 1 92  THR 92  92  92  THR THR A . n 
A 1 93  MET 93  93  93  MET MET A . n 
A 1 94  GLY 94  94  94  GLY GLY A . n 
A 1 95  GLN 95  95  95  GLN GLN A . n 
A 1 96  LEU 96  96  96  LEU LEU A . n 
A 1 97  TYR 97  97  97  TYR TYR A . n 
A 1 98  GLN 98  98  98  GLN GLN A . n 
A 1 99  GLU 99  99  99  GLU GLU A . n 
A 1 100 HIS 100 100 100 HIS HIS A . n 
A 1 101 HIS 101 101 101 HIS HIS A . n 
A 1 102 GLU 102 102 102 GLU GLU A . n 
A 1 103 GLU 103 103 103 GLU GLU A . n 
A 1 104 ASP 104 104 104 ASP ASP A . n 
A 1 105 PHE 105 105 105 PHE PHE A . n 
A 1 106 PHE 106 106 106 PHE PHE A . n 
A 1 107 LEU 107 107 107 LEU LEU A . n 
A 1 108 TYR 108 108 108 TYR TYR A . n 
A 1 109 ILE 109 109 109 ILE ILE A . n 
A 1 110 ALA 110 110 110 ALA ALA A . n 
A 1 111 TYR 111 111 111 TYR TYR A . n 
A 1 112 SER 112 112 112 SER SER A . n 
A 1 113 ASP 113 113 113 ASP ASP A . n 
A 1 114 GLU 114 114 114 GLU GLU A . n 
A 1 115 SER 115 115 115 SER SER A . n 
A 1 116 VAL 116 116 116 VAL VAL A . n 
A 1 117 TYR 117 117 117 TYR TYR A . n 
A 1 118 GLY 118 118 118 GLY GLY A . n 
A 1 119 LEU 119 119 119 LEU LEU A . n 
B 2 1   SER 1   1   ?   ?   ?   B . n 
B 2 2   LEU 2   2   ?   ?   ?   B . n 
B 2 3   GLU 3   3   ?   ?   ?   B . n 
B 2 4   ASP 4   4   ?   ?   ?   B . n 
B 2 5   ASP 5   5   5   ASP ASP B . n 
B 2 6   TRP 6   6   6   TRP TRP B . n 
B 2 7   ASP 7   7   7   ASP ASP B . n 
B 2 8   PHE 8   8   8   PHE PHE B . n 
B 2 9   LEU 9   9   9   LEU LEU B . n 
B 2 10  PRO 10  10  10  PRO PRO B . n 
B 2 11  PRO 11  11  11  PRO PRO B . n 
B 2 12  NH2 12  12  12  NH2 NH2 B . n 
# 
loop_
_pdbx_nonpoly_scheme.asym_id 
_pdbx_nonpoly_scheme.entity_id 
_pdbx_nonpoly_scheme.mon_id 
_pdbx_nonpoly_scheme.ndb_seq_num 
_pdbx_nonpoly_scheme.pdb_seq_num 
_pdbx_nonpoly_scheme.auth_seq_num 
_pdbx_nonpoly_scheme.pdb_mon_id 
_pdbx_nonpoly_scheme.auth_mon_id 
_pdbx_nonpoly_scheme.pdb_strand_id 
_pdbx_nonpoly_scheme.pdb_ins_code 
C 3 ZN  1  201 201 ZN  ZN  A . 
D 4 HOH 1  202 1   HOH HOH A . 
D 4 HOH 2  203 2   HOH HOH A . 
D 4 HOH 3  204 3   HOH HOH A . 
D 4 HOH 4  205 4   HOH HOH A . 
D 4 HOH 5  206 5   HOH HOH A . 
D 4 HOH 6  207 6   HOH HOH A . 
D 4 HOH 7  208 7   HOH HOH A . 
D 4 HOH 8  209 8   HOH HOH A . 
D 4 HOH 9  210 9   HOH HOH A . 
D 4 HOH 10 211 10  HOH HOH A . 
D 4 HOH 11 212 11  HOH HOH A . 
D 4 HOH 12 213 12  HOH HOH A . 
D 4 HOH 13 214 13  HOH HOH A . 
D 4 HOH 14 215 14  HOH HOH A . 
D 4 HOH 15 216 15  HOH HOH A . 
D 4 HOH 16 217 16  HOH HOH A . 
D 4 HOH 17 218 17  HOH HOH A . 
D 4 HOH 18 219 18  HOH HOH A . 
D 4 HOH 19 220 19  HOH HOH A . 
D 4 HOH 20 221 20  HOH HOH A . 
D 4 HOH 21 222 21  HOH HOH A . 
D 4 HOH 22 223 22  HOH HOH A . 
D 4 HOH 23 224 23  HOH HOH A . 
D 4 HOH 24 225 24  HOH HOH A . 
D 4 HOH 25 226 25  HOH HOH A . 
D 4 HOH 26 227 26  HOH HOH A . 
D 4 HOH 27 229 28  HOH HOH A . 
D 4 HOH 28 230 29  HOH HOH A . 
E 4 HOH 1  231 30  HOH HOH B . 
# 
loop_
_pdbx_unobs_or_zero_occ_atoms.id 
_pdbx_unobs_or_zero_occ_atoms.PDB_model_num 
_pdbx_unobs_or_zero_occ_atoms.polymer_flag 
_pdbx_unobs_or_zero_occ_atoms.occupancy_flag 
_pdbx_unobs_or_zero_occ_atoms.auth_asym_id 
_pdbx_unobs_or_zero_occ_atoms.auth_comp_id 
_pdbx_unobs_or_zero_occ_atoms.auth_seq_id 
_pdbx_unobs_or_zero_occ_atoms.PDB_ins_code 
_pdbx_unobs_or_zero_occ_atoms.auth_atom_id 
_pdbx_unobs_or_zero_occ_atoms.label_alt_id 
_pdbx_unobs_or_zero_occ_atoms.label_asym_id 
_pdbx_unobs_or_zero_occ_atoms.label_comp_id 
_pdbx_unobs_or_zero_occ_atoms.label_seq_id 
_pdbx_unobs_or_zero_occ_atoms.label_atom_id 
1  1 Y 1 A LYS 4  ? CG  ? A LYS 4  CG  
2  1 Y 1 A LYS 4  ? CD  ? A LYS 4  CD  
3  1 Y 1 A LYS 4  ? CE  ? A LYS 4  CE  
4  1 Y 1 A LYS 4  ? NZ  ? A LYS 4  NZ  
5  1 Y 1 A LYS 15 ? CG  ? A LYS 15 CG  
6  1 Y 1 A LYS 15 ? CD  ? A LYS 15 CD  
7  1 Y 1 A LYS 15 ? CE  ? A LYS 15 CE  
8  1 Y 1 A LYS 15 ? NZ  ? A LYS 15 NZ  
9  1 Y 1 A LYS 22 ? CG  ? A LYS 22 CG  
10 1 Y 1 A LYS 22 ? CD  ? A LYS 22 CD  
11 1 Y 1 A LYS 22 ? CE  ? A LYS 22 CE  
12 1 Y 1 A LYS 22 ? NZ  ? A LYS 22 NZ  
13 1 Y 1 A LYS 40 ? CE  ? A LYS 40 CE  
14 1 Y 1 A LYS 40 ? NZ  ? A LYS 40 NZ  
15 1 Y 1 A ASP 47 ? CG  ? A ASP 47 CG  
16 1 Y 1 A ASP 47 ? OD1 ? A ASP 47 OD1 
17 1 Y 1 A ASP 47 ? OD2 ? A ASP 47 OD2 
18 1 Y 1 A LYS 48 ? CG  ? A LYS 48 CG  
19 1 Y 1 A LYS 48 ? CD  ? A LYS 48 CD  
20 1 Y 1 A LYS 48 ? CE  ? A LYS 48 CE  
21 1 Y 1 A LYS 48 ? NZ  ? A LYS 48 NZ  
22 1 Y 1 A LYS 68 ? CG  ? A LYS 68 CG  
23 1 Y 1 A LYS 68 ? CD  ? A LYS 68 CD  
24 1 Y 1 A LYS 68 ? CE  ? A LYS 68 CE  
25 1 Y 1 A LYS 68 ? NZ  ? A LYS 68 NZ  
# 
loop_
_software.name 
_software.version 
_software.date 
_software.type 
_software.contact_author 
_software.contact_author_email 
_software.classification 
_software.location 
_software.language 
_software.citation_id 
_software.pdbx_ordinal 
MOSFLM      .       ?               package 'Andrew G.W. Leslie' andrew@mrc-lmb.cam.ac.uk 'data reduction'  
http://www.mrc-lmb.cam.ac.uk/harry/mosflm/ ?          ? 1 
SCALA       3.2.25  21/9/2006       other   'Phil R. Evans'      pre@mrc-lmb.cam.ac.uk    'data scaling'    
http://www.ccp4.ac.uk/dist/html/scala.html Fortran_77 ? 2 
PHENIX      .       ?               package 'Paul D. Adams'      PDAdams@lbl.gov          refinement        
http://www.phenix-online.org/              C++        ? 3 
PDB_EXTRACT 3.006   'June 11, 2008' package PDB                  help@deposit.rcsb.org    'data extraction' 
http://sw-tools.pdb.org/apps/PDB_EXTRACT/  C++        ? 4 
ADSC        Quantum ?               ?       ?                    ?                        'data collection' ? ?          ? 5 
MOLREP      .       ?               ?       ?                    ?                        phasing           ? ?          ? 6 
# 
_cell.entry_id           3DOW 
_cell.length_a           97.043 
_cell.length_b           97.043 
_cell.length_c           97.043 
_cell.angle_alpha        90.000 
_cell.angle_beta         90.000 
_cell.angle_gamma        90.000 
_cell.pdbx_unique_axis   ? 
_cell.Z_PDB              24 
_cell.length_a_esd       ? 
_cell.length_b_esd       ? 
_cell.length_c_esd       ? 
_cell.angle_alpha_esd    ? 
_cell.angle_beta_esd     ? 
_cell.angle_gamma_esd    ? 
# 
_symmetry.entry_id                         3DOW 
_symmetry.Int_Tables_number                197 
_symmetry.space_group_name_H-M             'I 2 3' 
_symmetry.pdbx_full_space_group_name_H-M   ? 
_symmetry.cell_setting                     ? 
_symmetry.space_group_name_Hall            ? 
# 
_exptl.crystals_number   1 
_exptl.entry_id          3DOW 
_exptl.method            'X-RAY DIFFRACTION' 
# 
_exptl_crystal.id                    1 
_exptl_crystal.density_Matthews      2.47 
_exptl_crystal.density_meas          ? 
_exptl_crystal.density_percent_sol   50.19 
_exptl_crystal.description           ? 
_exptl_crystal.F_000                 ? 
_exptl_crystal.preparation           ? 
# 
_exptl_crystal_grow.crystal_id      1 
_exptl_crystal_grow.method          'VAPOR DIFFUSION, HANGING DROP' 
_exptl_crystal_grow.pH              6.5 
_exptl_crystal_grow.temp            290 
_exptl_crystal_grow.temp_details    ? 
_exptl_crystal_grow.pdbx_details    
'0.1 M MES, 27% v/v PEG MME 550, 10 mM ZnSO4, pH 6.5, VAPOR DIFFUSION, HANGING DROP, temperature 290K' 
_exptl_crystal_grow.pdbx_pH_range   . 
# 
_diffrn.id                     1 
_diffrn.ambient_temp           100 
_diffrn.ambient_temp_details   ? 
_diffrn.crystal_id             1 
# 
_diffrn_detector.diffrn_id              1 
_diffrn_detector.detector               CCD 
_diffrn_detector.type                   'ADSC QUANTUM 4' 
_diffrn_detector.pdbx_collection_date   2007-12-14 
_diffrn_detector.details                Mirrors 
# 
_diffrn_radiation.diffrn_id                        1 
_diffrn_radiation.wavelength_id                    1 
_diffrn_radiation.pdbx_diffrn_protocol             'SINGLE WAVELENGTH' 
_diffrn_radiation.monochromator                    'diamond, germanium' 
_diffrn_radiation.pdbx_monochromatic_or_laue_m_l   M 
_diffrn_radiation.pdbx_scattering_type             x-ray 
# 
_diffrn_radiation_wavelength.id           1 
_diffrn_radiation_wavelength.wavelength   0.93400 
_diffrn_radiation_wavelength.wt           1.0 
# 
_diffrn_source.diffrn_id                   1 
_diffrn_source.source                      SYNCHROTRON 
_diffrn_source.type                        'ESRF BEAMLINE ID14-1' 
_diffrn_source.pdbx_wavelength             ? 
_diffrn_source.pdbx_wavelength_list        0.93400 
_diffrn_source.pdbx_synchrotron_site       ESRF 
_diffrn_source.pdbx_synchrotron_beamline   ID14-1 
# 
_reflns.entry_id                     3DOW 
_reflns.d_resolution_high            2.30 
_reflns.d_resolution_low             39.62 
_reflns.number_all                   6892 
_reflns.number_obs                   6892 
_reflns.pdbx_Rmerge_I_obs            0.052 
_reflns.pdbx_netI_over_sigmaI        11.1 
_reflns.pdbx_Rsym_value              0.052 
_reflns.pdbx_redundancy              6.8 
_reflns.percent_possible_obs         99.7 
_reflns.observed_criterion_sigma_F   ? 
_reflns.observed_criterion_sigma_I   0.0 
_reflns.B_iso_Wilson_estimate        45.0 
_reflns.R_free_details               ? 
_reflns.limit_h_max                  ? 
_reflns.limit_h_min                  ? 
_reflns.limit_k_max                  ? 
_reflns.limit_k_min                  ? 
_reflns.limit_l_max                  ? 
_reflns.limit_l_min                  ? 
_reflns.observed_criterion_F_max     ? 
_reflns.observed_criterion_F_min     ? 
_reflns.pdbx_chi_squared             ? 
_reflns.pdbx_scaling_rejects         ? 
_reflns.pdbx_diffrn_id               1 
_reflns.pdbx_ordinal                 1 
# 
_reflns_shell.d_res_high             2.30 
_reflns_shell.d_res_low              2.42 
_reflns_shell.number_measured_obs    ? 
_reflns_shell.number_measured_all    6540 
_reflns_shell.number_unique_obs      ? 
_reflns_shell.Rmerge_I_obs           0.399 
_reflns_shell.meanI_over_sigI_obs    1.9 
_reflns_shell.pdbx_Rsym_value        0.399 
_reflns_shell.pdbx_chi_squared       ? 
_reflns_shell.pdbx_redundancy        6.60 
_reflns_shell.percent_possible_obs   ? 
_reflns_shell.number_unique_all      985 
_reflns_shell.percent_possible_all   100.00 
_reflns_shell.pdbx_diffrn_id         ? 
_reflns_shell.pdbx_ordinal           1 
# 
_refine.entry_id                                 3DOW 
_refine.B_iso_mean                               45.275 
_refine.pdbx_method_to_determine_struct          'MOLECULAR REPLACEMENT' 
_refine.B_iso_max                                75.56 
_refine.B_iso_min                                27.30 
_refine.occupancy_max                            1.00 
_refine.occupancy_min                            1.00 
_refine.ls_d_res_high                            2.30 
_refine.ls_d_res_low                             34.31 
_refine.pdbx_ls_sigma_F                          0.0 
_refine.pdbx_ls_sigma_I                          ? 
_refine.ls_number_reflns_all                     6892 
_refine.ls_number_reflns_obs                     6892 
_refine.ls_number_reflns_R_free                  327 
_refine.ls_percent_reflns_obs                    99.7 
_refine.ls_R_factor_all                          0.233 
_refine.ls_R_factor_obs                          0.233 
_refine.ls_R_factor_R_work                       0.232 
_refine.ls_R_factor_R_free                       0.270 
_refine.ls_redundancy_reflns_obs                 ? 
_refine.pdbx_data_cutoff_high_absF               ? 
_refine.pdbx_data_cutoff_low_absF                ? 
_refine.ls_number_parameters                     ? 
_refine.ls_number_restraints                     ? 
_refine.ls_percent_reflns_R_free                 ? 
_refine.ls_R_factor_R_free_error                 ? 
_refine.ls_R_factor_R_free_error_details         ? 
_refine.pdbx_starting_model                      'PDB entry 1KJT' 
_refine.pdbx_ls_cross_valid_method               THROUGHOUT 
_refine.pdbx_R_Free_selection_details            RANDOM 
_refine.pdbx_stereochem_target_val_spec_case     ? 
_refine.pdbx_stereochemistry_target_values       'Engh & Huber' 
_refine.solvent_model_details                    ? 
_refine.solvent_model_param_bsol                 ? 
_refine.solvent_model_param_ksol                 ? 
_refine.pdbx_isotropic_thermal_model             ISOTROPIC 
_refine.aniso_B[1][1]                            0.0 
_refine.aniso_B[1][2]                            0.0 
_refine.aniso_B[1][3]                            0.0 
_refine.aniso_B[2][2]                            0.0 
_refine.aniso_B[2][3]                            0.0 
_refine.aniso_B[3][3]                            0.0 
_refine.details                                  ? 
_refine.correlation_coeff_Fo_to_Fc               ? 
_refine.correlation_coeff_Fo_to_Fc_free          ? 
_refine.pdbx_solvent_vdw_probe_radii             ? 
_refine.pdbx_solvent_ion_probe_radii             ? 
_refine.pdbx_solvent_shrinkage_radii             ? 
_refine.overall_SU_R_Cruickshank_DPI             ? 
_refine.overall_SU_R_free                        ? 
_refine.overall_SU_ML                            ? 
_refine.overall_SU_B                             ? 
_refine.pdbx_overall_ESU_R_Free                  ? 
_refine.pdbx_data_cutoff_high_rms_absF           ? 
_refine.pdbx_overall_ESU_R                       ? 
_refine.ls_wR_factor_R_free                      ? 
_refine.ls_wR_factor_R_work                      ? 
_refine.overall_FOM_free_R_set                   ? 
_refine.overall_FOM_work_R_set                   ? 
_refine.pdbx_overall_phase_error                 ? 
_refine.pdbx_refine_id                           'X-RAY DIFFRACTION' 
_refine.pdbx_diffrn_id                           1 
_refine.pdbx_TLS_residual_ADP_flag               ? 
_refine.pdbx_overall_SU_R_free_Cruickshank_DPI   ? 
_refine.pdbx_overall_SU_R_Blow_DPI               ? 
_refine.pdbx_overall_SU_R_free_Blow_DPI          ? 
# 
_refine_hist.pdbx_refine_id                   'X-RAY DIFFRACTION' 
_refine_hist.cycle_id                         LAST 
_refine_hist.pdbx_number_atoms_protein        1035 
_refine_hist.pdbx_number_atoms_nucleic_acid   0 
_refine_hist.pdbx_number_atoms_ligand         2 
_refine_hist.number_atoms_solvent             30 
_refine_hist.number_atoms_total               1067 
_refine_hist.d_res_high                       2.30 
_refine_hist.d_res_low                        34.31 
# 
loop_
_refine_ls_restr.type 
_refine_ls_restr.dev_ideal 
_refine_ls_restr.dev_ideal_target 
_refine_ls_restr.number 
_refine_ls_restr.weight 
_refine_ls_restr.pdbx_refine_id 
_refine_ls_restr.pdbx_restraint_function 
f_bond_d           0.003 ? ? ? 'X-RAY DIFFRACTION' ? 
f_angle_deg        0.62  ? ? ? 'X-RAY DIFFRACTION' ? 
f_dihedral_angle_d 16.5  ? ? ? 'X-RAY DIFFRACTION' ? 
# 
_struct.entry_id                  3DOW 
_struct.title                     
'Complex structure of GABA type A receptor associated protein and its binding epitope on calreticulin' 
_struct.pdbx_model_details        ? 
_struct.pdbx_CASP_flag            ? 
_struct.pdbx_model_type_details   ? 
# 
_struct_keywords.entry_id        3DOW 
_struct_keywords.pdbx_keywords   'PROTEIN TRANSPORT' 
_struct_keywords.text            
;alpha-beta, beta-grasp fold, Cytoplasm, Cytoskeleton, Golgi apparatus, Membrane, Microtubule, Protein transport, Transport, Calcium, Chaperone, Endoplasmic reticulum, Extracellular matrix, Lectin, Metal-binding, Secreted, Zinc
;
# 
loop_
_struct_asym.id 
_struct_asym.pdbx_blank_PDB_chainid_flag 
_struct_asym.pdbx_modified 
_struct_asym.entity_id 
_struct_asym.details 
A N N 1 ? 
B N N 2 ? 
C N N 3 ? 
D N N 4 ? 
E N N 4 ? 
# 
loop_
_struct_ref.id 
_struct_ref.db_name 
_struct_ref.db_code 
_struct_ref.pdbx_db_accession 
_struct_ref.entity_id 
_struct_ref.pdbx_seq_one_letter_code 
_struct_ref.pdbx_align_begin 
_struct_ref.pdbx_db_isoform 
1 UNP GBRAP_HUMAN O95166 1 
;MKFVYKEEHPFEKRRSEGEKIRKKYPDRVPVIVEKAPKARIGDLDKKKYLVPSDLTVGQFYFLIRKRIHLRAEDALFFFV
NNVIPPTSATMGQLYQEHHEEDFFLYIAYSDESVYGL
;
1   ? 
2 UNP CALR_HUMAN  P27797 2 SLEDDWDFLPP 195 ? 
# 
loop_
_struct_ref_seq.align_id 
_struct_ref_seq.ref_id 
_struct_ref_seq.pdbx_PDB_id_code 
_struct_ref_seq.pdbx_strand_id 
_struct_ref_seq.seq_align_beg 
_struct_ref_seq.pdbx_seq_align_beg_ins_code 
_struct_ref_seq.seq_align_end 
_struct_ref_seq.pdbx_seq_align_end_ins_code 
_struct_ref_seq.pdbx_db_accession 
_struct_ref_seq.db_align_beg 
_struct_ref_seq.pdbx_db_align_beg_ins_code 
_struct_ref_seq.db_align_end 
_struct_ref_seq.pdbx_db_align_end_ins_code 
_struct_ref_seq.pdbx_auth_seq_align_beg 
_struct_ref_seq.pdbx_auth_seq_align_end 
1 1 3DOW A 3 ? 119 ? O95166 1   ? 117 ? 3 119 
2 2 3DOW B 1 ? 11  ? P27797 195 ? 205 ? 1 11  
# 
loop_
_struct_ref_seq_dif.align_id 
_struct_ref_seq_dif.pdbx_pdb_id_code 
_struct_ref_seq_dif.mon_id 
_struct_ref_seq_dif.pdbx_pdb_strand_id 
_struct_ref_seq_dif.seq_num 
_struct_ref_seq_dif.pdbx_pdb_ins_code 
_struct_ref_seq_dif.pdbx_seq_db_name 
_struct_ref_seq_dif.pdbx_seq_db_accession_code 
_struct_ref_seq_dif.db_mon_id 
_struct_ref_seq_dif.pdbx_seq_db_seq_num 
_struct_ref_seq_dif.details 
_struct_ref_seq_dif.pdbx_auth_seq_num 
_struct_ref_seq_dif.pdbx_ordinal 
1 3DOW GLY A 1 ? UNP O95166 ? ? 'expression tag' 1 1 
1 3DOW SER A 2 ? UNP O95166 ? ? 'expression tag' 2 2 
# 
_pdbx_struct_assembly.id                   1 
_pdbx_struct_assembly.details              software_defined_assembly 
_pdbx_struct_assembly.method_details       PISA 
_pdbx_struct_assembly.oligomeric_details   dimeric 
_pdbx_struct_assembly.oligomeric_count     2 
# 
loop_
_pdbx_struct_assembly_prop.biol_id 
_pdbx_struct_assembly_prop.type 
_pdbx_struct_assembly_prop.value 
_pdbx_struct_assembly_prop.details 
1 'ABSA (A^2)' 1110 ? 
1 MORE         -5.7 ? 
1 'SSA (A^2)'  6910 ? 
# 
_pdbx_struct_assembly_gen.assembly_id       1 
_pdbx_struct_assembly_gen.oper_expression   1 
_pdbx_struct_assembly_gen.asym_id_list      A,B,C,D,E 
# 
_pdbx_struct_oper_list.id                   1 
_pdbx_struct_oper_list.type                 'identity operation' 
_pdbx_struct_oper_list.name                 1_555 
_pdbx_struct_oper_list.symmetry_operation   x,y,z 
_pdbx_struct_oper_list.matrix[1][1]         1.0000000000 
_pdbx_struct_oper_list.matrix[1][2]         0.0000000000 
_pdbx_struct_oper_list.matrix[1][3]         0.0000000000 
_pdbx_struct_oper_list.vector[1]            0.0000000000 
_pdbx_struct_oper_list.matrix[2][1]         0.0000000000 
_pdbx_struct_oper_list.matrix[2][2]         1.0000000000 
_pdbx_struct_oper_list.matrix[2][3]         0.0000000000 
_pdbx_struct_oper_list.vector[2]            0.0000000000 
_pdbx_struct_oper_list.matrix[3][1]         0.0000000000 
_pdbx_struct_oper_list.matrix[3][2]         0.0000000000 
_pdbx_struct_oper_list.matrix[3][3]         1.0000000000 
_pdbx_struct_oper_list.vector[3]            0.0000000000 
# 
_struct_biol.id        1 
_struct_biol.details   'The predicted biological unit contains one copy of the monomeric GABARAP-CRT peptide complex.' 
# 
loop_
_struct_conf.conf_type_id 
_struct_conf.id 
_struct_conf.pdbx_PDB_helix_id 
_struct_conf.beg_label_comp_id 
_struct_conf.beg_label_asym_id 
_struct_conf.beg_label_seq_id 
_struct_conf.pdbx_beg_PDB_ins_code 
_struct_conf.end_label_comp_id 
_struct_conf.end_label_asym_id 
_struct_conf.end_label_seq_id 
_struct_conf.pdbx_end_PDB_ins_code 
_struct_conf.beg_auth_comp_id 
_struct_conf.beg_auth_asym_id 
_struct_conf.beg_auth_seq_id 
_struct_conf.end_auth_comp_id 
_struct_conf.end_auth_asym_id 
_struct_conf.end_auth_seq_id 
_struct_conf.pdbx_PDB_helix_class 
_struct_conf.details 
_struct_conf.pdbx_PDB_helix_length 
HELX_P HELX_P1 1 PHE A 5  ? HIS A 11  ? PHE A 5  HIS A 11  1 ? 7  
HELX_P HELX_P2 2 PRO A 12 ? TYR A 27  ? PRO A 12 TYR A 27  1 ? 16 
HELX_P HELX_P3 3 THR A 58 ? HIS A 71  ? THR A 58 HIS A 71  1 ? 14 
HELX_P HELX_P4 4 THR A 92 ? HIS A 101 ? THR A 92 HIS A 101 1 ? 10 
# 
_struct_conf_type.id          HELX_P 
_struct_conf_type.criteria    ? 
_struct_conf_type.reference   ? 
# 
loop_
_struct_conn.id 
_struct_conn.conn_type_id 
_struct_conn.pdbx_leaving_atom_flag 
_struct_conn.pdbx_PDB_id 
_struct_conn.ptnr1_label_asym_id 
_struct_conn.ptnr1_label_comp_id 
_struct_conn.ptnr1_label_seq_id 
_struct_conn.ptnr1_label_atom_id 
_struct_conn.pdbx_ptnr1_label_alt_id 
_struct_conn.pdbx_ptnr1_PDB_ins_code 
_struct_conn.pdbx_ptnr1_standard_comp_id 
_struct_conn.ptnr1_symmetry 
_struct_conn.ptnr2_label_asym_id 
_struct_conn.ptnr2_label_comp_id 
_struct_conn.ptnr2_label_seq_id 
_struct_conn.ptnr2_label_atom_id 
_struct_conn.pdbx_ptnr2_label_alt_id 
_struct_conn.pdbx_ptnr2_PDB_ins_code 
_struct_conn.ptnr1_auth_asym_id 
_struct_conn.ptnr1_auth_comp_id 
_struct_conn.ptnr1_auth_seq_id 
_struct_conn.ptnr2_auth_asym_id 
_struct_conn.ptnr2_auth_comp_id 
_struct_conn.ptnr2_auth_seq_id 
_struct_conn.ptnr2_symmetry 
_struct_conn.pdbx_ptnr3_label_atom_id 
_struct_conn.pdbx_ptnr3_label_seq_id 
_struct_conn.pdbx_ptnr3_label_comp_id 
_struct_conn.pdbx_ptnr3_label_asym_id 
_struct_conn.pdbx_ptnr3_label_alt_id 
_struct_conn.pdbx_ptnr3_PDB_ins_code 
_struct_conn.details 
_struct_conn.pdbx_dist_value 
_struct_conn.pdbx_value_order 
_struct_conn.pdbx_role 
covale1 covale both ? B PRO 11  C   ? ? ? 1_555 B NH2 12 N  ? ? B PRO 11  B NH2 12  1_555 ? ? ? ? ? ? ? 1.332 ? ? 
metalc1 metalc ?    ? A HIS 101 NE2 ? ? ? 1_555 C ZN  .  ZN ? ? A HIS 101 A ZN  201 1_555 ? ? ? ? ? ? ? 2.209 ? ? 
metalc2 metalc ?    ? A GLU 103 OE1 ? ? ? 1_555 C ZN  .  ZN ? ? A GLU 103 A ZN  201 1_555 ? ? ? ? ? ? ? 2.326 ? ? 
# 
loop_
_struct_conn_type.id 
_struct_conn_type.criteria 
_struct_conn_type.reference 
covale ? ? 
metalc ? ? 
# 
_pdbx_struct_conn_angle.id                    1 
_pdbx_struct_conn_angle.ptnr1_label_atom_id   NE2 
_pdbx_struct_conn_angle.ptnr1_label_alt_id    ? 
_pdbx_struct_conn_angle.ptnr1_label_asym_id   A 
_pdbx_struct_conn_angle.ptnr1_label_comp_id   HIS 
_pdbx_struct_conn_angle.ptnr1_label_seq_id    101 
_pdbx_struct_conn_angle.ptnr1_auth_atom_id    ? 
_pdbx_struct_conn_angle.ptnr1_auth_asym_id    A 
_pdbx_struct_conn_angle.ptnr1_auth_comp_id    HIS 
_pdbx_struct_conn_angle.ptnr1_auth_seq_id     101 
_pdbx_struct_conn_angle.ptnr1_PDB_ins_code    ? 
_pdbx_struct_conn_angle.ptnr1_symmetry        1_555 
_pdbx_struct_conn_angle.ptnr2_label_atom_id   ZN 
_pdbx_struct_conn_angle.ptnr2_label_alt_id    ? 
_pdbx_struct_conn_angle.ptnr2_label_asym_id   C 
_pdbx_struct_conn_angle.ptnr2_label_comp_id   ZN 
_pdbx_struct_conn_angle.ptnr2_label_seq_id    . 
_pdbx_struct_conn_angle.ptnr2_auth_atom_id    ? 
_pdbx_struct_conn_angle.ptnr2_auth_asym_id    A 
_pdbx_struct_conn_angle.ptnr2_auth_comp_id    ZN 
_pdbx_struct_conn_angle.ptnr2_auth_seq_id     201 
_pdbx_struct_conn_angle.ptnr2_PDB_ins_code    ? 
_pdbx_struct_conn_angle.ptnr2_symmetry        1_555 
_pdbx_struct_conn_angle.ptnr3_label_atom_id   OE1 
_pdbx_struct_conn_angle.ptnr3_label_alt_id    ? 
_pdbx_struct_conn_angle.ptnr3_label_asym_id   A 
_pdbx_struct_conn_angle.ptnr3_label_comp_id   GLU 
_pdbx_struct_conn_angle.ptnr3_label_seq_id    103 
_pdbx_struct_conn_angle.ptnr3_auth_atom_id    ? 
_pdbx_struct_conn_angle.ptnr3_auth_asym_id    A 
_pdbx_struct_conn_angle.ptnr3_auth_comp_id    GLU 
_pdbx_struct_conn_angle.ptnr3_auth_seq_id     103 
_pdbx_struct_conn_angle.ptnr3_PDB_ins_code    ? 
_pdbx_struct_conn_angle.ptnr3_symmetry        1_555 
_pdbx_struct_conn_angle.value                 123.3 
_pdbx_struct_conn_angle.value_esd             ? 
# 
_pdbx_modification_feature.ordinal                            1 
_pdbx_modification_feature.label_comp_id                      NH2 
_pdbx_modification_feature.label_asym_id                      B 
_pdbx_modification_feature.label_seq_id                       12 
_pdbx_modification_feature.label_alt_id                       ? 
_pdbx_modification_feature.modified_residue_label_comp_id     PRO 
_pdbx_modification_feature.modified_residue_label_asym_id     B 
_pdbx_modification_feature.modified_residue_label_seq_id      11 
_pdbx_modification_feature.modified_residue_label_alt_id      ? 
_pdbx_modification_feature.auth_comp_id                       NH2 
_pdbx_modification_feature.auth_asym_id                       B 
_pdbx_modification_feature.auth_seq_id                        12 
_pdbx_modification_feature.PDB_ins_code                       ? 
_pdbx_modification_feature.symmetry                           1_555 
_pdbx_modification_feature.modified_residue_auth_comp_id      PRO 
_pdbx_modification_feature.modified_residue_auth_asym_id      B 
_pdbx_modification_feature.modified_residue_auth_seq_id       11 
_pdbx_modification_feature.modified_residue_PDB_ins_code      ? 
_pdbx_modification_feature.modified_residue_symmetry          1_555 
_pdbx_modification_feature.comp_id_linking_atom               . 
_pdbx_modification_feature.modified_residue_id_linking_atom   . 
_pdbx_modification_feature.modified_residue_id                PRO 
_pdbx_modification_feature.ref_pcm_id                         13 
_pdbx_modification_feature.ref_comp_id                        NH2 
_pdbx_modification_feature.type                               None 
_pdbx_modification_feature.category                           'Terminal amidation' 
# 
_struct_mon_prot_cis.pdbx_id                1 
_struct_mon_prot_cis.label_comp_id          LEU 
_struct_mon_prot_cis.label_seq_id           9 
_struct_mon_prot_cis.label_asym_id          B 
_struct_mon_prot_cis.label_alt_id           . 
_struct_mon_prot_cis.pdbx_PDB_ins_code      ? 
_struct_mon_prot_cis.auth_comp_id           LEU 
_struct_mon_prot_cis.auth_seq_id            9 
_struct_mon_prot_cis.auth_asym_id           B 
_struct_mon_prot_cis.pdbx_label_comp_id_2   PRO 
_struct_mon_prot_cis.pdbx_label_seq_id_2    10 
_struct_mon_prot_cis.pdbx_label_asym_id_2   B 
_struct_mon_prot_cis.pdbx_PDB_ins_code_2    ? 
_struct_mon_prot_cis.pdbx_auth_comp_id_2    PRO 
_struct_mon_prot_cis.pdbx_auth_seq_id_2     10 
_struct_mon_prot_cis.pdbx_auth_asym_id_2    B 
_struct_mon_prot_cis.pdbx_PDB_model_num     1 
_struct_mon_prot_cis.pdbx_omega_angle       -2.42 
# 
_struct_sheet.id               A 
_struct_sheet.type             ? 
_struct_sheet.number_strands   5 
_struct_sheet.details          ? 
# 
loop_
_struct_sheet_order.sheet_id 
_struct_sheet_order.range_id_1 
_struct_sheet_order.range_id_2 
_struct_sheet_order.offset 
_struct_sheet_order.sense 
A 1 2 ? anti-parallel 
A 2 3 ? parallel      
A 3 4 ? anti-parallel 
A 4 5 ? parallel      
# 
loop_
_struct_sheet_range.sheet_id 
_struct_sheet_range.id 
_struct_sheet_range.beg_label_comp_id 
_struct_sheet_range.beg_label_asym_id 
_struct_sheet_range.beg_label_seq_id 
_struct_sheet_range.pdbx_beg_PDB_ins_code 
_struct_sheet_range.end_label_comp_id 
_struct_sheet_range.end_label_asym_id 
_struct_sheet_range.end_label_seq_id 
_struct_sheet_range.pdbx_end_PDB_ins_code 
_struct_sheet_range.beg_auth_comp_id 
_struct_sheet_range.beg_auth_asym_id 
_struct_sheet_range.beg_auth_seq_id 
_struct_sheet_range.end_auth_comp_id 
_struct_sheet_range.end_auth_asym_id 
_struct_sheet_range.end_auth_seq_id 
A 1 PHE A 79  ? PHE A 81  ? PHE A 79  PHE A 81  
A 2 LEU A 107 ? SER A 112 ? LEU A 107 SER A 112 
A 3 ARG A 30  ? LYS A 37  ? ARG A 30  LYS A 37  
A 4 LYS A 50  ? PRO A 54  ? LYS A 50  PRO A 54  
A 5 ASP B 7   ? PHE B 8   ? ASP B 7   PHE B 8   
# 
loop_
_pdbx_struct_sheet_hbond.sheet_id 
_pdbx_struct_sheet_hbond.range_id_1 
_pdbx_struct_sheet_hbond.range_id_2 
_pdbx_struct_sheet_hbond.range_1_label_atom_id 
_pdbx_struct_sheet_hbond.range_1_label_comp_id 
_pdbx_struct_sheet_hbond.range_1_label_asym_id 
_pdbx_struct_sheet_hbond.range_1_label_seq_id 
_pdbx_struct_sheet_hbond.range_1_PDB_ins_code 
_pdbx_struct_sheet_hbond.range_1_auth_atom_id 
_pdbx_struct_sheet_hbond.range_1_auth_comp_id 
_pdbx_struct_sheet_hbond.range_1_auth_asym_id 
_pdbx_struct_sheet_hbond.range_1_auth_seq_id 
_pdbx_struct_sheet_hbond.range_2_label_atom_id 
_pdbx_struct_sheet_hbond.range_2_label_comp_id 
_pdbx_struct_sheet_hbond.range_2_label_asym_id 
_pdbx_struct_sheet_hbond.range_2_label_seq_id 
_pdbx_struct_sheet_hbond.range_2_PDB_ins_code 
_pdbx_struct_sheet_hbond.range_2_auth_atom_id 
_pdbx_struct_sheet_hbond.range_2_auth_comp_id 
_pdbx_struct_sheet_hbond.range_2_auth_asym_id 
_pdbx_struct_sheet_hbond.range_2_auth_seq_id 
A 1 2 N PHE A 79  ? N PHE A 79  O SER A 112 ? O SER A 112 
A 2 3 O LEU A 107 ? O LEU A 107 N ILE A 34  ? N ILE A 34  
A 3 4 N VAL A 31  ? N VAL A 31  O VAL A 53  ? O VAL A 53  
A 4 5 N LYS A 50  ? N LYS A 50  O ASP B 7   ? O ASP B 7   
# 
_struct_site.id                   AC1 
_struct_site.pdbx_evidence_code   Software 
_struct_site.pdbx_auth_asym_id    A 
_struct_site.pdbx_auth_comp_id    ZN 
_struct_site.pdbx_auth_seq_id     201 
_struct_site.pdbx_auth_ins_code   ? 
_struct_site.pdbx_num_residues    4 
_struct_site.details              'BINDING SITE FOR RESIDUE ZN A 201' 
# 
loop_
_struct_site_gen.id 
_struct_site_gen.site_id 
_struct_site_gen.pdbx_num_res 
_struct_site_gen.label_comp_id 
_struct_site_gen.label_asym_id 
_struct_site_gen.label_seq_id 
_struct_site_gen.pdbx_auth_ins_code 
_struct_site_gen.auth_comp_id 
_struct_site_gen.auth_asym_id 
_struct_site_gen.auth_seq_id 
_struct_site_gen.label_atom_id 
_struct_site_gen.label_alt_id 
_struct_site_gen.symmetry 
_struct_site_gen.details 
1 AC1 4 HIS A 71  ? HIS A 71  . ? 18_455 ? 
2 AC1 4 HIS A 101 ? HIS A 101 . ? 1_555  ? 
3 AC1 4 GLU A 103 ? GLU A 103 . ? 1_555  ? 
4 AC1 4 GLU A 114 ? GLU A 114 . ? 23_455 ? 
# 
_pdbx_entry_details.entry_id                   3DOW 
_pdbx_entry_details.compound_details           ? 
_pdbx_entry_details.source_details             ? 
_pdbx_entry_details.nonpolymer_details         ? 
_pdbx_entry_details.sequence_details           ? 
_pdbx_entry_details.has_ligand_of_interest     ? 
_pdbx_entry_details.has_protein_modification   Y 
# 
loop_
_pdbx_validate_torsion.id 
_pdbx_validate_torsion.PDB_model_num 
_pdbx_validate_torsion.auth_comp_id 
_pdbx_validate_torsion.auth_asym_id 
_pdbx_validate_torsion.auth_seq_id 
_pdbx_validate_torsion.PDB_ins_code 
_pdbx_validate_torsion.label_alt_id 
_pdbx_validate_torsion.phi 
_pdbx_validate_torsion.psi 
1 1 MET A 3  ? ? -49.45 105.14 
2 1 HIS A 71 ? ? 52.26  98.45  
# 
loop_
_pdbx_unobs_or_zero_occ_residues.id 
_pdbx_unobs_or_zero_occ_residues.PDB_model_num 
_pdbx_unobs_or_zero_occ_residues.polymer_flag 
_pdbx_unobs_or_zero_occ_residues.occupancy_flag 
_pdbx_unobs_or_zero_occ_residues.auth_asym_id 
_pdbx_unobs_or_zero_occ_residues.auth_comp_id 
_pdbx_unobs_or_zero_occ_residues.auth_seq_id 
_pdbx_unobs_or_zero_occ_residues.PDB_ins_code 
_pdbx_unobs_or_zero_occ_residues.label_asym_id 
_pdbx_unobs_or_zero_occ_residues.label_comp_id 
_pdbx_unobs_or_zero_occ_residues.label_seq_id 
1 1 Y 1 B SER 1 ? B SER 1 
2 1 Y 1 B LEU 2 ? B LEU 2 
3 1 Y 1 B GLU 3 ? B GLU 3 
4 1 Y 1 B ASP 4 ? B ASP 4 
# 
loop_
_chem_comp_atom.comp_id 
_chem_comp_atom.atom_id 
_chem_comp_atom.type_symbol 
_chem_comp_atom.pdbx_aromatic_flag 
_chem_comp_atom.pdbx_stereo_config 
_chem_comp_atom.pdbx_ordinal 
ALA N    N  N N 1   
ALA CA   C  N S 2   
ALA C    C  N N 3   
ALA O    O  N N 4   
ALA CB   C  N N 5   
ALA OXT  O  N N 6   
ALA H    H  N N 7   
ALA H2   H  N N 8   
ALA HA   H  N N 9   
ALA HB1  H  N N 10  
ALA HB2  H  N N 11  
ALA HB3  H  N N 12  
ALA HXT  H  N N 13  
ARG N    N  N N 14  
ARG CA   C  N S 15  
ARG C    C  N N 16  
ARG O    O  N N 17  
ARG CB   C  N N 18  
ARG CG   C  N N 19  
ARG CD   C  N N 20  
ARG NE   N  N N 21  
ARG CZ   C  N N 22  
ARG NH1  N  N N 23  
ARG NH2  N  N N 24  
ARG OXT  O  N N 25  
ARG H    H  N N 26  
ARG H2   H  N N 27  
ARG HA   H  N N 28  
ARG HB2  H  N N 29  
ARG HB3  H  N N 30  
ARG HG2  H  N N 31  
ARG HG3  H  N N 32  
ARG HD2  H  N N 33  
ARG HD3  H  N N 34  
ARG HE   H  N N 35  
ARG HH11 H  N N 36  
ARG HH12 H  N N 37  
ARG HH21 H  N N 38  
ARG HH22 H  N N 39  
ARG HXT  H  N N 40  
ASN N    N  N N 41  
ASN CA   C  N S 42  
ASN C    C  N N 43  
ASN O    O  N N 44  
ASN CB   C  N N 45  
ASN CG   C  N N 46  
ASN OD1  O  N N 47  
ASN ND2  N  N N 48  
ASN OXT  O  N N 49  
ASN H    H  N N 50  
ASN H2   H  N N 51  
ASN HA   H  N N 52  
ASN HB2  H  N N 53  
ASN HB3  H  N N 54  
ASN HD21 H  N N 55  
ASN HD22 H  N N 56  
ASN HXT  H  N N 57  
ASP N    N  N N 58  
ASP CA   C  N S 59  
ASP C    C  N N 60  
ASP O    O  N N 61  
ASP CB   C  N N 62  
ASP CG   C  N N 63  
ASP OD1  O  N N 64  
ASP OD2  O  N N 65  
ASP OXT  O  N N 66  
ASP H    H  N N 67  
ASP H2   H  N N 68  
ASP HA   H  N N 69  
ASP HB2  H  N N 70  
ASP HB3  H  N N 71  
ASP HD2  H  N N 72  
ASP HXT  H  N N 73  
GLN N    N  N N 74  
GLN CA   C  N S 75  
GLN C    C  N N 76  
GLN O    O  N N 77  
GLN CB   C  N N 78  
GLN CG   C  N N 79  
GLN CD   C  N N 80  
GLN OE1  O  N N 81  
GLN NE2  N  N N 82  
GLN OXT  O  N N 83  
GLN H    H  N N 84  
GLN H2   H  N N 85  
GLN HA   H  N N 86  
GLN HB2  H  N N 87  
GLN HB3  H  N N 88  
GLN HG2  H  N N 89  
GLN HG3  H  N N 90  
GLN HE21 H  N N 91  
GLN HE22 H  N N 92  
GLN HXT  H  N N 93  
GLU N    N  N N 94  
GLU CA   C  N S 95  
GLU C    C  N N 96  
GLU O    O  N N 97  
GLU CB   C  N N 98  
GLU CG   C  N N 99  
GLU CD   C  N N 100 
GLU OE1  O  N N 101 
GLU OE2  O  N N 102 
GLU OXT  O  N N 103 
GLU H    H  N N 104 
GLU H2   H  N N 105 
GLU HA   H  N N 106 
GLU HB2  H  N N 107 
GLU HB3  H  N N 108 
GLU HG2  H  N N 109 
GLU HG3  H  N N 110 
GLU HE2  H  N N 111 
GLU HXT  H  N N 112 
GLY N    N  N N 113 
GLY CA   C  N N 114 
GLY C    C  N N 115 
GLY O    O  N N 116 
GLY OXT  O  N N 117 
GLY H    H  N N 118 
GLY H2   H  N N 119 
GLY HA2  H  N N 120 
GLY HA3  H  N N 121 
GLY HXT  H  N N 122 
HIS N    N  N N 123 
HIS CA   C  N S 124 
HIS C    C  N N 125 
HIS O    O  N N 126 
HIS CB   C  N N 127 
HIS CG   C  Y N 128 
HIS ND1  N  Y N 129 
HIS CD2  C  Y N 130 
HIS CE1  C  Y N 131 
HIS NE2  N  Y N 132 
HIS OXT  O  N N 133 
HIS H    H  N N 134 
HIS H2   H  N N 135 
HIS HA   H  N N 136 
HIS HB2  H  N N 137 
HIS HB3  H  N N 138 
HIS HD1  H  N N 139 
HIS HD2  H  N N 140 
HIS HE1  H  N N 141 
HIS HE2  H  N N 142 
HIS HXT  H  N N 143 
HOH O    O  N N 144 
HOH H1   H  N N 145 
HOH H2   H  N N 146 
ILE N    N  N N 147 
ILE CA   C  N S 148 
ILE C    C  N N 149 
ILE O    O  N N 150 
ILE CB   C  N S 151 
ILE CG1  C  N N 152 
ILE CG2  C  N N 153 
ILE CD1  C  N N 154 
ILE OXT  O  N N 155 
ILE H    H  N N 156 
ILE H2   H  N N 157 
ILE HA   H  N N 158 
ILE HB   H  N N 159 
ILE HG12 H  N N 160 
ILE HG13 H  N N 161 
ILE HG21 H  N N 162 
ILE HG22 H  N N 163 
ILE HG23 H  N N 164 
ILE HD11 H  N N 165 
ILE HD12 H  N N 166 
ILE HD13 H  N N 167 
ILE HXT  H  N N 168 
LEU N    N  N N 169 
LEU CA   C  N S 170 
LEU C    C  N N 171 
LEU O    O  N N 172 
LEU CB   C  N N 173 
LEU CG   C  N N 174 
LEU CD1  C  N N 175 
LEU CD2  C  N N 176 
LEU OXT  O  N N 177 
LEU H    H  N N 178 
LEU H2   H  N N 179 
LEU HA   H  N N 180 
LEU HB2  H  N N 181 
LEU HB3  H  N N 182 
LEU HG   H  N N 183 
LEU HD11 H  N N 184 
LEU HD12 H  N N 185 
LEU HD13 H  N N 186 
LEU HD21 H  N N 187 
LEU HD22 H  N N 188 
LEU HD23 H  N N 189 
LEU HXT  H  N N 190 
LYS N    N  N N 191 
LYS CA   C  N S 192 
LYS C    C  N N 193 
LYS O    O  N N 194 
LYS CB   C  N N 195 
LYS CG   C  N N 196 
LYS CD   C  N N 197 
LYS CE   C  N N 198 
LYS NZ   N  N N 199 
LYS OXT  O  N N 200 
LYS H    H  N N 201 
LYS H2   H  N N 202 
LYS HA   H  N N 203 
LYS HB2  H  N N 204 
LYS HB3  H  N N 205 
LYS HG2  H  N N 206 
LYS HG3  H  N N 207 
LYS HD2  H  N N 208 
LYS HD3  H  N N 209 
LYS HE2  H  N N 210 
LYS HE3  H  N N 211 
LYS HZ1  H  N N 212 
LYS HZ2  H  N N 213 
LYS HZ3  H  N N 214 
LYS HXT  H  N N 215 
MET N    N  N N 216 
MET CA   C  N S 217 
MET C    C  N N 218 
MET O    O  N N 219 
MET CB   C  N N 220 
MET CG   C  N N 221 
MET SD   S  N N 222 
MET CE   C  N N 223 
MET OXT  O  N N 224 
MET H    H  N N 225 
MET H2   H  N N 226 
MET HA   H  N N 227 
MET HB2  H  N N 228 
MET HB3  H  N N 229 
MET HG2  H  N N 230 
MET HG3  H  N N 231 
MET HE1  H  N N 232 
MET HE2  H  N N 233 
MET HE3  H  N N 234 
MET HXT  H  N N 235 
NH2 N    N  N N 236 
NH2 HN1  H  N N 237 
NH2 HN2  H  N N 238 
PHE N    N  N N 239 
PHE CA   C  N S 240 
PHE C    C  N N 241 
PHE O    O  N N 242 
PHE CB   C  N N 243 
PHE CG   C  Y N 244 
PHE CD1  C  Y N 245 
PHE CD2  C  Y N 246 
PHE CE1  C  Y N 247 
PHE CE2  C  Y N 248 
PHE CZ   C  Y N 249 
PHE OXT  O  N N 250 
PHE H    H  N N 251 
PHE H2   H  N N 252 
PHE HA   H  N N 253 
PHE HB2  H  N N 254 
PHE HB3  H  N N 255 
PHE HD1  H  N N 256 
PHE HD2  H  N N 257 
PHE HE1  H  N N 258 
PHE HE2  H  N N 259 
PHE HZ   H  N N 260 
PHE HXT  H  N N 261 
PRO N    N  N N 262 
PRO CA   C  N S 263 
PRO C    C  N N 264 
PRO O    O  N N 265 
PRO CB   C  N N 266 
PRO CG   C  N N 267 
PRO CD   C  N N 268 
PRO OXT  O  N N 269 
PRO H    H  N N 270 
PRO HA   H  N N 271 
PRO HB2  H  N N 272 
PRO HB3  H  N N 273 
PRO HG2  H  N N 274 
PRO HG3  H  N N 275 
PRO HD2  H  N N 276 
PRO HD3  H  N N 277 
PRO HXT  H  N N 278 
SER N    N  N N 279 
SER CA   C  N S 280 
SER C    C  N N 281 
SER O    O  N N 282 
SER CB   C  N N 283 
SER OG   O  N N 284 
SER OXT  O  N N 285 
SER H    H  N N 286 
SER H2   H  N N 287 
SER HA   H  N N 288 
SER HB2  H  N N 289 
SER HB3  H  N N 290 
SER HG   H  N N 291 
SER HXT  H  N N 292 
THR N    N  N N 293 
THR CA   C  N S 294 
THR C    C  N N 295 
THR O    O  N N 296 
THR CB   C  N R 297 
THR OG1  O  N N 298 
THR CG2  C  N N 299 
THR OXT  O  N N 300 
THR H    H  N N 301 
THR H2   H  N N 302 
THR HA   H  N N 303 
THR HB   H  N N 304 
THR HG1  H  N N 305 
THR HG21 H  N N 306 
THR HG22 H  N N 307 
THR HG23 H  N N 308 
THR HXT  H  N N 309 
TRP N    N  N N 310 
TRP CA   C  N S 311 
TRP C    C  N N 312 
TRP O    O  N N 313 
TRP CB   C  N N 314 
TRP CG   C  Y N 315 
TRP CD1  C  Y N 316 
TRP CD2  C  Y N 317 
TRP NE1  N  Y N 318 
TRP CE2  C  Y N 319 
TRP CE3  C  Y N 320 
TRP CZ2  C  Y N 321 
TRP CZ3  C  Y N 322 
TRP CH2  C  Y N 323 
TRP OXT  O  N N 324 
TRP H    H  N N 325 
TRP H2   H  N N 326 
TRP HA   H  N N 327 
TRP HB2  H  N N 328 
TRP HB3  H  N N 329 
TRP HD1  H  N N 330 
TRP HE1  H  N N 331 
TRP HE3  H  N N 332 
TRP HZ2  H  N N 333 
TRP HZ3  H  N N 334 
TRP HH2  H  N N 335 
TRP HXT  H  N N 336 
TYR N    N  N N 337 
TYR CA   C  N S 338 
TYR C    C  N N 339 
TYR O    O  N N 340 
TYR CB   C  N N 341 
TYR CG   C  Y N 342 
TYR CD1  C  Y N 343 
TYR CD2  C  Y N 344 
TYR CE1  C  Y N 345 
TYR CE2  C  Y N 346 
TYR CZ   C  Y N 347 
TYR OH   O  N N 348 
TYR OXT  O  N N 349 
TYR H    H  N N 350 
TYR H2   H  N N 351 
TYR HA   H  N N 352 
TYR HB2  H  N N 353 
TYR HB3  H  N N 354 
TYR HD1  H  N N 355 
TYR HD2  H  N N 356 
TYR HE1  H  N N 357 
TYR HE2  H  N N 358 
TYR HH   H  N N 359 
TYR HXT  H  N N 360 
VAL N    N  N N 361 
VAL CA   C  N S 362 
VAL C    C  N N 363 
VAL O    O  N N 364 
VAL CB   C  N N 365 
VAL CG1  C  N N 366 
VAL CG2  C  N N 367 
VAL OXT  O  N N 368 
VAL H    H  N N 369 
VAL H2   H  N N 370 
VAL HA   H  N N 371 
VAL HB   H  N N 372 
VAL HG11 H  N N 373 
VAL HG12 H  N N 374 
VAL HG13 H  N N 375 
VAL HG21 H  N N 376 
VAL HG22 H  N N 377 
VAL HG23 H  N N 378 
VAL HXT  H  N N 379 
ZN  ZN   ZN N N 380 
# 
loop_
_chem_comp_bond.comp_id 
_chem_comp_bond.atom_id_1 
_chem_comp_bond.atom_id_2 
_chem_comp_bond.value_order 
_chem_comp_bond.pdbx_aromatic_flag 
_chem_comp_bond.pdbx_stereo_config 
_chem_comp_bond.pdbx_ordinal 
ALA N   CA   sing N N 1   
ALA N   H    sing N N 2   
ALA N   H2   sing N N 3   
ALA CA  C    sing N N 4   
ALA CA  CB   sing N N 5   
ALA CA  HA   sing N N 6   
ALA C   O    doub N N 7   
ALA C   OXT  sing N N 8   
ALA CB  HB1  sing N N 9   
ALA CB  HB2  sing N N 10  
ALA CB  HB3  sing N N 11  
ALA OXT HXT  sing N N 12  
ARG N   CA   sing N N 13  
ARG N   H    sing N N 14  
ARG N   H2   sing N N 15  
ARG CA  C    sing N N 16  
ARG CA  CB   sing N N 17  
ARG CA  HA   sing N N 18  
ARG C   O    doub N N 19  
ARG C   OXT  sing N N 20  
ARG CB  CG   sing N N 21  
ARG CB  HB2  sing N N 22  
ARG CB  HB3  sing N N 23  
ARG CG  CD   sing N N 24  
ARG CG  HG2  sing N N 25  
ARG CG  HG3  sing N N 26  
ARG CD  NE   sing N N 27  
ARG CD  HD2  sing N N 28  
ARG CD  HD3  sing N N 29  
ARG NE  CZ   sing N N 30  
ARG NE  HE   sing N N 31  
ARG CZ  NH1  sing N N 32  
ARG CZ  NH2  doub N N 33  
ARG NH1 HH11 sing N N 34  
ARG NH1 HH12 sing N N 35  
ARG NH2 HH21 sing N N 36  
ARG NH2 HH22 sing N N 37  
ARG OXT HXT  sing N N 38  
ASN N   CA   sing N N 39  
ASN N   H    sing N N 40  
ASN N   H2   sing N N 41  
ASN CA  C    sing N N 42  
ASN CA  CB   sing N N 43  
ASN CA  HA   sing N N 44  
ASN C   O    doub N N 45  
ASN C   OXT  sing N N 46  
ASN CB  CG   sing N N 47  
ASN CB  HB2  sing N N 48  
ASN CB  HB3  sing N N 49  
ASN CG  OD1  doub N N 50  
ASN CG  ND2  sing N N 51  
ASN ND2 HD21 sing N N 52  
ASN ND2 HD22 sing N N 53  
ASN OXT HXT  sing N N 54  
ASP N   CA   sing N N 55  
ASP N   H    sing N N 56  
ASP N   H2   sing N N 57  
ASP CA  C    sing N N 58  
ASP CA  CB   sing N N 59  
ASP CA  HA   sing N N 60  
ASP C   O    doub N N 61  
ASP C   OXT  sing N N 62  
ASP CB  CG   sing N N 63  
ASP CB  HB2  sing N N 64  
ASP CB  HB3  sing N N 65  
ASP CG  OD1  doub N N 66  
ASP CG  OD2  sing N N 67  
ASP OD2 HD2  sing N N 68  
ASP OXT HXT  sing N N 69  
GLN N   CA   sing N N 70  
GLN N   H    sing N N 71  
GLN N   H2   sing N N 72  
GLN CA  C    sing N N 73  
GLN CA  CB   sing N N 74  
GLN CA  HA   sing N N 75  
GLN C   O    doub N N 76  
GLN C   OXT  sing N N 77  
GLN CB  CG   sing N N 78  
GLN CB  HB2  sing N N 79  
GLN CB  HB3  sing N N 80  
GLN CG  CD   sing N N 81  
GLN CG  HG2  sing N N 82  
GLN CG  HG3  sing N N 83  
GLN CD  OE1  doub N N 84  
GLN CD  NE2  sing N N 85  
GLN NE2 HE21 sing N N 86  
GLN NE2 HE22 sing N N 87  
GLN OXT HXT  sing N N 88  
GLU N   CA   sing N N 89  
GLU N   H    sing N N 90  
GLU N   H2   sing N N 91  
GLU CA  C    sing N N 92  
GLU CA  CB   sing N N 93  
GLU CA  HA   sing N N 94  
GLU C   O    doub N N 95  
GLU C   OXT  sing N N 96  
GLU CB  CG   sing N N 97  
GLU CB  HB2  sing N N 98  
GLU CB  HB3  sing N N 99  
GLU CG  CD   sing N N 100 
GLU CG  HG2  sing N N 101 
GLU CG  HG3  sing N N 102 
GLU CD  OE1  doub N N 103 
GLU CD  OE2  sing N N 104 
GLU OE2 HE2  sing N N 105 
GLU OXT HXT  sing N N 106 
GLY N   CA   sing N N 107 
GLY N   H    sing N N 108 
GLY N   H2   sing N N 109 
GLY CA  C    sing N N 110 
GLY CA  HA2  sing N N 111 
GLY CA  HA3  sing N N 112 
GLY C   O    doub N N 113 
GLY C   OXT  sing N N 114 
GLY OXT HXT  sing N N 115 
HIS N   CA   sing N N 116 
HIS N   H    sing N N 117 
HIS N   H2   sing N N 118 
HIS CA  C    sing N N 119 
HIS CA  CB   sing N N 120 
HIS CA  HA   sing N N 121 
HIS C   O    doub N N 122 
HIS C   OXT  sing N N 123 
HIS CB  CG   sing N N 124 
HIS CB  HB2  sing N N 125 
HIS CB  HB3  sing N N 126 
HIS CG  ND1  sing Y N 127 
HIS CG  CD2  doub Y N 128 
HIS ND1 CE1  doub Y N 129 
HIS ND1 HD1  sing N N 130 
HIS CD2 NE2  sing Y N 131 
HIS CD2 HD2  sing N N 132 
HIS CE1 NE2  sing Y N 133 
HIS CE1 HE1  sing N N 134 
HIS NE2 HE2  sing N N 135 
HIS OXT HXT  sing N N 136 
HOH O   H1   sing N N 137 
HOH O   H2   sing N N 138 
ILE N   CA   sing N N 139 
ILE N   H    sing N N 140 
ILE N   H2   sing N N 141 
ILE CA  C    sing N N 142 
ILE CA  CB   sing N N 143 
ILE CA  HA   sing N N 144 
ILE C   O    doub N N 145 
ILE C   OXT  sing N N 146 
ILE CB  CG1  sing N N 147 
ILE CB  CG2  sing N N 148 
ILE CB  HB   sing N N 149 
ILE CG1 CD1  sing N N 150 
ILE CG1 HG12 sing N N 151 
ILE CG1 HG13 sing N N 152 
ILE CG2 HG21 sing N N 153 
ILE CG2 HG22 sing N N 154 
ILE CG2 HG23 sing N N 155 
ILE CD1 HD11 sing N N 156 
ILE CD1 HD12 sing N N 157 
ILE CD1 HD13 sing N N 158 
ILE OXT HXT  sing N N 159 
LEU N   CA   sing N N 160 
LEU N   H    sing N N 161 
LEU N   H2   sing N N 162 
LEU CA  C    sing N N 163 
LEU CA  CB   sing N N 164 
LEU CA  HA   sing N N 165 
LEU C   O    doub N N 166 
LEU C   OXT  sing N N 167 
LEU CB  CG   sing N N 168 
LEU CB  HB2  sing N N 169 
LEU CB  HB3  sing N N 170 
LEU CG  CD1  sing N N 171 
LEU CG  CD2  sing N N 172 
LEU CG  HG   sing N N 173 
LEU CD1 HD11 sing N N 174 
LEU CD1 HD12 sing N N 175 
LEU CD1 HD13 sing N N 176 
LEU CD2 HD21 sing N N 177 
LEU CD2 HD22 sing N N 178 
LEU CD2 HD23 sing N N 179 
LEU OXT HXT  sing N N 180 
LYS N   CA   sing N N 181 
LYS N   H    sing N N 182 
LYS N   H2   sing N N 183 
LYS CA  C    sing N N 184 
LYS CA  CB   sing N N 185 
LYS CA  HA   sing N N 186 
LYS C   O    doub N N 187 
LYS C   OXT  sing N N 188 
LYS CB  CG   sing N N 189 
LYS CB  HB2  sing N N 190 
LYS CB  HB3  sing N N 191 
LYS CG  CD   sing N N 192 
LYS CG  HG2  sing N N 193 
LYS CG  HG3  sing N N 194 
LYS CD  CE   sing N N 195 
LYS CD  HD2  sing N N 196 
LYS CD  HD3  sing N N 197 
LYS CE  NZ   sing N N 198 
LYS CE  HE2  sing N N 199 
LYS CE  HE3  sing N N 200 
LYS NZ  HZ1  sing N N 201 
LYS NZ  HZ2  sing N N 202 
LYS NZ  HZ3  sing N N 203 
LYS OXT HXT  sing N N 204 
MET N   CA   sing N N 205 
MET N   H    sing N N 206 
MET N   H2   sing N N 207 
MET CA  C    sing N N 208 
MET CA  CB   sing N N 209 
MET CA  HA   sing N N 210 
MET C   O    doub N N 211 
MET C   OXT  sing N N 212 
MET CB  CG   sing N N 213 
MET CB  HB2  sing N N 214 
MET CB  HB3  sing N N 215 
MET CG  SD   sing N N 216 
MET CG  HG2  sing N N 217 
MET CG  HG3  sing N N 218 
MET SD  CE   sing N N 219 
MET CE  HE1  sing N N 220 
MET CE  HE2  sing N N 221 
MET CE  HE3  sing N N 222 
MET OXT HXT  sing N N 223 
NH2 N   HN1  sing N N 224 
NH2 N   HN2  sing N N 225 
PHE N   CA   sing N N 226 
PHE N   H    sing N N 227 
PHE N   H2   sing N N 228 
PHE CA  C    sing N N 229 
PHE CA  CB   sing N N 230 
PHE CA  HA   sing N N 231 
PHE C   O    doub N N 232 
PHE C   OXT  sing N N 233 
PHE CB  CG   sing N N 234 
PHE CB  HB2  sing N N 235 
PHE CB  HB3  sing N N 236 
PHE CG  CD1  doub Y N 237 
PHE CG  CD2  sing Y N 238 
PHE CD1 CE1  sing Y N 239 
PHE CD1 HD1  sing N N 240 
PHE CD2 CE2  doub Y N 241 
PHE CD2 HD2  sing N N 242 
PHE CE1 CZ   doub Y N 243 
PHE CE1 HE1  sing N N 244 
PHE CE2 CZ   sing Y N 245 
PHE CE2 HE2  sing N N 246 
PHE CZ  HZ   sing N N 247 
PHE OXT HXT  sing N N 248 
PRO N   CA   sing N N 249 
PRO N   CD   sing N N 250 
PRO N   H    sing N N 251 
PRO CA  C    sing N N 252 
PRO CA  CB   sing N N 253 
PRO CA  HA   sing N N 254 
PRO C   O    doub N N 255 
PRO C   OXT  sing N N 256 
PRO CB  CG   sing N N 257 
PRO CB  HB2  sing N N 258 
PRO CB  HB3  sing N N 259 
PRO CG  CD   sing N N 260 
PRO CG  HG2  sing N N 261 
PRO CG  HG3  sing N N 262 
PRO CD  HD2  sing N N 263 
PRO CD  HD3  sing N N 264 
PRO OXT HXT  sing N N 265 
SER N   CA   sing N N 266 
SER N   H    sing N N 267 
SER N   H2   sing N N 268 
SER CA  C    sing N N 269 
SER CA  CB   sing N N 270 
SER CA  HA   sing N N 271 
SER C   O    doub N N 272 
SER C   OXT  sing N N 273 
SER CB  OG   sing N N 274 
SER CB  HB2  sing N N 275 
SER CB  HB3  sing N N 276 
SER OG  HG   sing N N 277 
SER OXT HXT  sing N N 278 
THR N   CA   sing N N 279 
THR N   H    sing N N 280 
THR N   H2   sing N N 281 
THR CA  C    sing N N 282 
THR CA  CB   sing N N 283 
THR CA  HA   sing N N 284 
THR C   O    doub N N 285 
THR C   OXT  sing N N 286 
THR CB  OG1  sing N N 287 
THR CB  CG2  sing N N 288 
THR CB  HB   sing N N 289 
THR OG1 HG1  sing N N 290 
THR CG2 HG21 sing N N 291 
THR CG2 HG22 sing N N 292 
THR CG2 HG23 sing N N 293 
THR OXT HXT  sing N N 294 
TRP N   CA   sing N N 295 
TRP N   H    sing N N 296 
TRP N   H2   sing N N 297 
TRP CA  C    sing N N 298 
TRP CA  CB   sing N N 299 
TRP CA  HA   sing N N 300 
TRP C   O    doub N N 301 
TRP C   OXT  sing N N 302 
TRP CB  CG   sing N N 303 
TRP CB  HB2  sing N N 304 
TRP CB  HB3  sing N N 305 
TRP CG  CD1  doub Y N 306 
TRP CG  CD2  sing Y N 307 
TRP CD1 NE1  sing Y N 308 
TRP CD1 HD1  sing N N 309 
TRP CD2 CE2  doub Y N 310 
TRP CD2 CE3  sing Y N 311 
TRP NE1 CE2  sing Y N 312 
TRP NE1 HE1  sing N N 313 
TRP CE2 CZ2  sing Y N 314 
TRP CE3 CZ3  doub Y N 315 
TRP CE3 HE3  sing N N 316 
TRP CZ2 CH2  doub Y N 317 
TRP CZ2 HZ2  sing N N 318 
TRP CZ3 CH2  sing Y N 319 
TRP CZ3 HZ3  sing N N 320 
TRP CH2 HH2  sing N N 321 
TRP OXT HXT  sing N N 322 
TYR N   CA   sing N N 323 
TYR N   H    sing N N 324 
TYR N   H2   sing N N 325 
TYR CA  C    sing N N 326 
TYR CA  CB   sing N N 327 
TYR CA  HA   sing N N 328 
TYR C   O    doub N N 329 
TYR C   OXT  sing N N 330 
TYR CB  CG   sing N N 331 
TYR CB  HB2  sing N N 332 
TYR CB  HB3  sing N N 333 
TYR CG  CD1  doub Y N 334 
TYR CG  CD2  sing Y N 335 
TYR CD1 CE1  sing Y N 336 
TYR CD1 HD1  sing N N 337 
TYR CD2 CE2  doub Y N 338 
TYR CD2 HD2  sing N N 339 
TYR CE1 CZ   doub Y N 340 
TYR CE1 HE1  sing N N 341 
TYR CE2 CZ   sing Y N 342 
TYR CE2 HE2  sing N N 343 
TYR CZ  OH   sing N N 344 
TYR OH  HH   sing N N 345 
TYR OXT HXT  sing N N 346 
VAL N   CA   sing N N 347 
VAL N   H    sing N N 348 
VAL N   H2   sing N N 349 
VAL CA  C    sing N N 350 
VAL CA  CB   sing N N 351 
VAL CA  HA   sing N N 352 
VAL C   O    doub N N 353 
VAL C   OXT  sing N N 354 
VAL CB  CG1  sing N N 355 
VAL CB  CG2  sing N N 356 
VAL CB  HB   sing N N 357 
VAL CG1 HG11 sing N N 358 
VAL CG1 HG12 sing N N 359 
VAL CG1 HG13 sing N N 360 
VAL CG2 HG21 sing N N 361 
VAL CG2 HG22 sing N N 362 
VAL CG2 HG23 sing N N 363 
VAL OXT HXT  sing N N 364 
# 
_pdbx_initial_refinement_model.id               1 
_pdbx_initial_refinement_model.entity_id_list   ? 
_pdbx_initial_refinement_model.type             'experimental model' 
_pdbx_initial_refinement_model.source_name      PDB 
_pdbx_initial_refinement_model.accession_code   1KJT 
_pdbx_initial_refinement_model.details          'PDB entry 1KJT' 
# 
_atom_sites.entry_id                    3DOW 
_atom_sites.fract_transf_matrix[1][1]   0.00284424 
_atom_sites.fract_transf_matrix[1][2]   0.00844558 
_atom_sites.fract_transf_matrix[1][3]   0.00517451 
_atom_sites.fract_transf_matrix[2][1]   -0.00988241 
_atom_sites.fract_transf_matrix[2][2]   0.00278086 
_atom_sites.fract_transf_matrix[2][3]   0.00089322 
_atom_sites.fract_transf_matrix[3][1]   -0.00066432 
_atom_sites.fract_transf_matrix[3][2]   -0.00520885 
_atom_sites.fract_transf_matrix[3][3]   0.00886677 
_atom_sites.fract_transf_vector[1]      0.005227 
_atom_sites.fract_transf_vector[2]      0.217318 
_atom_sites.fract_transf_vector[3]      0.319136 
# 
loop_
_atom_type.symbol 
C  
N  
O  
S  
ZN 
# 
loop_
_atom_site.group_PDB 
_atom_site.id 
_atom_site.type_symbol 
_atom_site.label_atom_id 
_atom_site.label_alt_id 
_atom_site.label_comp_id 
_atom_site.label_asym_id 
_atom_site.label_entity_id 
_atom_site.label_seq_id 
_atom_site.pdbx_PDB_ins_code 
_atom_site.Cartn_x 
_atom_site.Cartn_y 
_atom_site.Cartn_z 
_atom_site.occupancy 
_atom_site.B_iso_or_equiv 
_atom_site.pdbx_formal_charge 
_atom_site.auth_seq_id 
_atom_site.auth_comp_id 
_atom_site.auth_asym_id 
_atom_site.auth_atom_id 
_atom_site.pdbx_PDB_model_num 
ATOM   1    N  N   . GLY A 1 1   ? -7.893  11.205  -10.699 1.00 72.80 ? 1   GLY A N   1 
ATOM   2    C  CA  . GLY A 1 1   ? -9.203  10.881  -10.065 1.00 75.56 ? 1   GLY A CA  1 
ATOM   3    C  C   . GLY A 1 1   ? -9.309  9.425   -9.648  1.00 74.72 ? 1   GLY A C   1 
ATOM   4    O  O   . GLY A 1 1   ? -9.780  9.121   -8.549  1.00 71.66 ? 1   GLY A O   1 
ATOM   5    N  N   . SER A 1 2   ? -8.876  8.523   -10.525 1.00 73.29 ? 2   SER A N   1 
ATOM   6    C  CA  . SER A 1 2   ? -8.920  7.090   -10.237 1.00 70.65 ? 2   SER A CA  1 
ATOM   7    C  C   . SER A 1 2   ? -7.524  6.506   -10.031 1.00 69.03 ? 2   SER A C   1 
ATOM   8    O  O   . SER A 1 2   ? -6.564  6.908   -10.693 1.00 75.08 ? 2   SER A O   1 
ATOM   9    C  CB  . SER A 1 2   ? -9.654  6.337   -11.348 1.00 64.46 ? 2   SER A CB  1 
ATOM   10   O  OG  . SER A 1 2   ? -11.031 6.186   -11.034 1.00 68.99 ? 2   SER A OG  1 
ATOM   11   N  N   . MET A 1 3   ? -7.426  5.556   -9.105  1.00 67.05 ? 3   MET A N   1 
ATOM   12   C  CA  . MET A 1 3   ? -6.140  5.022   -8.665  1.00 64.54 ? 3   MET A CA  1 
ATOM   13   C  C   . MET A 1 3   ? -5.252  4.624   -9.845  1.00 65.14 ? 3   MET A C   1 
ATOM   14   O  O   . MET A 1 3   ? -5.480  3.601   -10.489 1.00 66.76 ? 3   MET A O   1 
ATOM   15   C  CB  . MET A 1 3   ? -6.356  3.808   -7.753  1.00 64.58 ? 3   MET A CB  1 
ATOM   16   C  CG  . MET A 1 3   ? -5.461  3.793   -6.512  1.00 64.83 ? 3   MET A CG  1 
ATOM   17   S  SD  . MET A 1 3   ? -6.263  4.267   -4.957  1.00 61.68 ? 3   MET A SD  1 
ATOM   18   C  CE  . MET A 1 3   ? -7.523  5.385   -5.565  1.00 57.26 ? 3   MET A CE  1 
ATOM   19   N  N   . LYS A 1 4   ? -4.240  5.443   -10.121 1.00 59.88 ? 4   LYS A N   1 
ATOM   20   C  CA  . LYS A 1 4   ? -3.284  5.168   -11.189 1.00 59.42 ? 4   LYS A CA  1 
ATOM   21   C  C   . LYS A 1 4   ? -1.908  4.906   -10.596 1.00 61.13 ? 4   LYS A C   1 
ATOM   22   O  O   . LYS A 1 4   ? -1.335  5.776   -9.939  1.00 63.10 ? 4   LYS A O   1 
ATOM   23   C  CB  . LYS A 1 4   ? -3.207  6.352   -12.159 1.00 59.78 ? 4   LYS A CB  1 
ATOM   24   N  N   . PHE A 1 5   ? -1.385  3.706   -10.827 1.00 58.09 ? 5   PHE A N   1 
ATOM   25   C  CA  . PHE A 1 5   ? -0.091  3.319   -10.279 1.00 50.09 ? 5   PHE A CA  1 
ATOM   26   C  C   . PHE A 1 5   ? 0.983   3.183   -11.351 1.00 52.81 ? 5   PHE A C   1 
ATOM   27   O  O   . PHE A 1 5   ? 0.719   2.732   -12.466 1.00 56.50 ? 5   PHE A O   1 
ATOM   28   C  CB  . PHE A 1 5   ? -0.217  2.005   -9.507  1.00 47.11 ? 5   PHE A CB  1 
ATOM   29   C  CG  . PHE A 1 5   ? -0.752  2.173   -8.117  1.00 44.14 ? 5   PHE A CG  1 
ATOM   30   C  CD1 . PHE A 1 5   ? -2.113  2.154   -7.873  1.00 45.56 ? 5   PHE A CD1 1 
ATOM   31   C  CD2 . PHE A 1 5   ? 0.110   2.354   -7.052  1.00 43.94 ? 5   PHE A CD2 1 
ATOM   32   C  CE1 . PHE A 1 5   ? -2.600  2.314   -6.591  1.00 45.27 ? 5   PHE A CE1 1 
ATOM   33   C  CE2 . PHE A 1 5   ? -0.370  2.512   -5.768  1.00 40.08 ? 5   PHE A CE2 1 
ATOM   34   C  CZ  . PHE A 1 5   ? -1.729  2.494   -5.536  1.00 41.34 ? 5   PHE A CZ  1 
ATOM   35   N  N   . VAL A 1 6   ? 2.199   3.577   -10.994 1.00 51.85 ? 6   VAL A N   1 
ATOM   36   C  CA  . VAL A 1 6   ? 3.344   3.480   -11.883 1.00 51.39 ? 6   VAL A CA  1 
ATOM   37   C  C   . VAL A 1 6   ? 3.860   2.048   -11.925 1.00 53.13 ? 6   VAL A C   1 
ATOM   38   O  O   . VAL A 1 6   ? 4.443   1.620   -12.918 1.00 59.31 ? 6   VAL A O   1 
ATOM   39   C  CB  . VAL A 1 6   ? 4.478   4.417   -11.421 1.00 53.02 ? 6   VAL A CB  1 
ATOM   40   C  CG1 . VAL A 1 6   ? 5.735   4.193   -12.247 1.00 50.53 ? 6   VAL A CG1 1 
ATOM   41   C  CG2 . VAL A 1 6   ? 4.031   5.869   -11.502 1.00 53.92 ? 6   VAL A CG2 1 
ATOM   42   N  N   . TYR A 1 7   ? 3.634   1.304   -10.848 1.00 50.58 ? 7   TYR A N   1 
ATOM   43   C  CA  . TYR A 1 7   ? 4.106   -0.070  -10.778 1.00 49.02 ? 7   TYR A CA  1 
ATOM   44   C  C   . TYR A 1 7   ? 3.324   -0.958  -11.743 1.00 49.12 ? 7   TYR A C   1 
ATOM   45   O  O   . TYR A 1 7   ? 3.852   -1.946  -12.253 1.00 47.82 ? 7   TYR A O   1 
ATOM   46   C  CB  . TYR A 1 7   ? 3.988   -0.615  -9.356  1.00 46.08 ? 7   TYR A CB  1 
ATOM   47   C  CG  . TYR A 1 7   ? 4.551   -2.010  -9.216  1.00 46.58 ? 7   TYR A CG  1 
ATOM   48   C  CD1 . TYR A 1 7   ? 5.908   -2.213  -9.012  1.00 44.77 ? 7   TYR A CD1 1 
ATOM   49   C  CD2 . TYR A 1 7   ? 3.729   -3.123  -9.306  1.00 43.62 ? 7   TYR A CD2 1 
ATOM   50   C  CE1 . TYR A 1 7   ? 6.430   -3.485  -8.893  1.00 43.61 ? 7   TYR A CE1 1 
ATOM   51   C  CE2 . TYR A 1 7   ? 4.243   -4.402  -9.190  1.00 44.88 ? 7   TYR A CE2 1 
ATOM   52   C  CZ  . TYR A 1 7   ? 5.594   -4.576  -8.984  1.00 44.40 ? 7   TYR A CZ  1 
ATOM   53   O  OH  . TYR A 1 7   ? 6.110   -5.847  -8.866  1.00 49.71 ? 7   TYR A OH  1 
ATOM   54   N  N   . LYS A 1 8   ? 2.067   -0.603  -11.991 1.00 45.03 ? 8   LYS A N   1 
ATOM   55   C  CA  . LYS A 1 8   ? 1.237   -1.341  -12.939 1.00 50.67 ? 8   LYS A CA  1 
ATOM   56   C  C   . LYS A 1 8   ? 1.645   -1.050  -14.381 1.00 52.92 ? 8   LYS A C   1 
ATOM   57   O  O   . LYS A 1 8   ? 1.425   -1.868  -15.274 1.00 52.61 ? 8   LYS A O   1 
ATOM   58   C  CB  . LYS A 1 8   ? -0.242  -0.990  -12.753 1.00 52.59 ? 8   LYS A CB  1 
ATOM   59   C  CG  . LYS A 1 8   ? -0.841  -1.456  -11.437 1.00 46.76 ? 8   LYS A CG  1 
ATOM   60   C  CD  . LYS A 1 8   ? -2.312  -1.084  -11.351 1.00 44.14 ? 8   LYS A CD  1 
ATOM   61   C  CE  . LYS A 1 8   ? -2.750  -0.875  -9.912  1.00 47.20 ? 8   LYS A CE  1 
ATOM   62   N  NZ  . LYS A 1 8   ? -4.108  -0.259  -9.813  1.00 54.33 ? 8   LYS A NZ  1 
ATOM   63   N  N   . GLU A 1 9   ? 2.238   0.121   -14.597 1.00 56.16 ? 9   GLU A N   1 
ATOM   64   C  CA  . GLU A 1 9   ? 2.656   0.548   -15.930 1.00 58.82 ? 9   GLU A CA  1 
ATOM   65   C  C   . GLU A 1 9   ? 4.089   0.111   -16.238 1.00 57.92 ? 9   GLU A C   1 
ATOM   66   O  O   . GLU A 1 9   ? 4.513   0.126   -17.394 1.00 59.64 ? 9   GLU A O   1 
ATOM   67   C  CB  . GLU A 1 9   ? 2.537   2.070   -16.046 1.00 59.68 ? 9   GLU A CB  1 
ATOM   68   C  CG  . GLU A 1 9   ? 1.106   2.582   -15.957 1.00 60.27 ? 9   GLU A CG  1 
ATOM   69   C  CD  . GLU A 1 9   ? 0.519   2.914   -17.314 1.00 68.26 ? 9   GLU A CD  1 
ATOM   70   O  OE1 . GLU A 1 9   ? 1.264   3.441   -18.165 1.00 68.72 ? 9   GLU A OE1 1 
ATOM   71   O  OE2 . GLU A 1 9   ? -0.686  2.659   -17.525 1.00 70.71 ? 9   GLU A OE2 1 
ATOM   72   N  N   . GLU A 1 10  ? 4.825   -0.286  -15.205 1.00 56.01 ? 10  GLU A N   1 
ATOM   73   C  CA  . GLU A 1 10  ? 6.217   -0.696  -15.372 1.00 56.17 ? 10  GLU A CA  1 
ATOM   74   C  C   . GLU A 1 10  ? 6.342   -2.203  -15.559 1.00 56.21 ? 10  GLU A C   1 
ATOM   75   O  O   . GLU A 1 10  ? 7.341   -2.688  -16.092 1.00 60.07 ? 10  GLU A O   1 
ATOM   76   C  CB  . GLU A 1 10  ? 7.066   -0.244  -14.179 1.00 59.71 ? 10  GLU A CB  1 
ATOM   77   C  CG  . GLU A 1 10  ? 7.330   1.257   -14.143 1.00 62.81 ? 10  GLU A CG  1 
ATOM   78   C  CD  . GLU A 1 10  ? 8.496   1.633   -13.243 1.00 65.63 ? 10  GLU A CD  1 
ATOM   79   O  OE1 . GLU A 1 10  ? 9.259   0.729   -12.840 1.00 69.59 ? 10  GLU A OE1 1 
ATOM   80   O  OE2 . GLU A 1 10  ? 8.650   2.835   -12.946 1.00 68.47 ? 10  GLU A OE2 1 
ATOM   81   N  N   . HIS A 1 11  ? 5.328   -2.941  -15.118 1.00 54.43 ? 11  HIS A N   1 
ATOM   82   C  CA  . HIS A 1 11  ? 5.348   -4.398  -15.202 1.00 53.41 ? 11  HIS A CA  1 
ATOM   83   C  C   . HIS A 1 11  ? 3.998   -4.918  -15.681 1.00 48.98 ? 11  HIS A C   1 
ATOM   84   O  O   . HIS A 1 11  ? 2.959   -4.510  -15.163 1.00 50.30 ? 11  HIS A O   1 
ATOM   85   C  CB  . HIS A 1 11  ? 5.680   -5.006  -13.840 1.00 56.01 ? 11  HIS A CB  1 
ATOM   86   C  CG  . HIS A 1 11  ? 6.921   -4.451  -13.217 1.00 58.46 ? 11  HIS A CG  1 
ATOM   87   N  ND1 . HIS A 1 11  ? 6.905   -3.356  -12.374 1.00 59.02 ? 11  HIS A ND1 1 
ATOM   88   C  CD2 . HIS A 1 11  ? 8.214   -4.837  -13.303 1.00 64.87 ? 11  HIS A CD2 1 
ATOM   89   C  CE1 . HIS A 1 11  ? 8.135   -3.095  -11.974 1.00 61.35 ? 11  HIS A CE1 1 
ATOM   90   N  NE2 . HIS A 1 11  ? 8.951   -3.981  -12.523 1.00 64.34 ? 11  HIS A NE2 1 
ATOM   91   N  N   . PRO A 1 12  ? 4.009   -5.817  -16.681 1.00 47.81 ? 12  PRO A N   1 
ATOM   92   C  CA  . PRO A 1 12  ? 2.774   -6.349  -17.271 1.00 50.65 ? 12  PRO A CA  1 
ATOM   93   C  C   . PRO A 1 12  ? 2.003   -7.273  -16.334 1.00 43.85 ? 12  PRO A C   1 
ATOM   94   O  O   . PRO A 1 12  ? 2.493   -7.642  -15.275 1.00 45.27 ? 12  PRO A O   1 
ATOM   95   C  CB  . PRO A 1 12  ? 3.267   -7.141  -18.487 1.00 52.22 ? 12  PRO A CB  1 
ATOM   96   C  CG  . PRO A 1 12  ? 4.670   -6.673  -18.723 1.00 55.42 ? 12  PRO A CG  1 
ATOM   97   C  CD  . PRO A 1 12  ? 5.204   -6.309  -17.386 1.00 52.00 ? 12  PRO A CD  1 
ATOM   98   N  N   . PHE A 1 13  ? 0.807   -7.663  -16.750 1.00 47.85 ? 13  PHE A N   1 
ATOM   99   C  CA  . PHE A 1 13  ? -0.109  -8.384  -15.876 1.00 48.59 ? 13  PHE A CA  1 
ATOM   100  C  C   . PHE A 1 13  ? 0.264   -9.863  -15.699 1.00 49.47 ? 13  PHE A C   1 
ATOM   101  O  O   . PHE A 1 13  ? 0.098   -10.404 -14.612 1.00 56.04 ? 13  PHE A O   1 
ATOM   102  C  CB  . PHE A 1 13  ? -1.543  -8.232  -16.390 1.00 55.70 ? 13  PHE A CB  1 
ATOM   103  C  CG  . PHE A 1 13  ? -2.582  -8.845  -15.501 1.00 52.05 ? 13  PHE A CG  1 
ATOM   104  C  CD1 . PHE A 1 13  ? -2.878  -8.297  -14.264 1.00 48.37 ? 13  PHE A CD1 1 
ATOM   105  C  CD2 . PHE A 1 13  ? -3.283  -9.965  -15.919 1.00 52.50 ? 13  PHE A CD2 1 
ATOM   106  C  CE1 . PHE A 1 13  ? -3.847  -8.864  -13.453 1.00 46.83 ? 13  PHE A CE1 1 
ATOM   107  C  CE2 . PHE A 1 13  ? -4.252  -10.537 -15.116 1.00 52.00 ? 13  PHE A CE2 1 
ATOM   108  C  CZ  . PHE A 1 13  ? -4.536  -9.987  -13.880 1.00 50.20 ? 13  PHE A CZ  1 
ATOM   109  N  N   . GLU A 1 14  ? 0.757   -10.519 -16.747 1.00 53.98 ? 14  GLU A N   1 
ATOM   110  C  CA  . GLU A 1 14  ? 1.261   -11.879 -16.585 1.00 55.12 ? 14  GLU A CA  1 
ATOM   111  C  C   . GLU A 1 14  ? 2.310   -11.872 -15.485 1.00 49.64 ? 14  GLU A C   1 
ATOM   112  O  O   . GLU A 1 14  ? 2.289   -12.711 -14.585 1.00 50.57 ? 14  GLU A O   1 
ATOM   113  C  CB  . GLU A 1 14  ? 1.883   -12.406 -17.880 1.00 57.47 ? 14  GLU A CB  1 
ATOM   114  C  CG  . GLU A 1 14  ? 3.196   -13.154 -17.666 1.00 57.33 ? 14  GLU A CG  1 
ATOM   115  C  CD  . GLU A 1 14  ? 3.471   -14.191 -18.751 1.00 66.64 ? 14  GLU A CD  1 
ATOM   116  O  OE1 . GLU A 1 14  ? 3.489   -13.825 -19.948 1.00 62.28 ? 14  GLU A OE1 1 
ATOM   117  O  OE2 . GLU A 1 14  ? 3.670   -15.378 -18.407 1.00 65.11 ? 14  GLU A OE2 1 
ATOM   118  N  N   . LYS A 1 15  ? 3.219   -10.906 -15.565 1.00 49.89 ? 15  LYS A N   1 
ATOM   119  C  CA  . LYS A 1 15  ? 4.377   -10.847 -14.683 1.00 48.14 ? 15  LYS A CA  1 
ATOM   120  C  C   . LYS A 1 15  ? 3.980   -10.597 -13.234 1.00 44.92 ? 15  LYS A C   1 
ATOM   121  O  O   . LYS A 1 15  ? 4.507   -11.230 -12.322 1.00 46.40 ? 15  LYS A O   1 
ATOM   122  C  CB  . LYS A 1 15  ? 5.332   -9.747  -15.153 1.00 48.02 ? 15  LYS A CB  1 
ATOM   123  N  N   . ARG A 1 16  ? 3.051   -9.671  -13.023 1.00 42.94 ? 16  ARG A N   1 
ATOM   124  C  CA  . ARG A 1 16  ? 2.656   -9.302  -11.672 1.00 44.00 ? 16  ARG A CA  1 
ATOM   125  C  C   . ARG A 1 16  ? 1.872   -10.431 -11.008 1.00 39.96 ? 16  ARG A C   1 
ATOM   126  O  O   . ARG A 1 16  ? 2.179   -10.817 -9.886  1.00 38.75 ? 16  ARG A O   1 
ATOM   127  C  CB  . ARG A 1 16  ? 1.834   -8.007  -11.670 1.00 42.06 ? 16  ARG A CB  1 
ATOM   128  C  CG  . ARG A 1 16  ? 2.497   -6.862  -12.416 1.00 45.40 ? 16  ARG A CG  1 
ATOM   129  C  CD  . ARG A 1 16  ? 1.941   -5.505  -12.019 1.00 42.84 ? 16  ARG A CD  1 
ATOM   130  N  NE  . ARG A 1 16  ? 0.481   -5.469  -12.030 1.00 43.63 ? 16  ARG A NE  1 
ATOM   131  C  CZ  . ARG A 1 16  ? -0.266  -5.058  -13.051 1.00 46.84 ? 16  ARG A CZ  1 
ATOM   132  N  NH1 . ARG A 1 16  ? 0.300   -4.645  -14.176 1.00 51.88 ? 16  ARG A NH1 1 
ATOM   133  N  NH2 . ARG A 1 16  ? -1.588  -5.062  -12.946 1.00 47.25 ? 16  ARG A NH2 1 
ATOM   134  N  N   . ARG A 1 17  ? 0.868   -10.958 -11.704 1.00 40.89 ? 17  ARG A N   1 
ATOM   135  C  CA  . ARG A 1 17  ? 0.035   -12.033 -11.164 1.00 41.97 ? 17  ARG A CA  1 
ATOM   136  C  C   . ARG A 1 17  ? 0.862   -13.260 -10.821 1.00 42.67 ? 17  ARG A C   1 
ATOM   137  O  O   . ARG A 1 17  ? 0.499   -14.029 -9.934  1.00 44.38 ? 17  ARG A O   1 
ATOM   138  C  CB  . ARG A 1 17  ? -1.060  -12.434 -12.156 1.00 45.95 ? 17  ARG A CB  1 
ATOM   139  C  CG  . ARG A 1 17  ? -1.553  -13.868 -11.966 1.00 48.82 ? 17  ARG A CG  1 
ATOM   140  C  CD  . ARG A 1 17  ? -2.805  -14.157 -12.778 1.00 50.13 ? 17  ARG A CD  1 
ATOM   141  N  NE  . ARG A 1 17  ? -4.022  -13.756 -12.073 1.00 46.14 ? 17  ARG A NE  1 
ATOM   142  C  CZ  . ARG A 1 17  ? -4.863  -14.595 -11.471 1.00 43.79 ? 17  ARG A CZ  1 
ATOM   143  N  NH1 . ARG A 1 17  ? -4.641  -15.905 -11.482 1.00 47.35 ? 17  ARG A NH1 1 
ATOM   144  N  NH2 . ARG A 1 17  ? -5.936  -14.120 -10.857 1.00 38.48 ? 17  ARG A NH2 1 
ATOM   145  N  N   . SER A 1 18  ? 1.967   -13.446 -11.532 1.00 42.96 ? 18  SER A N   1 
ATOM   146  C  CA  . SER A 1 18  ? 2.832   -14.589 -11.288 1.00 44.63 ? 18  SER A CA  1 
ATOM   147  C  C   . SER A 1 18  ? 3.708   -14.348 -10.071 1.00 43.91 ? 18  SER A C   1 
ATOM   148  O  O   . SER A 1 18  ? 3.973   -15.275 -9.307  1.00 44.18 ? 18  SER A O   1 
ATOM   149  C  CB  . SER A 1 18  ? 3.688   -14.895 -12.517 1.00 48.98 ? 18  SER A CB  1 
ATOM   150  O  OG  . SER A 1 18  ? 2.871   -15.321 -13.595 1.00 54.17 ? 18  SER A OG  1 
ATOM   151  N  N   . GLU A 1 19  ? 4.156   -13.111 -9.886  1.00 46.50 ? 19  GLU A N   1 
ATOM   152  C  CA  . GLU A 1 19  ? 4.941   -12.770 -8.707  1.00 42.07 ? 19  GLU A CA  1 
ATOM   153  C  C   . GLU A 1 19  ? 4.064   -12.770 -7.456  1.00 36.44 ? 19  GLU A C   1 
ATOM   154  O  O   . GLU A 1 19  ? 4.514   -13.119 -6.369  1.00 36.01 ? 19  GLU A O   1 
ATOM   155  C  CB  . GLU A 1 19  ? 5.597   -11.403 -8.868  1.00 42.42 ? 19  GLU A CB  1 
ATOM   156  C  CG  . GLU A 1 19  ? 6.611   -11.096 -7.797  1.00 42.47 ? 19  GLU A CG  1 
ATOM   157  C  CD  . GLU A 1 19  ? 7.007   -9.637  -7.797  1.00 50.74 ? 19  GLU A CD  1 
ATOM   158  O  OE1 . GLU A 1 19  ? 6.516   -8.895  -8.674  1.00 53.44 ? 19  GLU A OE1 1 
ATOM   159  O  OE2 . GLU A 1 19  ? 7.800   -9.230  -6.923  1.00 48.23 ? 19  GLU A OE2 1 
ATOM   160  N  N   . GLY A 1 20  ? 2.805   -12.378 -7.623  1.00 33.74 ? 20  GLY A N   1 
ATOM   161  C  CA  . GLY A 1 20  ? 1.882   -12.295 -6.510  1.00 37.21 ? 20  GLY A CA  1 
ATOM   162  C  C   . GLY A 1 20  ? 1.456   -13.673 -6.049  1.00 38.23 ? 20  GLY A C   1 
ATOM   163  O  O   . GLY A 1 20  ? 1.342   -13.932 -4.852  1.00 35.59 ? 20  GLY A O   1 
ATOM   164  N  N   . GLU A 1 21  ? 1.220   -14.564 -7.006  1.00 39.59 ? 21  GLU A N   1 
ATOM   165  C  CA  . GLU A 1 21  ? 0.809   -15.926 -6.694  1.00 39.16 ? 21  GLU A CA  1 
ATOM   166  C  C   . GLU A 1 21  ? 1.922   -16.600 -5.917  1.00 37.13 ? 21  GLU A C   1 
ATOM   167  O  O   . GLU A 1 21  ? 1.670   -17.313 -4.947  1.00 40.14 ? 21  GLU A O   1 
ATOM   168  C  CB  . GLU A 1 21  ? 0.500   -16.710 -7.974  1.00 41.45 ? 21  GLU A CB  1 
ATOM   169  C  CG  . GLU A 1 21  ? -0.131  -18.082 -7.745  1.00 42.47 ? 21  GLU A CG  1 
ATOM   170  C  CD  . GLU A 1 21  ? -0.131  -18.946 -8.997  1.00 50.52 ? 21  GLU A CD  1 
ATOM   171  O  OE1 . GLU A 1 21  ? 0.803   -18.812 -9.816  1.00 46.95 ? 21  GLU A OE1 1 
ATOM   172  O  OE2 . GLU A 1 21  ? -1.065  -19.763 -9.156  1.00 48.34 ? 21  GLU A OE2 1 
ATOM   173  N  N   . LYS A 1 22  ? 3.158   -16.352 -6.332  1.00 35.69 ? 22  LYS A N   1 
ATOM   174  C  CA  . LYS A 1 22  ? 4.314   -16.958 -5.687  1.00 35.22 ? 22  LYS A CA  1 
ATOM   175  C  C   . LYS A 1 22  ? 4.553   -16.399 -4.287  1.00 38.09 ? 22  LYS A C   1 
ATOM   176  O  O   . LYS A 1 22  ? 4.842   -17.150 -3.358  1.00 42.93 ? 22  LYS A O   1 
ATOM   177  C  CB  . LYS A 1 22  ? 5.568   -16.753 -6.540  1.00 35.70 ? 22  LYS A CB  1 
ATOM   178  N  N   . ILE A 1 23  ? 4.436   -15.082 -4.136  1.00 35.40 ? 23  ILE A N   1 
ATOM   179  C  CA  . ILE A 1 23  ? 4.748   -14.435 -2.867  1.00 36.78 ? 23  ILE A CA  1 
ATOM   180  C  C   . ILE A 1 23  ? 3.656   -14.730 -1.851  1.00 35.22 ? 23  ILE A C   1 
ATOM   181  O  O   . ILE A 1 23  ? 3.886   -14.683 -0.646  1.00 34.89 ? 23  ILE A O   1 
ATOM   182  C  CB  . ILE A 1 23  ? 4.912   -12.907 -3.026  1.00 37.61 ? 23  ILE A CB  1 
ATOM   183  C  CG1 . ILE A 1 23  ? 6.042   -12.394 -2.133  1.00 40.80 ? 23  ILE A CG1 1 
ATOM   184  C  CG2 . ILE A 1 23  ? 3.611   -12.181 -2.715  1.00 33.70 ? 23  ILE A CG2 1 
ATOM   185  C  CD1 . ILE A 1 23  ? 7.426   -12.711 -2.660  1.00 41.72 ? 23  ILE A CD1 1 
ATOM   186  N  N   . ARG A 1 24  ? 2.463   -15.031 -2.345  1.00 31.35 ? 24  ARG A N   1 
ATOM   187  C  CA  . ARG A 1 24  ? 1.388   -15.477 -1.479  1.00 33.46 ? 24  ARG A CA  1 
ATOM   188  C  C   . ARG A 1 24  ? 1.619   -16.939 -1.118  1.00 37.47 ? 24  ARG A C   1 
ATOM   189  O  O   . ARG A 1 24  ? 1.311   -17.371 -0.011  1.00 37.89 ? 24  ARG A O   1 
ATOM   190  C  CB  . ARG A 1 24  ? 0.035   -15.304 -2.167  1.00 30.32 ? 24  ARG A CB  1 
ATOM   191  C  CG  . ARG A 1 24  ? -0.404  -13.859 -2.289  1.00 31.57 ? 24  ARG A CG  1 
ATOM   192  C  CD  . ARG A 1 24  ? -0.761  -13.292 -0.938  1.00 32.58 ? 24  ARG A CD  1 
ATOM   193  N  NE  . ARG A 1 24  ? -2.057  -13.777 -0.481  1.00 31.24 ? 24  ARG A NE  1 
ATOM   194  C  CZ  . ARG A 1 24  ? -2.370  -14.000 0.791   1.00 32.65 ? 24  ARG A CZ  1 
ATOM   195  N  NH1 . ARG A 1 24  ? -1.474  -13.792 1.744   1.00 40.79 ? 24  ARG A NH1 1 
ATOM   196  N  NH2 . ARG A 1 24  ? -3.578  -14.443 1.110   1.00 32.21 ? 24  ARG A NH2 1 
ATOM   197  N  N   . LYS A 1 25  ? 2.176   -17.693 -2.062  1.00 37.21 ? 25  LYS A N   1 
ATOM   198  C  CA  . LYS A 1 25  ? 2.418   -19.117 -1.868  1.00 41.17 ? 25  LYS A CA  1 
ATOM   199  C  C   . LYS A 1 25  ? 3.656   -19.342 -1.015  1.00 43.82 ? 25  LYS A C   1 
ATOM   200  O  O   . LYS A 1 25  ? 3.924   -20.465 -0.589  1.00 52.53 ? 25  LYS A O   1 
ATOM   201  C  CB  . LYS A 1 25  ? 2.596   -19.824 -3.218  1.00 43.82 ? 25  LYS A CB  1 
ATOM   202  C  CG  . LYS A 1 25  ? 1.303   -20.231 -3.908  1.00 40.33 ? 25  LYS A CG  1 
ATOM   203  C  CD  . LYS A 1 25  ? 1.580   -21.164 -5.086  1.00 40.66 ? 25  LYS A CD  1 
ATOM   204  C  CE  . LYS A 1 25  ? 0.365   -21.321 -5.973  1.00 43.57 ? 25  LYS A CE  1 
ATOM   205  N  NZ  . LYS A 1 25  ? 0.494   -22.464 -6.913  1.00 45.53 ? 25  LYS A NZ  1 
ATOM   206  N  N   . LYS A 1 26  ? 4.412   -18.275 -0.768  1.00 43.05 ? 26  LYS A N   1 
ATOM   207  C  CA  . LYS A 1 26  ? 5.667   -18.386 -0.032  1.00 40.18 ? 26  LYS A CA  1 
ATOM   208  C  C   . LYS A 1 26  ? 5.558   -17.797 1.371   1.00 46.65 ? 26  LYS A C   1 
ATOM   209  O  O   . LYS A 1 26  ? 6.033   -18.390 2.340   1.00 51.28 ? 26  LYS A O   1 
ATOM   210  C  CB  . LYS A 1 26  ? 6.796   -17.693 -0.792  1.00 46.15 ? 26  LYS A CB  1 
ATOM   211  C  CG  . LYS A 1 26  ? 8.142   -17.781 -0.082  1.00 51.75 ? 26  LYS A CG  1 
ATOM   212  C  CD  . LYS A 1 26  ? 9.302   -17.408 -1.001  1.00 55.05 ? 26  LYS A CD  1 
ATOM   213  C  CE  . LYS A 1 26  ? 10.648  -17.633 -0.322  1.00 55.61 ? 26  LYS A CE  1 
ATOM   214  N  NZ  . LYS A 1 26  ? 11.803  -17.327 -1.213  1.00 65.52 ? 26  LYS A NZ  1 
ATOM   215  N  N   . TYR A 1 27  ? 4.938   -16.627 1.469   1.00 43.82 ? 27  TYR A N   1 
ATOM   216  C  CA  . TYR A 1 27  ? 4.770   -15.951 2.748   1.00 42.01 ? 27  TYR A CA  1 
ATOM   217  C  C   . TYR A 1 27  ? 3.285   -15.739 3.023   1.00 41.86 ? 27  TYR A C   1 
ATOM   218  O  O   . TYR A 1 27  ? 2.803   -14.608 3.021   1.00 36.93 ? 27  TYR A O   1 
ATOM   219  C  CB  . TYR A 1 27  ? 5.492   -14.602 2.741   1.00 39.69 ? 27  TYR A CB  1 
ATOM   220  C  CG  . TYR A 1 27  ? 6.962   -14.674 2.381   1.00 46.30 ? 27  TYR A CG  1 
ATOM   221  C  CD1 . TYR A 1 27  ? 7.927   -14.929 3.350   1.00 51.26 ? 27  TYR A CD1 1 
ATOM   222  C  CD2 . TYR A 1 27  ? 7.386   -14.470 1.075   1.00 46.44 ? 27  TYR A CD2 1 
ATOM   223  C  CE1 . TYR A 1 27  ? 9.274   -14.989 3.022   1.00 51.59 ? 27  TYR A CE1 1 
ATOM   224  C  CE2 . TYR A 1 27  ? 8.727   -14.527 0.739   1.00 53.59 ? 27  TYR A CE2 1 
ATOM   225  C  CZ  . TYR A 1 27  ? 9.666   -14.787 1.714   1.00 53.08 ? 27  TYR A CZ  1 
ATOM   226  O  OH  . TYR A 1 27  ? 10.999  -14.843 1.375   1.00 58.70 ? 27  TYR A OH  1 
ATOM   227  N  N   . PRO A 1 28  ? 2.554   -16.837 3.252   1.00 40.65 ? 28  PRO A N   1 
ATOM   228  C  CA  . PRO A 1 28  ? 1.097   -16.845 3.444   1.00 43.71 ? 28  PRO A CA  1 
ATOM   229  C  C   . PRO A 1 28  ? 0.592   -15.922 4.558   1.00 48.41 ? 28  PRO A C   1 
ATOM   230  O  O   . PRO A 1 28  ? -0.476  -15.325 4.419   1.00 47.84 ? 28  PRO A O   1 
ATOM   231  C  CB  . PRO A 1 28  ? 0.807   -18.313 3.795   1.00 44.83 ? 28  PRO A CB  1 
ATOM   232  C  CG  . PRO A 1 28  ? 2.145   -18.894 4.175   1.00 48.52 ? 28  PRO A CG  1 
ATOM   233  C  CD  . PRO A 1 28  ? 3.089   -18.206 3.263   1.00 44.66 ? 28  PRO A CD  1 
ATOM   234  N  N   . ASP A 1 29  ? 1.344   -15.818 5.649   1.00 48.10 ? 29  ASP A N   1 
ATOM   235  C  CA  . ASP A 1 29  ? 0.925   -15.007 6.790   1.00 48.26 ? 29  ASP A CA  1 
ATOM   236  C  C   . ASP A 1 29  ? 1.060   -13.501 6.538   1.00 49.70 ? 29  ASP A C   1 
ATOM   237  O  O   . ASP A 1 29  ? 0.577   -12.692 7.330   1.00 49.84 ? 29  ASP A O   1 
ATOM   238  C  CB  . ASP A 1 29  ? 1.716   -15.403 8.040   1.00 53.71 ? 29  ASP A CB  1 
ATOM   239  C  CG  . ASP A 1 29  ? 3.210   -15.152 7.896   1.00 58.27 ? 29  ASP A CG  1 
ATOM   240  O  OD1 . ASP A 1 29  ? 3.739   -15.261 6.769   1.00 51.40 ? 29  ASP A OD1 1 
ATOM   241  O  OD2 . ASP A 1 29  ? 3.857   -14.852 8.920   1.00 67.34 ? 29  ASP A OD2 1 
ATOM   242  N  N   . ARG A 1 30  ? 1.720   -13.135 5.439   1.00 45.59 ? 30  ARG A N   1 
ATOM   243  C  CA  . ARG A 1 30  ? 1.878   -11.736 5.044   1.00 44.98 ? 30  ARG A CA  1 
ATOM   244  C  C   . ARG A 1 30  ? 1.071   -11.440 3.784   1.00 41.10 ? 30  ARG A C   1 
ATOM   245  O  O   . ARG A 1 30  ? 0.814   -12.334 2.982   1.00 43.48 ? 30  ARG A O   1 
ATOM   246  C  CB  . ARG A 1 30  ? 3.349   -11.430 4.755   1.00 48.31 ? 30  ARG A CB  1 
ATOM   247  C  CG  . ARG A 1 30  ? 4.317   -11.803 5.866   1.00 52.32 ? 30  ARG A CG  1 
ATOM   248  C  CD  . ARG A 1 30  ? 4.659   -10.609 6.741   1.00 54.67 ? 30  ARG A CD  1 
ATOM   249  N  NE  . ARG A 1 30  ? 5.959   -10.773 7.389   1.00 60.02 ? 30  ARG A NE  1 
ATOM   250  C  CZ  . ARG A 1 30  ? 6.687   -9.772  7.876   1.00 61.78 ? 30  ARG A CZ  1 
ATOM   251  N  NH1 . ARG A 1 30  ? 6.249   -8.523  7.790   1.00 54.23 ? 30  ARG A NH1 1 
ATOM   252  N  NH2 . ARG A 1 30  ? 7.860   -10.020 8.445   1.00 66.09 ? 30  ARG A NH2 1 
ATOM   253  N  N   . VAL A 1 31  ? 0.681   -10.182 3.603   1.00 41.70 ? 31  VAL A N   1 
ATOM   254  C  CA  . VAL A 1 31  ? 0.040   -9.758  2.363   1.00 39.18 ? 31  VAL A CA  1 
ATOM   255  C  C   . VAL A 1 31  ? 0.946   -8.782  1.619   1.00 34.06 ? 31  VAL A C   1 
ATOM   256  O  O   . VAL A 1 31  ? 1.497   -7.860  2.219   1.00 35.63 ? 31  VAL A O   1 
ATOM   257  C  CB  . VAL A 1 31  ? -1.336  -9.096  2.609   1.00 34.54 ? 31  VAL A CB  1 
ATOM   258  C  CG1 . VAL A 1 31  ? -2.240  -10.021 3.402   1.00 38.03 ? 31  VAL A CG1 1 
ATOM   259  C  CG2 . VAL A 1 31  ? -1.177  -7.765  3.317   1.00 38.79 ? 31  VAL A CG2 1 
ATOM   260  N  N   . PRO A 1 32  ? 1.117   -8.997  0.306   1.00 31.10 ? 32  PRO A N   1 
ATOM   261  C  CA  . PRO A 1 32  ? 1.968   -8.124  -0.510  1.00 30.94 ? 32  PRO A CA  1 
ATOM   262  C  C   . PRO A 1 32  ? 1.284   -6.797  -0.800  1.00 29.58 ? 32  PRO A C   1 
ATOM   263  O  O   . PRO A 1 32  ? 0.160   -6.794  -1.290  1.00 30.92 ? 32  PRO A O   1 
ATOM   264  C  CB  . PRO A 1 32  ? 2.142   -8.928  -1.800  1.00 31.39 ? 32  PRO A CB  1 
ATOM   265  C  CG  . PRO A 1 32  ? 0.898   -9.748  -1.878  1.00 33.67 ? 32  PRO A CG  1 
ATOM   266  C  CD  . PRO A 1 32  ? 0.654   -10.166 -0.460  1.00 35.35 ? 32  PRO A CD  1 
ATOM   267  N  N   . VAL A 1 33  ? 1.959   -5.692  -0.503  1.00 31.26 ? 33  VAL A N   1 
ATOM   268  C  CA  . VAL A 1 33  ? 1.373   -4.367  -0.654  1.00 29.71 ? 33  VAL A CA  1 
ATOM   269  C  C   . VAL A 1 33  ? 2.274   -3.452  -1.479  1.00 30.00 ? 33  VAL A C   1 
ATOM   270  O  O   . VAL A 1 33  ? 3.460   -3.311  -1.190  1.00 29.02 ? 33  VAL A O   1 
ATOM   271  C  CB  . VAL A 1 33  ? 1.129   -3.710  0.720   1.00 35.29 ? 33  VAL A CB  1 
ATOM   272  C  CG1 . VAL A 1 33  ? 0.500   -2.333  0.550   1.00 32.81 ? 33  VAL A CG1 1 
ATOM   273  C  CG2 . VAL A 1 33  ? 0.250   -4.601  1.590   1.00 32.58 ? 33  VAL A CG2 1 
ATOM   274  N  N   . ILE A 1 34  ? 1.698   -2.848  -2.514  1.00 28.65 ? 34  ILE A N   1 
ATOM   275  C  CA  . ILE A 1 34  ? 2.373   -1.828  -3.308  1.00 29.10 ? 34  ILE A CA  1 
ATOM   276  C  C   . ILE A 1 34  ? 1.934   -0.455  -2.818  1.00 30.58 ? 34  ILE A C   1 
ATOM   277  O  O   . ILE A 1 34  ? 0.745   -0.149  -2.814  1.00 31.89 ? 34  ILE A O   1 
ATOM   278  C  CB  . ILE A 1 34  ? 2.012   -1.943  -4.800  1.00 30.93 ? 34  ILE A CB  1 
ATOM   279  C  CG1 . ILE A 1 34  ? 2.224   -3.377  -5.298  1.00 31.13 ? 34  ILE A CG1 1 
ATOM   280  C  CG2 . ILE A 1 34  ? 2.828   -0.945  -5.624  1.00 28.60 ? 34  ILE A CG2 1 
ATOM   281  C  CD1 . ILE A 1 34  ? 3.679   -3.798  -5.379  1.00 34.13 ? 34  ILE A CD1 1 
ATOM   282  N  N   . VAL A 1 35  ? 2.891   0.372   -2.412  1.00 27.30 ? 35  VAL A N   1 
ATOM   283  C  CA  . VAL A 1 35  ? 2.577   1.674   -1.836  1.00 31.61 ? 35  VAL A CA  1 
ATOM   284  C  C   . VAL A 1 35  ? 3.230   2.798   -2.629  1.00 33.21 ? 35  VAL A C   1 
ATOM   285  O  O   . VAL A 1 35  ? 4.455   2.865   -2.731  1.00 34.38 ? 35  VAL A O   1 
ATOM   286  C  CB  . VAL A 1 35  ? 3.033   1.765   -0.370  1.00 29.27 ? 35  VAL A CB  1 
ATOM   287  C  CG1 . VAL A 1 35  ? 2.648   3.107   0.221   1.00 32.57 ? 35  VAL A CG1 1 
ATOM   288  C  CG2 . VAL A 1 35  ? 2.429   0.630   0.445   1.00 32.26 ? 35  VAL A CG2 1 
ATOM   289  N  N   . GLU A 1 36  ? 2.403   3.678   -3.189  1.00 31.30 ? 36  GLU A N   1 
ATOM   290  C  CA  . GLU A 1 36  ? 2.887   4.792   -3.995  1.00 35.60 ? 36  GLU A CA  1 
ATOM   291  C  C   . GLU A 1 36  ? 2.226   6.105   -3.611  1.00 34.55 ? 36  GLU A C   1 
ATOM   292  O  O   . GLU A 1 36  ? 1.082   6.133   -3.164  1.00 32.54 ? 36  GLU A O   1 
ATOM   293  C  CB  . GLU A 1 36  ? 2.614   4.533   -5.473  1.00 39.59 ? 36  GLU A CB  1 
ATOM   294  C  CG  . GLU A 1 36  ? 3.571   3.569   -6.128  1.00 43.26 ? 36  GLU A CG  1 
ATOM   295  C  CD  . GLU A 1 36  ? 3.276   3.401   -7.601  1.00 52.40 ? 36  GLU A CD  1 
ATOM   296  O  OE1 . GLU A 1 36  ? 2.515   4.229   -8.147  1.00 47.11 ? 36  GLU A OE1 1 
ATOM   297  O  OE2 . GLU A 1 36  ? 3.800   2.443   -8.206  1.00 53.08 ? 36  GLU A OE2 1 
ATOM   298  N  N   . LYS A 1 37  ? 2.951   7.198   -3.811  1.00 34.95 ? 37  LYS A N   1 
ATOM   299  C  CA  . LYS A 1 37  ? 2.419   8.519   -3.525  1.00 35.92 ? 37  LYS A CA  1 
ATOM   300  C  C   . LYS A 1 37  ? 1.380   8.901   -4.569  1.00 34.91 ? 37  LYS A C   1 
ATOM   301  O  O   . LYS A 1 37  ? 1.627   8.806   -5.770  1.00 38.68 ? 37  LYS A O   1 
ATOM   302  C  CB  . LYS A 1 37  ? 3.543   9.555   -3.497  1.00 36.03 ? 37  LYS A CB  1 
ATOM   303  C  CG  . LYS A 1 37  ? 3.058   10.972  -3.257  1.00 34.34 ? 37  LYS A CG  1 
ATOM   304  C  CD  . LYS A 1 37  ? 4.165   11.849  -2.702  1.00 40.08 ? 37  LYS A CD  1 
ATOM   305  C  CE  . LYS A 1 37  ? 5.328   11.963  -3.662  1.00 35.75 ? 37  LYS A CE  1 
ATOM   306  N  NZ  . LYS A 1 37  ? 6.398   12.836  -3.114  1.00 38.69 ? 37  LYS A NZ  1 
ATOM   307  N  N   . ALA A 1 38  ? 0.212   9.325   -4.100  1.00 33.35 ? 38  ALA A N   1 
ATOM   308  C  CA  . ALA A 1 38  ? -0.868  9.741   -4.983  1.00 34.71 ? 38  ALA A CA  1 
ATOM   309  C  C   . ALA A 1 38  ? -0.452  10.971  -5.773  1.00 36.51 ? 38  ALA A C   1 
ATOM   310  O  O   . ALA A 1 38  ? 0.424   11.720  -5.347  1.00 40.71 ? 38  ALA A O   1 
ATOM   311  C  CB  . ALA A 1 38  ? -2.117  10.039  -4.175  1.00 39.80 ? 38  ALA A CB  1 
ATOM   312  N  N   . PRO A 1 39  ? -1.077  11.182  -6.937  1.00 38.06 ? 39  PRO A N   1 
ATOM   313  C  CA  . PRO A 1 39  ? -0.783  12.374  -7.737  1.00 41.24 ? 39  PRO A CA  1 
ATOM   314  C  C   . PRO A 1 39  ? -1.066  13.656  -6.957  1.00 38.53 ? 39  PRO A C   1 
ATOM   315  O  O   . PRO A 1 39  ? -2.006  13.688  -6.160  1.00 34.97 ? 39  PRO A O   1 
ATOM   316  C  CB  . PRO A 1 39  ? -1.743  12.245  -8.926  1.00 43.56 ? 39  PRO A CB  1 
ATOM   317  C  CG  . PRO A 1 39  ? -2.086  10.792  -8.994  1.00 41.89 ? 39  PRO A CG  1 
ATOM   318  C  CD  . PRO A 1 39  ? -2.073  10.310  -7.580  1.00 39.74 ? 39  PRO A CD  1 
ATOM   319  N  N   . LYS A 1 40  ? -0.254  14.688  -7.180  1.00 38.76 ? 40  LYS A N   1 
ATOM   320  C  CA  . LYS A 1 40  ? -0.449  15.990  -6.544  1.00 35.31 ? 40  LYS A CA  1 
ATOM   321  C  C   . LYS A 1 40  ? -0.171  15.997  -5.037  1.00 36.86 ? 40  LYS A C   1 
ATOM   322  O  O   . LYS A 1 40  ? -0.349  17.021  -4.376  1.00 39.74 ? 40  LYS A O   1 
ATOM   323  C  CB  . LYS A 1 40  ? -1.869  16.506  -6.801  1.00 40.49 ? 40  LYS A CB  1 
ATOM   324  C  CG  . LYS A 1 40  ? -1.945  17.646  -7.804  1.00 47.37 ? 40  LYS A CG  1 
ATOM   325  C  CD  . LYS A 1 40  ? -1.817  17.149  -9.236  1.00 47.11 ? 40  LYS A CD  1 
ATOM   326  N  N   . ALA A 1 41  ? 0.272   14.868  -4.494  1.00 35.43 ? 41  ALA A N   1 
ATOM   327  C  CA  . ALA A 1 41  ? 0.539   14.778  -3.063  1.00 34.95 ? 41  ALA A CA  1 
ATOM   328  C  C   . ALA A 1 41  ? 1.794   15.558  -2.683  1.00 37.22 ? 41  ALA A C   1 
ATOM   329  O  O   . ALA A 1 41  ? 2.876   15.331  -3.228  1.00 36.44 ? 41  ALA A O   1 
ATOM   330  C  CB  . ALA A 1 41  ? 0.671   13.330  -2.639  1.00 35.93 ? 41  ALA A CB  1 
ATOM   331  N  N   . ARG A 1 42  ? 1.635   16.484  -1.745  1.00 36.83 ? 42  ARG A N   1 
ATOM   332  C  CA  . ARG A 1 42  ? 2.749   17.272  -1.235  1.00 38.39 ? 42  ARG A CA  1 
ATOM   333  C  C   . ARG A 1 42  ? 3.269   16.599  0.025   1.00 37.08 ? 42  ARG A C   1 
ATOM   334  O  O   . ARG A 1 42  ? 2.792   16.869  1.127   1.00 42.91 ? 42  ARG A O   1 
ATOM   335  C  CB  . ARG A 1 42  ? 2.286   18.697  -0.927  1.00 42.34 ? 42  ARG A CB  1 
ATOM   336  C  CG  . ARG A 1 42  ? 1.480   19.344  -2.051  1.00 42.00 ? 42  ARG A CG  1 
ATOM   337  C  CD  . ARG A 1 42  ? 2.385   19.872  -3.154  1.00 43.37 ? 42  ARG A CD  1 
ATOM   338  N  NE  . ARG A 1 42  ? 3.141   21.040  -2.711  1.00 44.09 ? 42  ARG A NE  1 
ATOM   339  C  CZ  . ARG A 1 42  ? 4.205   21.536  -3.337  1.00 51.11 ? 42  ARG A CZ  1 
ATOM   340  N  NH1 . ARG A 1 42  ? 4.659   20.962  -4.445  1.00 53.89 ? 42  ARG A NH1 1 
ATOM   341  N  NH2 . ARG A 1 42  ? 4.824   22.604  -2.846  1.00 51.48 ? 42  ARG A NH2 1 
ATOM   342  N  N   . ILE A 1 43  ? 4.247   15.715  -0.136  1.00 38.12 ? 43  ILE A N   1 
ATOM   343  C  CA  . ILE A 1 43  ? 4.665   14.854  0.959   1.00 38.62 ? 43  ILE A CA  1 
ATOM   344  C  C   . ILE A 1 43  ? 5.935   14.074  0.608   1.00 36.65 ? 43  ILE A C   1 
ATOM   345  O  O   . ILE A 1 43  ? 6.317   13.979  -0.555  1.00 35.84 ? 43  ILE A O   1 
ATOM   346  C  CB  . ILE A 1 43  ? 3.528   13.871  1.312   1.00 40.75 ? 43  ILE A CB  1 
ATOM   347  C  CG1 . ILE A 1 43  ? 3.838   13.099  2.593   1.00 33.09 ? 43  ILE A CG1 1 
ATOM   348  C  CG2 . ILE A 1 43  ? 3.282   12.911  0.161   1.00 38.15 ? 43  ILE A CG2 1 
ATOM   349  C  CD1 . ILE A 1 43  ? 2.654   12.326  3.108   1.00 37.19 ? 43  ILE A CD1 1 
ATOM   350  N  N   . GLY A 1 44  ? 6.581   13.516  1.626   1.00 38.24 ? 44  GLY A N   1 
ATOM   351  C  CA  . GLY A 1 44  ? 7.829   12.802  1.441   1.00 39.21 ? 44  GLY A CA  1 
ATOM   352  C  C   . GLY A 1 44  ? 7.696   11.575  0.564   1.00 39.39 ? 44  GLY A C   1 
ATOM   353  O  O   . GLY A 1 44  ? 6.598   11.208  0.146   1.00 37.52 ? 44  GLY A O   1 
ATOM   354  N  N   . ASP A 1 45  ? 8.828   10.934  0.297   1.00 41.49 ? 45  ASP A N   1 
ATOM   355  C  CA  . ASP A 1 45  ? 8.872   9.792   -0.606  1.00 41.73 ? 45  ASP A CA  1 
ATOM   356  C  C   . ASP A 1 45  ? 9.206   8.501   0.117   1.00 40.95 ? 45  ASP A C   1 
ATOM   357  O  O   . ASP A 1 45  ? 9.820   8.510   1.183   1.00 48.58 ? 45  ASP A O   1 
ATOM   358  C  CB  . ASP A 1 45  ? 9.918   10.025  -1.696  1.00 46.59 ? 45  ASP A CB  1 
ATOM   359  C  CG  . ASP A 1 45  ? 9.351   10.732  -2.904  1.00 47.61 ? 45  ASP A CG  1 
ATOM   360  O  OD1 . ASP A 1 45  ? 8.331   10.253  -3.445  1.00 47.44 ? 45  ASP A OD1 1 
ATOM   361  O  OD2 . ASP A 1 45  ? 9.932   11.758  -3.316  1.00 46.12 ? 45  ASP A OD2 1 
ATOM   362  N  N   . LEU A 1 46  ? 8.791   7.390   -0.480  1.00 42.33 ? 46  LEU A N   1 
ATOM   363  C  CA  . LEU A 1 46  ? 9.181   6.072   -0.013  1.00 44.40 ? 46  LEU A CA  1 
ATOM   364  C  C   . LEU A 1 46  ? 10.294  5.537   -0.901  1.00 41.97 ? 46  LEU A C   1 
ATOM   365  O  O   . LEU A 1 46  ? 10.220  5.631   -2.125  1.00 44.72 ? 46  LEU A O   1 
ATOM   366  C  CB  . LEU A 1 46  ? 7.992   5.113   -0.056  1.00 45.27 ? 46  LEU A CB  1 
ATOM   367  C  CG  . LEU A 1 46  ? 6.976   5.207   1.081   1.00 38.17 ? 46  LEU A CG  1 
ATOM   368  C  CD1 . LEU A 1 46  ? 5.896   4.155   0.896   1.00 35.08 ? 46  LEU A CD1 1 
ATOM   369  C  CD2 . LEU A 1 46  ? 7.659   5.042   2.429   1.00 49.23 ? 46  LEU A CD2 1 
ATOM   370  N  N   . ASP A 1 47  ? 11.326  4.979   -0.284  1.00 45.84 ? 47  ASP A N   1 
ATOM   371  C  CA  . ASP A 1 47  ? 12.406  4.364   -1.039  1.00 46.30 ? 47  ASP A CA  1 
ATOM   372  C  C   . ASP A 1 47  ? 11.861  3.157   -1.793  1.00 46.62 ? 47  ASP A C   1 
ATOM   373  O  O   . ASP A 1 47  ? 11.969  3.075   -3.016  1.00 54.20 ? 47  ASP A O   1 
ATOM   374  C  CB  . ASP A 1 47  ? 13.541  3.943   -0.105  1.00 47.69 ? 47  ASP A CB  1 
ATOM   375  N  N   . LYS A 1 48  ? 11.265  2.227   -1.054  1.00 43.70 ? 48  LYS A N   1 
ATOM   376  C  CA  . LYS A 1 48  ? 10.712  1.017   -1.647  1.00 39.69 ? 48  LYS A CA  1 
ATOM   377  C  C   . LYS A 1 48  ? 9.196   1.117   -1.774  1.00 40.46 ? 48  LYS A C   1 
ATOM   378  O  O   . LYS A 1 48  ? 8.544   1.807   -0.992  1.00 40.79 ? 48  LYS A O   1 
ATOM   379  C  CB  . LYS A 1 48  ? 11.086  -0.202  -0.802  1.00 43.99 ? 48  LYS A CB  1 
ATOM   380  N  N   . LYS A 1 49  ? 8.649   0.427   -2.770  1.00 39.89 ? 49  LYS A N   1 
ATOM   381  C  CA  . LYS A 1 49  ? 7.208   0.384   -2.995  1.00 38.70 ? 49  LYS A CA  1 
ATOM   382  C  C   . LYS A 1 49  ? 6.629   -0.947  -2.536  1.00 37.19 ? 49  LYS A C   1 
ATOM   383  O  O   . LYS A 1 49  ? 5.418   -1.087  -2.384  1.00 30.01 ? 49  LYS A O   1 
ATOM   384  C  CB  . LYS A 1 49  ? 6.892   0.559   -4.483  1.00 37.84 ? 49  LYS A CB  1 
ATOM   385  C  CG  . LYS A 1 49  ? 7.241   1.921   -5.057  1.00 46.96 ? 49  LYS A CG  1 
ATOM   386  C  CD  . LYS A 1 49  ? 6.822   2.019   -6.522  1.00 49.94 ? 49  LYS A CD  1 
ATOM   387  C  CE  . LYS A 1 49  ? 7.183   3.373   -7.120  1.00 65.59 ? 49  LYS A CE  1 
ATOM   388  N  NZ  . LYS A 1 49  ? 6.856   3.457   -8.573  1.00 67.45 ? 49  LYS A NZ  1 
ATOM   389  N  N   . LYS A 1 50  ? 7.502   -1.928  -2.329  1.00 38.89 ? 50  LYS A N   1 
ATOM   390  C  CA  . LYS A 1 50  ? 7.070   -3.292  -2.055  1.00 35.80 ? 50  LYS A CA  1 
ATOM   391  C  C   . LYS A 1 50  ? 7.211   -3.647  -0.579  1.00 35.99 ? 50  LYS A C   1 
ATOM   392  O  O   . LYS A 1 50  ? 8.306   -3.586  -0.024  1.00 40.00 ? 50  LYS A O   1 
ATOM   393  C  CB  . LYS A 1 50  ? 7.889   -4.268  -2.898  1.00 40.49 ? 50  LYS A CB  1 
ATOM   394  C  CG  . LYS A 1 50  ? 7.688   -4.111  -4.395  1.00 43.93 ? 50  LYS A CG  1 
ATOM   395  C  CD  . LYS A 1 50  ? 8.459   -5.167  -5.176  1.00 43.89 ? 50  LYS A CD  1 
ATOM   396  C  CE  . LYS A 1 50  ? 8.063   -5.164  -6.643  1.00 54.30 ? 50  LYS A CE  1 
ATOM   397  N  NZ  . LYS A 1 50  ? 8.688   -6.280  -7.408  1.00 60.10 ? 50  LYS A NZ  1 
ATOM   398  N  N   . TYR A 1 51  ? 6.102   -4.034  0.045   1.00 32.30 ? 51  TYR A N   1 
ATOM   399  C  CA  . TYR A 1 51  ? 6.097   -4.364  1.465   1.00 35.86 ? 51  TYR A CA  1 
ATOM   400  C  C   . TYR A 1 51  ? 5.277   -5.614  1.771   1.00 34.61 ? 51  TYR A C   1 
ATOM   401  O  O   . TYR A 1 51  ? 4.107   -5.692  1.416   1.00 36.76 ? 51  TYR A O   1 
ATOM   402  C  CB  . TYR A 1 51  ? 5.528   -3.196  2.272   1.00 38.00 ? 51  TYR A CB  1 
ATOM   403  C  CG  . TYR A 1 51  ? 6.288   -1.901  2.108   1.00 37.73 ? 51  TYR A CG  1 
ATOM   404  C  CD1 . TYR A 1 51  ? 7.412   -1.627  2.877   1.00 42.73 ? 51  TYR A CD1 1 
ATOM   405  C  CD2 . TYR A 1 51  ? 5.876   -0.947  1.188   1.00 38.72 ? 51  TYR A CD2 1 
ATOM   406  C  CE1 . TYR A 1 51  ? 8.107   -0.439  2.728   1.00 42.45 ? 51  TYR A CE1 1 
ATOM   407  C  CE2 . TYR A 1 51  ? 6.564   0.240   1.032   1.00 39.04 ? 51  TYR A CE2 1 
ATOM   408  C  CZ  . TYR A 1 51  ? 7.678   0.490   1.802   1.00 41.48 ? 51  TYR A CZ  1 
ATOM   409  O  OH  . TYR A 1 51  ? 8.361   1.674   1.643   1.00 44.36 ? 51  TYR A OH  1 
ATOM   410  N  N   . LEU A 1 52  ? 5.896   -6.587  2.432   1.00 41.95 ? 52  LEU A N   1 
ATOM   411  C  CA  . LEU A 1 52  ? 5.157   -7.718  2.993   1.00 43.16 ? 52  LEU A CA  1 
ATOM   412  C  C   . LEU A 1 52  ? 4.726   -7.382  4.413   1.00 42.31 ? 52  LEU A C   1 
ATOM   413  O  O   . LEU A 1 52  ? 5.555   -7.334  5.316   1.00 49.66 ? 52  LEU A O   1 
ATOM   414  C  CB  . LEU A 1 52  ? 6.012   -8.989  3.016   1.00 43.31 ? 52  LEU A CB  1 
ATOM   415  C  CG  . LEU A 1 52  ? 5.972   -9.937  1.812   1.00 44.26 ? 52  LEU A CG  1 
ATOM   416  C  CD1 . LEU A 1 52  ? 4.579   -10.008 1.202   1.00 37.21 ? 52  LEU A CD1 1 
ATOM   417  C  CD2 . LEU A 1 52  ? 6.982   -9.529  0.765   1.00 44.62 ? 52  LEU A CD2 1 
ATOM   418  N  N   . VAL A 1 53  ? 3.434   -7.150  4.613   1.00 41.52 ? 53  VAL A N   1 
ATOM   419  C  CA  . VAL A 1 53  ? 2.930   -6.757  5.922   1.00 45.97 ? 53  VAL A CA  1 
ATOM   420  C  C   . VAL A 1 53  ? 2.036   -7.838  6.521   1.00 51.28 ? 53  VAL A C   1 
ATOM   421  O  O   . VAL A 1 53  ? 1.176   -8.389  5.836   1.00 46.82 ? 53  VAL A O   1 
ATOM   422  C  CB  . VAL A 1 53  ? 2.148   -5.428  5.848   1.00 45.57 ? 53  VAL A CB  1 
ATOM   423  C  CG1 . VAL A 1 53  ? 2.906   -4.419  5.004   1.00 43.20 ? 53  VAL A CG1 1 
ATOM   424  C  CG2 . VAL A 1 53  ? 0.754   -5.650  5.284   1.00 46.21 ? 53  VAL A CG2 1 
ATOM   425  N  N   . PRO A 1 54  ? 2.242   -8.149  7.812   1.00 53.63 ? 54  PRO A N   1 
ATOM   426  C  CA  . PRO A 1 54  ? 1.461   -9.202  8.470   1.00 50.34 ? 54  PRO A CA  1 
ATOM   427  C  C   . PRO A 1 54  ? -0.038  -8.969  8.369   1.00 47.46 ? 54  PRO A C   1 
ATOM   428  O  O   . PRO A 1 54  ? -0.505  -7.830  8.398   1.00 43.04 ? 54  PRO A O   1 
ATOM   429  C  CB  . PRO A 1 54  ? 1.923   -9.117  9.934   1.00 52.23 ? 54  PRO A CB  1 
ATOM   430  C  CG  . PRO A 1 54  ? 2.595   -7.778  10.051  1.00 52.97 ? 54  PRO A CG  1 
ATOM   431  C  CD  . PRO A 1 54  ? 3.246   -7.589  8.728   1.00 50.94 ? 54  PRO A CD  1 
ATOM   432  N  N   . SER A 1 55  ? -0.782  -10.061 8.255   1.00 49.81 ? 55  SER A N   1 
ATOM   433  C  CA  . SER A 1 55  ? -2.222  -9.993  8.067   1.00 46.72 ? 55  SER A CA  1 
ATOM   434  C  C   . SER A 1 55  ? -2.951  -9.418  9.277   1.00 49.64 ? 55  SER A C   1 
ATOM   435  O  O   . SER A 1 55  ? -4.055  -8.895  9.140   1.00 49.10 ? 55  SER A O   1 
ATOM   436  C  CB  . SER A 1 55  ? -2.774  -11.386 7.752   1.00 55.81 ? 55  SER A CB  1 
ATOM   437  O  OG  . SER A 1 55  ? -2.105  -11.963 6.641   1.00 57.88 ? 55  SER A OG  1 
ATOM   438  N  N   . ASP A 1 56  ? -2.338  -9.505  10.456  1.00 52.34 ? 56  ASP A N   1 
ATOM   439  C  CA  . ASP A 1 56  ? -3.026  -9.131  11.693  1.00 55.51 ? 56  ASP A CA  1 
ATOM   440  C  C   . ASP A 1 56  ? -2.923  -7.641  12.042  1.00 53.32 ? 56  ASP A C   1 
ATOM   441  O  O   . ASP A 1 56  ? -3.693  -7.147  12.864  1.00 55.95 ? 56  ASP A O   1 
ATOM   442  C  CB  . ASP A 1 56  ? -2.546  -10.002 12.867  1.00 55.31 ? 56  ASP A CB  1 
ATOM   443  C  CG  . ASP A 1 56  ? -1.038  -10.161 12.908  1.00 58.82 ? 56  ASP A CG  1 
ATOM   444  O  OD1 . ASP A 1 56  ? -0.320  -9.139  12.928  1.00 62.14 ? 56  ASP A OD1 1 
ATOM   445  O  OD2 . ASP A 1 56  ? -0.573  -11.319 12.918  1.00 64.81 ? 56  ASP A OD2 1 
ATOM   446  N  N   . LEU A 1 57  ? -1.991  -6.930  11.410  1.00 53.56 ? 57  LEU A N   1 
ATOM   447  C  CA  . LEU A 1 57  ? -1.850  -5.488  11.630  1.00 46.66 ? 57  LEU A CA  1 
ATOM   448  C  C   . LEU A 1 57  ? -3.086  -4.740  11.163  1.00 46.77 ? 57  LEU A C   1 
ATOM   449  O  O   . LEU A 1 57  ? -3.625  -5.039  10.105  1.00 49.24 ? 57  LEU A O   1 
ATOM   450  C  CB  . LEU A 1 57  ? -0.643  -4.938  10.873  1.00 50.22 ? 57  LEU A CB  1 
ATOM   451  C  CG  . LEU A 1 57  ? 0.726   -5.083  11.531  1.00 53.24 ? 57  LEU A CG  1 
ATOM   452  C  CD1 . LEU A 1 57  ? 1.773   -4.442  10.639  1.00 60.34 ? 57  LEU A CD1 1 
ATOM   453  C  CD2 . LEU A 1 57  ? 0.746   -4.454  12.916  1.00 55.46 ? 57  LEU A CD2 1 
ATOM   454  N  N   . THR A 1 58  ? -3.532  -3.759  11.940  1.00 47.22 ? 58  THR A N   1 
ATOM   455  C  CA  . THR A 1 58  ? -4.639  -2.919  11.499  1.00 48.93 ? 58  THR A CA  1 
ATOM   456  C  C   . THR A 1 58  ? -4.105  -1.830  10.582  1.00 49.78 ? 58  THR A C   1 
ATOM   457  O  O   . THR A 1 58  ? -2.894  -1.658  10.448  1.00 49.34 ? 58  THR A O   1 
ATOM   458  C  CB  . THR A 1 58  ? -5.398  -2.267  12.680  1.00 53.57 ? 58  THR A CB  1 
ATOM   459  O  OG1 . THR A 1 58  ? -4.505  -1.449  13.446  1.00 56.97 ? 58  THR A OG1 1 
ATOM   460  C  CG2 . THR A 1 58  ? -6.018  -3.331  13.578  1.00 50.82 ? 58  THR A CG2 1 
ATOM   461  N  N   . VAL A 1 59  ? -5.015  -1.099  9.946   1.00 48.18 ? 59  VAL A N   1 
ATOM   462  C  CA  . VAL A 1 59  ? -4.627  -0.005  9.076   1.00 46.70 ? 59  VAL A CA  1 
ATOM   463  C  C   . VAL A 1 59  ? -3.986  1.086   9.915   1.00 50.23 ? 59  VAL A C   1 
ATOM   464  O  O   . VAL A 1 59  ? -2.994  1.682   9.512   1.00 47.39 ? 59  VAL A O   1 
ATOM   465  C  CB  . VAL A 1 59  ? -5.831  0.570   8.316   1.00 49.09 ? 59  VAL A CB  1 
ATOM   466  C  CG1 . VAL A 1 59  ? -5.450  1.869   7.624   1.00 51.52 ? 59  VAL A CG1 1 
ATOM   467  C  CG2 . VAL A 1 59  ? -6.353  -0.443  7.307   1.00 51.65 ? 59  VAL A CG2 1 
ATOM   468  N  N   . GLY A 1 60  ? -4.559  1.341   11.086  1.00 53.94 ? 60  GLY A N   1 
ATOM   469  C  CA  . GLY A 1 60  ? -4.004  2.317   12.004  1.00 49.70 ? 60  GLY A CA  1 
ATOM   470  C  C   . GLY A 1 60  ? -2.532  2.059   12.266  1.00 49.42 ? 60  GLY A C   1 
ATOM   471  O  O   . GLY A 1 60  ? -1.714  2.977   12.228  1.00 48.15 ? 60  GLY A O   1 
ATOM   472  N  N   . GLN A 1 61  ? -2.188  0.801   12.526  1.00 48.04 ? 61  GLN A N   1 
ATOM   473  C  CA  . GLN A 1 61  ? -0.811  0.442   12.833  1.00 47.19 ? 61  GLN A CA  1 
ATOM   474  C  C   . GLN A 1 61  ? 0.066   0.589   11.600  1.00 49.65 ? 61  GLN A C   1 
ATOM   475  O  O   . GLN A 1 61  ? 1.268   0.819   11.709  1.00 52.53 ? 61  GLN A O   1 
ATOM   476  C  CB  . GLN A 1 61  ? -0.732  -0.990  13.359  1.00 47.93 ? 61  GLN A CB  1 
ATOM   477  C  CG  . GLN A 1 61  ? -1.599  -1.244  14.577  1.00 50.93 ? 61  GLN A CG  1 
ATOM   478  C  CD  . GLN A 1 61  ? -1.532  -2.683  15.050  1.00 52.37 ? 61  GLN A CD  1 
ATOM   479  O  OE1 . GLN A 1 61  ? -2.522  -3.412  14.994  1.00 52.38 ? 61  GLN A OE1 1 
ATOM   480  N  NE2 . GLN A 1 61  ? -0.357  -3.101  15.513  1.00 53.00 ? 61  GLN A NE2 1 
ATOM   481  N  N   . PHE A 1 62  ? -0.543  0.451   10.426  1.00 49.22 ? 62  PHE A N   1 
ATOM   482  C  CA  . PHE A 1 62  ? 0.183   0.569   9.168   1.00 46.94 ? 62  PHE A CA  1 
ATOM   483  C  C   . PHE A 1 62  ? 0.473   2.037   8.832   1.00 43.14 ? 62  PHE A C   1 
ATOM   484  O  O   . PHE A 1 62  ? 1.586   2.373   8.438   1.00 45.44 ? 62  PHE A O   1 
ATOM   485  C  CB  . PHE A 1 62  ? -0.597  -0.113  8.040   1.00 42.74 ? 62  PHE A CB  1 
ATOM   486  C  CG  . PHE A 1 62  ? 0.185   -0.266  6.766   1.00 42.38 ? 62  PHE A CG  1 
ATOM   487  C  CD1 . PHE A 1 62  ? 1.359   -1.000  6.741   1.00 44.55 ? 62  PHE A CD1 1 
ATOM   488  C  CD2 . PHE A 1 62  ? -0.266  0.304   5.586   1.00 39.88 ? 62  PHE A CD2 1 
ATOM   489  C  CE1 . PHE A 1 62  ? 2.078   -1.146  5.565   1.00 42.00 ? 62  PHE A CE1 1 
ATOM   490  C  CE2 . PHE A 1 62  ? 0.448   0.157   4.411   1.00 39.05 ? 62  PHE A CE2 1 
ATOM   491  C  CZ  . PHE A 1 62  ? 1.620   -0.568  4.402   1.00 32.44 ? 62  PHE A CZ  1 
ATOM   492  N  N   . TYR A 1 63  ? -0.520  2.908   9.012   1.00 44.33 ? 63  TYR A N   1 
ATOM   493  C  CA  . TYR A 1 63  ? -0.348  4.352   8.836   1.00 44.47 ? 63  TYR A CA  1 
ATOM   494  C  C   . TYR A 1 63  ? 0.893   4.815   9.568   1.00 49.52 ? 63  TYR A C   1 
ATOM   495  O  O   . TYR A 1 63  ? 1.454   5.877   9.289   1.00 52.23 ? 63  TYR A O   1 
ATOM   496  C  CB  . TYR A 1 63  ? -1.519  5.102   9.458   1.00 42.82 ? 63  TYR A CB  1 
ATOM   497  C  CG  . TYR A 1 63  ? -2.631  5.479   8.520   1.00 38.70 ? 63  TYR A CG  1 
ATOM   498  C  CD1 . TYR A 1 63  ? -2.407  6.326   7.449   1.00 36.62 ? 63  TYR A CD1 1 
ATOM   499  C  CD2 . TYR A 1 63  ? -3.922  5.033   8.742   1.00 42.65 ? 63  TYR A CD2 1 
ATOM   500  C  CE1 . TYR A 1 63  ? -3.432  6.690   6.605   1.00 36.61 ? 63  TYR A CE1 1 
ATOM   501  C  CE2 . TYR A 1 63  ? -4.955  5.389   7.905   1.00 40.00 ? 63  TYR A CE2 1 
ATOM   502  C  CZ  . TYR A 1 63  ? -4.705  6.220   6.839   1.00 37.40 ? 63  TYR A CZ  1 
ATOM   503  O  OH  . TYR A 1 63  ? -5.738  6.578   6.005   1.00 41.32 ? 63  TYR A OH  1 
ATOM   504  N  N   . PHE A 1 64  ? 1.290   3.997   10.533  1.00 52.11 ? 64  PHE A N   1 
ATOM   505  C  CA  . PHE A 1 64  ? 2.250   4.378   11.557  1.00 51.82 ? 64  PHE A CA  1 
ATOM   506  C  C   . PHE A 1 64  ? 3.643   3.848   11.239  1.00 53.06 ? 64  PHE A C   1 
ATOM   507  O  O   . PHE A 1 64  ? 4.636   4.534   11.474  1.00 56.99 ? 64  PHE A O   1 
ATOM   508  C  CB  . PHE A 1 64  ? 1.769   3.850   12.912  1.00 58.77 ? 64  PHE A CB  1 
ATOM   509  C  CG  . PHE A 1 64  ? 2.531   4.396   14.094  1.00 60.80 ? 64  PHE A CG  1 
ATOM   510  C  CD1 . PHE A 1 64  ? 2.318   5.694   14.534  1.00 64.52 ? 64  PHE A CD1 1 
ATOM   511  C  CD2 . PHE A 1 64  ? 3.452   3.609   14.774  1.00 62.60 ? 64  PHE A CD2 1 
ATOM   512  C  CE1 . PHE A 1 64  ? 3.010   6.199   15.625  1.00 68.48 ? 64  PHE A CE1 1 
ATOM   513  C  CE2 . PHE A 1 64  ? 4.147   4.113   15.871  1.00 72.30 ? 64  PHE A CE2 1 
ATOM   514  C  CZ  . PHE A 1 64  ? 3.922   5.408   16.293  1.00 71.37 ? 64  PHE A CZ  1 
ATOM   515  N  N   . LEU A 1 65  ? 3.713   2.632   10.705  1.00 51.60 ? 65  LEU A N   1 
ATOM   516  C  CA  . LEU A 1 65  ? 4.989   2.054   10.290  1.00 51.89 ? 65  LEU A CA  1 
ATOM   517  C  C   . LEU A 1 65  ? 5.471   2.750   9.018   1.00 52.54 ? 65  LEU A C   1 
ATOM   518  O  O   . LEU A 1 65  ? 6.664   2.768   8.716   1.00 55.01 ? 65  LEU A O   1 
ATOM   519  C  CB  . LEU A 1 65  ? 4.851   0.552   10.040  1.00 53.75 ? 65  LEU A CB  1 
ATOM   520  C  CG  . LEU A 1 65  ? 4.059   -0.216  11.098  1.00 58.62 ? 65  LEU A CG  1 
ATOM   521  C  CD1 . LEU A 1 65  ? 3.871   -1.665  10.680  1.00 57.57 ? 65  LEU A CD1 1 
ATOM   522  C  CD2 . LEU A 1 65  ? 4.715   -0.127  12.475  1.00 62.38 ? 65  LEU A CD2 1 
ATOM   523  N  N   . ILE A 1 66  ? 4.526   3.319   8.277   1.00 48.80 ? 66  ILE A N   1 
ATOM   524  C  CA  . ILE A 1 66  ? 4.838   4.077   7.073   1.00 51.40 ? 66  ILE A CA  1 
ATOM   525  C  C   . ILE A 1 66  ? 5.204   5.506   7.454   1.00 55.27 ? 66  ILE A C   1 
ATOM   526  O  O   . ILE A 1 66  ? 6.147   6.084   6.913   1.00 49.24 ? 66  ILE A O   1 
ATOM   527  C  CB  . ILE A 1 66  ? 3.640   4.114   6.104   1.00 42.42 ? 66  ILE A CB  1 
ATOM   528  C  CG1 . ILE A 1 66  ? 3.378   2.724   5.516   1.00 46.17 ? 66  ILE A CG1 1 
ATOM   529  C  CG2 . ILE A 1 66  ? 3.884   5.123   4.993   1.00 44.11 ? 66  ILE A CG2 1 
ATOM   530  C  CD1 . ILE A 1 66  ? 4.510   2.190   4.653   1.00 44.43 ? 66  ILE A CD1 1 
ATOM   531  N  N   . ARG A 1 67  ? 4.444   6.069   8.389   1.00 58.73 ? 67  ARG A N   1 
ATOM   532  C  CA  . ARG A 1 67  ? 4.698   7.416   8.884   1.00 55.71 ? 67  ARG A CA  1 
ATOM   533  C  C   . ARG A 1 67  ? 6.149   7.548   9.325   1.00 53.39 ? 67  ARG A C   1 
ATOM   534  O  O   . ARG A 1 67  ? 6.744   8.618   9.219   1.00 56.20 ? 67  ARG A O   1 
ATOM   535  C  CB  . ARG A 1 67  ? 3.771   7.731   10.059  1.00 57.40 ? 67  ARG A CB  1 
ATOM   536  C  CG  . ARG A 1 67  ? 3.555   9.214   10.310  1.00 50.90 ? 67  ARG A CG  1 
ATOM   537  C  CD  . ARG A 1 67  ? 2.631   9.442   11.498  1.00 54.26 ? 67  ARG A CD  1 
ATOM   538  N  NE  . ARG A 1 67  ? 1.957   10.739  11.428  1.00 60.61 ? 67  ARG A NE  1 
ATOM   539  C  CZ  . ARG A 1 67  ? 0.700   10.916  11.022  1.00 59.18 ? 67  ARG A CZ  1 
ATOM   540  N  NH1 . ARG A 1 67  ? -0.044  9.878   10.651  1.00 54.37 ? 67  ARG A NH1 1 
ATOM   541  N  NH2 . ARG A 1 67  ? 0.180   12.135  10.992  1.00 58.49 ? 67  ARG A NH2 1 
ATOM   542  N  N   . LYS A 1 68  ? 6.713   6.451   9.820   1.00 53.12 ? 68  LYS A N   1 
ATOM   543  C  CA  . LYS A 1 68  ? 8.104   6.425   10.258  1.00 51.25 ? 68  LYS A CA  1 
ATOM   544  C  C   . LYS A 1 68  ? 9.068   6.427   9.075   1.00 55.55 ? 68  LYS A C   1 
ATOM   545  O  O   . LYS A 1 68  ? 10.110  7.082   9.115   1.00 57.19 ? 68  LYS A O   1 
ATOM   546  C  CB  . LYS A 1 68  ? 8.358   5.187   11.120  1.00 55.78 ? 68  LYS A CB  1 
ATOM   547  N  N   . ARG A 1 69  ? 8.715   5.684   8.028   1.00 57.56 ? 69  ARG A N   1 
ATOM   548  C  CA  . ARG A 1 69  ? 9.555   5.552   6.840   1.00 51.66 ? 69  ARG A CA  1 
ATOM   549  C  C   . ARG A 1 69  ? 9.690   6.863   6.072   1.00 49.06 ? 69  ARG A C   1 
ATOM   550  O  O   . ARG A 1 69  ? 10.747  7.158   5.512   1.00 51.11 ? 69  ARG A O   1 
ATOM   551  C  CB  . ARG A 1 69  ? 8.981   4.481   5.911   1.00 57.37 ? 69  ARG A CB  1 
ATOM   552  C  CG  . ARG A 1 69  ? 9.167   3.059   6.407   1.00 57.82 ? 69  ARG A CG  1 
ATOM   553  C  CD  . ARG A 1 69  ? 10.584  2.573   6.159   1.00 61.02 ? 69  ARG A CD  1 
ATOM   554  N  NE  . ARG A 1 69  ? 10.864  1.335   6.881   1.00 59.91 ? 69  ARG A NE  1 
ATOM   555  C  CZ  . ARG A 1 69  ? 11.068  0.152   6.308   1.00 57.79 ? 69  ARG A CZ  1 
ATOM   556  N  NH1 . ARG A 1 69  ? 11.040  0.023   4.985   1.00 57.33 ? 69  ARG A NH1 1 
ATOM   557  N  NH2 . ARG A 1 69  ? 11.312  -0.908  7.065   1.00 61.01 ? 69  ARG A NH2 1 
ATOM   558  N  N   . ILE A 1 70  ? 8.614   7.642   6.039   1.00 45.25 ? 70  ILE A N   1 
ATOM   559  C  CA  . ILE A 1 70  ? 8.610   8.906   5.316   1.00 45.01 ? 70  ILE A CA  1 
ATOM   560  C  C   . ILE A 1 70  ? 9.021   10.037  6.249   1.00 43.03 ? 70  ILE A C   1 
ATOM   561  O  O   . ILE A 1 70  ? 9.638   11.016  5.834   1.00 42.25 ? 70  ILE A O   1 
ATOM   562  C  CB  . ILE A 1 70  ? 7.210   9.223   4.750   1.00 42.18 ? 70  ILE A CB  1 
ATOM   563  C  CG1 . ILE A 1 70  ? 6.566   7.958   4.181   1.00 46.78 ? 70  ILE A CG1 1 
ATOM   564  C  CG2 . ILE A 1 70  ? 7.300   10.305  3.683   1.00 40.26 ? 70  ILE A CG2 1 
ATOM   565  C  CD1 . ILE A 1 70  ? 5.283   8.212   3.418   1.00 47.00 ? 70  ILE A CD1 1 
ATOM   566  N  N   . HIS A 1 71  ? 8.686   9.871   7.522   1.00 42.84 ? 71  HIS A N   1 
ATOM   567  C  CA  . HIS A 1 71  ? 8.823   10.923  8.522   1.00 40.62 ? 71  HIS A CA  1 
ATOM   568  C  C   . HIS A 1 71  ? 8.154   12.226  8.090   1.00 37.52 ? 71  HIS A C   1 
ATOM   569  O  O   . HIS A 1 71  ? 8.728   13.024  7.346   1.00 34.90 ? 71  HIS A O   1 
ATOM   570  C  CB  . HIS A 1 71  ? 10.282  11.188  8.876   1.00 37.10 ? 71  HIS A CB  1 
ATOM   571  C  CG  . HIS A 1 71  ? 10.440  12.066  10.073  1.00 34.73 ? 71  HIS A CG  1 
ATOM   572  N  ND1 . HIS A 1 71  ? 10.190  11.619  11.358  1.00 31.77 ? 71  HIS A ND1 1 
ATOM   573  C  CD2 . HIS A 1 71  ? 10.773  13.368  10.189  1.00 34.39 ? 71  HIS A CD2 1 
ATOM   574  C  CE1 . HIS A 1 71  ? 10.384  12.606  12.206  1.00 33.44 ? 71  HIS A CE1 1 
ATOM   575  N  NE2 . HIS A 1 71  ? 10.741  13.683  11.527  1.00 32.39 ? 71  HIS A NE2 1 
ATOM   576  N  N   . LEU A 1 72  ? 6.943   12.439  8.585   1.00 38.63 ? 72  LEU A N   1 
ATOM   577  C  CA  . LEU A 1 72  ? 6.175   13.620  8.236   1.00 38.27 ? 72  LEU A CA  1 
ATOM   578  C  C   . LEU A 1 72  ? 6.698   14.847  8.964   1.00 33.23 ? 72  LEU A C   1 
ATOM   579  O  O   . LEU A 1 72  ? 7.022   14.785  10.149  1.00 35.12 ? 72  LEU A O   1 
ATOM   580  C  CB  . LEU A 1 72  ? 4.705   13.411  8.585   1.00 40.72 ? 72  LEU A CB  1 
ATOM   581  C  CG  . LEU A 1 72  ? 4.027   12.226  7.900   1.00 38.61 ? 72  LEU A CG  1 
ATOM   582  C  CD1 . LEU A 1 72  ? 2.539   12.286  8.151   1.00 45.32 ? 72  LEU A CD1 1 
ATOM   583  C  CD2 . LEU A 1 72  ? 4.312   12.222  6.408   1.00 40.03 ? 72  LEU A CD2 1 
ATOM   584  N  N   . ARG A 1 73  ? 6.777   15.958  8.245   1.00 32.09 ? 73  ARG A N   1 
ATOM   585  C  CA  . ARG A 1 73  ? 7.170   17.227  8.837   1.00 35.15 ? 73  ARG A CA  1 
ATOM   586  C  C   . ARG A 1 73  ? 5.970   17.866  9.532   1.00 36.85 ? 73  ARG A C   1 
ATOM   587  O  O   . ARG A 1 73  ? 4.868   17.328  9.496   1.00 36.63 ? 73  ARG A O   1 
ATOM   588  C  CB  . ARG A 1 73  ? 7.736   18.162  7.767   1.00 34.29 ? 73  ARG A CB  1 
ATOM   589  C  CG  . ARG A 1 73  ? 9.254   18.137  7.643   1.00 37.04 ? 73  ARG A CG  1 
ATOM   590  C  CD  . ARG A 1 73  ? 9.802   16.800  7.154   1.00 36.31 ? 73  ARG A CD  1 
ATOM   591  N  NE  . ARG A 1 73  ? 11.227  16.913  6.851   1.00 37.58 ? 73  ARG A NE  1 
ATOM   592  C  CZ  . ARG A 1 73  ? 12.068  15.892  6.713   1.00 32.98 ? 73  ARG A CZ  1 
ATOM   593  N  NH1 . ARG A 1 73  ? 11.649  14.643  6.856   1.00 30.84 ? 73  ARG A NH1 1 
ATOM   594  N  NH2 . ARG A 1 73  ? 13.342  16.129  6.435   1.00 34.01 ? 73  ARG A NH2 1 
ATOM   595  N  N   . ALA A 1 74  ? 6.188   19.012  10.170  1.00 38.62 ? 74  ALA A N   1 
ATOM   596  C  CA  . ALA A 1 74  ? 5.136   19.679  10.933  1.00 39.90 ? 74  ALA A CA  1 
ATOM   597  C  C   . ALA A 1 74  ? 3.873   19.911  10.111  1.00 43.98 ? 74  ALA A C   1 
ATOM   598  O  O   . ALA A 1 74  ? 3.912   20.497  9.027   1.00 46.43 ? 74  ALA A O   1 
ATOM   599  C  CB  . ALA A 1 74  ? 5.642   20.998  11.484  1.00 46.08 ? 74  ALA A CB  1 
ATOM   600  N  N   . GLU A 1 75  ? 2.750   19.448  10.646  1.00 42.66 ? 75  GLU A N   1 
ATOM   601  C  CA  . GLU A 1 75  ? 1.448   19.677  10.032  1.00 51.06 ? 75  GLU A CA  1 
ATOM   602  C  C   . GLU A 1 75  ? 1.329   19.064  8.629   1.00 45.56 ? 75  GLU A C   1 
ATOM   603  O  O   . GLU A 1 75  ? 0.508   19.495  7.821   1.00 48.47 ? 75  GLU A O   1 
ATOM   604  C  CB  . GLU A 1 75  ? 1.131   21.177  10.013  1.00 54.42 ? 75  GLU A CB  1 
ATOM   605  C  CG  . GLU A 1 75  ? 1.400   21.867  11.356  1.00 56.22 ? 75  GLU A CG  1 
ATOM   606  C  CD  . GLU A 1 75  ? 0.456   23.022  11.643  1.00 57.32 ? 75  GLU A CD  1 
ATOM   607  O  OE1 . GLU A 1 75  ? -0.733  22.927  11.274  1.00 56.85 ? 75  GLU A OE1 1 
ATOM   608  O  OE2 . GLU A 1 75  ? 0.900   24.020  12.251  1.00 59.06 ? 75  GLU A OE2 1 
ATOM   609  N  N   . ASP A 1 76  ? 2.156   18.063  8.344   1.00 39.70 ? 76  ASP A N   1 
ATOM   610  C  CA  . ASP A 1 76  ? 1.883   17.147  7.246   1.00 38.43 ? 76  ASP A CA  1 
ATOM   611  C  C   . ASP A 1 76  ? 0.861   16.150  7.773   1.00 38.29 ? 76  ASP A C   1 
ATOM   612  O  O   . ASP A 1 76  ? 0.898   15.781  8.945   1.00 38.22 ? 76  ASP A O   1 
ATOM   613  C  CB  . ASP A 1 76  ? 3.139   16.383  6.817   1.00 35.43 ? 76  ASP A CB  1 
ATOM   614  C  CG  . ASP A 1 76  ? 4.024   17.173  5.872   1.00 36.69 ? 76  ASP A CG  1 
ATOM   615  O  OD1 . ASP A 1 76  ? 3.550   18.162  5.280   1.00 37.74 ? 76  ASP A OD1 1 
ATOM   616  O  OD2 . ASP A 1 76  ? 5.203   16.789  5.717   1.00 32.80 ? 76  ASP A OD2 1 
ATOM   617  N  N   . ALA A 1 77  ? -0.054  15.717  6.917   1.00 36.47 ? 77  ALA A N   1 
ATOM   618  C  CA  . ALA A 1 77  ? -0.975  14.649  7.280   1.00 41.99 ? 77  ALA A CA  1 
ATOM   619  C  C   . ALA A 1 77  ? -0.682  13.453  6.388   1.00 37.32 ? 77  ALA A C   1 
ATOM   620  O  O   . ALA A 1 77  ? -0.041  13.597  5.349   1.00 32.19 ? 77  ALA A O   1 
ATOM   621  C  CB  . ALA A 1 77  ? -2.417  15.107  7.112   1.00 41.20 ? 77  ALA A CB  1 
ATOM   622  N  N   . LEU A 1 78  ? -1.141  12.275  6.798   1.00 35.65 ? 78  LEU A N   1 
ATOM   623  C  CA  . LEU A 1 78  ? -0.922  11.066  6.016   1.00 34.39 ? 78  LEU A CA  1 
ATOM   624  C  C   . LEU A 1 78  ? -2.198  10.251  5.890   1.00 38.84 ? 78  LEU A C   1 
ATOM   625  O  O   . LEU A 1 78  ? -2.700  9.720   6.872   1.00 36.88 ? 78  LEU A O   1 
ATOM   626  C  CB  . LEU A 1 78  ? 0.161   10.208  6.666   1.00 36.76 ? 78  LEU A CB  1 
ATOM   627  C  CG  . LEU A 1 78  ? 0.369   8.832   6.040   1.00 35.10 ? 78  LEU A CG  1 
ATOM   628  C  CD1 . LEU A 1 78  ? 0.940   8.973   4.644   1.00 33.53 ? 78  LEU A CD1 1 
ATOM   629  C  CD2 . LEU A 1 78  ? 1.279   7.991   6.905   1.00 37.20 ? 78  LEU A CD2 1 
ATOM   630  N  N   . PHE A 1 79  ? -2.703  10.134  4.667   1.00 36.39 ? 79  PHE A N   1 
ATOM   631  C  CA  . PHE A 1 79  ? -3.917  9.375   4.406   1.00 37.51 ? 79  PHE A CA  1 
ATOM   632  C  C   . PHE A 1 79  ? -3.628  8.246   3.421   1.00 39.40 ? 79  PHE A C   1 
ATOM   633  O  O   . PHE A 1 79  ? -2.716  8.346   2.602   1.00 37.50 ? 79  PHE A O   1 
ATOM   634  C  CB  . PHE A 1 79  ? -5.006  10.296  3.852   1.00 38.02 ? 79  PHE A CB  1 
ATOM   635  C  CG  . PHE A 1 79  ? -5.387  11.412  4.786   1.00 42.99 ? 79  PHE A CG  1 
ATOM   636  C  CD1 . PHE A 1 79  ? -6.344  11.216  5.768   1.00 38.47 ? 79  PHE A CD1 1 
ATOM   637  C  CD2 . PHE A 1 79  ? -4.786  12.659  4.682   1.00 39.00 ? 79  PHE A CD2 1 
ATOM   638  C  CE1 . PHE A 1 79  ? -6.694  12.237  6.626   1.00 38.11 ? 79  PHE A CE1 1 
ATOM   639  C  CE2 . PHE A 1 79  ? -5.135  13.684  5.540   1.00 36.66 ? 79  PHE A CE2 1 
ATOM   640  C  CZ  . PHE A 1 79  ? -6.090  13.473  6.511   1.00 39.12 ? 79  PHE A CZ  1 
ATOM   641  N  N   . PHE A 1 80  ? -4.410  7.175   3.508   1.00 39.51 ? 80  PHE A N   1 
ATOM   642  C  CA  . PHE A 1 80  ? -4.272  6.046   2.598   1.00 38.88 ? 80  PHE A CA  1 
ATOM   643  C  C   . PHE A 1 80  ? -5.471  5.986   1.663   1.00 43.17 ? 80  PHE A C   1 
ATOM   644  O  O   . PHE A 1 80  ? -6.518  6.573   1.940   1.00 46.71 ? 80  PHE A O   1 
ATOM   645  C  CB  . PHE A 1 80  ? -4.156  4.729   3.372   1.00 39.04 ? 80  PHE A CB  1 
ATOM   646  C  CG  . PHE A 1 80  ? -2.818  4.516   4.025   1.00 35.43 ? 80  PHE A CG  1 
ATOM   647  C  CD1 . PHE A 1 80  ? -1.667  5.079   3.496   1.00 34.64 ? 80  PHE A CD1 1 
ATOM   648  C  CD2 . PHE A 1 80  ? -2.708  3.727   5.153   1.00 35.19 ? 80  PHE A CD2 1 
ATOM   649  C  CE1 . PHE A 1 80  ? -0.441  4.874   4.095   1.00 31.73 ? 80  PHE A CE1 1 
ATOM   650  C  CE2 . PHE A 1 80  ? -1.483  3.519   5.753   1.00 37.71 ? 80  PHE A CE2 1 
ATOM   651  C  CZ  . PHE A 1 80  ? -0.349  4.091   5.224   1.00 35.48 ? 80  PHE A CZ  1 
ATOM   652  N  N   . PHE A 1 81  ? -5.314  5.270   0.556   1.00 40.21 ? 81  PHE A N   1 
ATOM   653  C  CA  . PHE A 1 81  ? -6.381  5.134   -0.423  1.00 42.20 ? 81  PHE A CA  1 
ATOM   654  C  C   . PHE A 1 81  ? -6.315  3.780   -1.117  1.00 45.22 ? 81  PHE A C   1 
ATOM   655  O  O   . PHE A 1 81  ? -5.270  3.378   -1.623  1.00 40.35 ? 81  PHE A O   1 
ATOM   656  C  CB  . PHE A 1 81  ? -6.296  6.249   -1.464  1.00 45.29 ? 81  PHE A CB  1 
ATOM   657  C  CG  . PHE A 1 81  ? -6.539  7.619   -0.905  1.00 45.38 ? 81  PHE A CG  1 
ATOM   658  C  CD1 . PHE A 1 81  ? -7.827  8.065   -0.666  1.00 46.29 ? 81  PHE A CD1 1 
ATOM   659  C  CD2 . PHE A 1 81  ? -5.479  8.463   -0.626  1.00 41.00 ? 81  PHE A CD2 1 
ATOM   660  C  CE1 . PHE A 1 81  ? -8.052  9.326   -0.152  1.00 46.60 ? 81  PHE A CE1 1 
ATOM   661  C  CE2 . PHE A 1 81  ? -5.698  9.726   -0.114  1.00 42.49 ? 81  PHE A CE2 1 
ATOM   662  C  CZ  . PHE A 1 81  ? -6.986  10.158  0.123   1.00 43.56 ? 81  PHE A CZ  1 
ATOM   663  N  N   . VAL A 1 82  ? -7.444  3.081   -1.127  1.00 49.64 ? 82  VAL A N   1 
ATOM   664  C  CA  . VAL A 1 82  ? -7.569  1.817   -1.833  1.00 48.20 ? 82  VAL A CA  1 
ATOM   665  C  C   . VAL A 1 82  ? -8.882  1.821   -2.594  1.00 53.14 ? 82  VAL A C   1 
ATOM   666  O  O   . VAL A 1 82  ? -9.952  1.739   -1.994  1.00 58.32 ? 82  VAL A O   1 
ATOM   667  C  CB  . VAL A 1 82  ? -7.572  0.629   -0.867  1.00 46.44 ? 82  VAL A CB  1 
ATOM   668  C  CG1 . VAL A 1 82  ? -7.810  -0.659  -1.624  1.00 51.06 ? 82  VAL A CG1 1 
ATOM   669  C  CG2 . VAL A 1 82  ? -6.264  0.556   -0.111  1.00 44.60 ? 82  VAL A CG2 1 
ATOM   670  N  N   . ASN A 1 83  ? -8.795  1.916   -3.917  1.00 51.81 ? 83  ASN A N   1 
ATOM   671  C  CA  . ASN A 1 83  ? -9.979  2.030   -4.764  1.00 62.33 ? 83  ASN A CA  1 
ATOM   672  C  C   . ASN A 1 83  ? -10.703 3.359   -4.549  1.00 65.53 ? 83  ASN A C   1 
ATOM   673  O  O   . ASN A 1 83  ? -11.921 3.441   -4.702  1.00 63.72 ? 83  ASN A O   1 
ATOM   674  C  CB  . ASN A 1 83  ? -10.936 0.858   -4.517  1.00 61.29 ? 83  ASN A CB  1 
ATOM   675  C  CG  . ASN A 1 83  ? -10.290 -0.489  -4.782  1.00 58.56 ? 83  ASN A CG  1 
ATOM   676  O  OD1 . ASN A 1 83  ? -10.446 -1.429  -4.001  1.00 57.99 ? 83  ASN A OD1 1 
ATOM   677  N  ND2 . ASN A 1 83  ? -9.554  -0.589  -5.885  1.00 56.96 ? 83  ASN A ND2 1 
ATOM   678  N  N   . ASN A 1 84  ? -9.940  4.383   -4.168  1.00 62.69 ? 84  ASN A N   1 
ATOM   679  C  CA  . ASN A 1 84  ? -10.437 5.753   -4.046  1.00 60.40 ? 84  ASN A CA  1 
ATOM   680  C  C   . ASN A 1 84  ? -11.189 5.940   -2.735  1.00 57.55 ? 84  ASN A C   1 
ATOM   681  O  O   . ASN A 1 84  ? -12.085 6.777   -2.626  1.00 61.24 ? 84  ASN A O   1 
ATOM   682  C  CB  . ASN A 1 84  ? -11.336 6.140   -5.230  1.00 69.12 ? 84  ASN A CB  1 
ATOM   683  C  CG  . ASN A 1 84  ? -10.584 6.199   -6.556  1.00 69.96 ? 84  ASN A CG  1 
ATOM   684  O  OD1 . ASN A 1 84  ? -9.581  6.902   -6.684  1.00 66.83 ? 84  ASN A OD1 1 
ATOM   685  N  ND2 . ASN A 1 84  ? -11.094 5.485   -7.558  1.00 71.09 ? 84  ASN A ND2 1 
ATOM   686  N  N   . VAL A 1 85  ? -10.814 5.151   -1.736  1.00 51.70 ? 85  VAL A N   1 
ATOM   687  C  CA  . VAL A 1 85  ? -11.490 5.182   -0.450  1.00 53.91 ? 85  VAL A CA  1 
ATOM   688  C  C   . VAL A 1 85  ? -10.484 5.108   0.683   1.00 49.94 ? 85  VAL A C   1 
ATOM   689  O  O   . VAL A 1 85  ? -9.577  4.279   0.665   1.00 52.90 ? 85  VAL A O   1 
ATOM   690  C  CB  . VAL A 1 85  ? -12.461 3.995   -0.297  1.00 56.83 ? 85  VAL A CB  1 
ATOM   691  C  CG1 . VAL A 1 85  ? -13.338 4.179   0.936   1.00 54.11 ? 85  VAL A CG1 1 
ATOM   692  C  CG2 . VAL A 1 85  ? -13.310 3.835   -1.546  1.00 63.18 ? 85  VAL A CG2 1 
ATOM   693  N  N   . ILE A 1 86  ? -10.649 5.968   1.678   1.00 49.81 ? 86  ILE A N   1 
ATOM   694  C  CA  . ILE A 1 86  ? -9.803  5.908   2.858   1.00 50.24 ? 86  ILE A CA  1 
ATOM   695  C  C   . ILE A 1 86  ? -10.176 4.682   3.684   1.00 54.20 ? 86  ILE A C   1 
ATOM   696  O  O   . ILE A 1 86  ? -11.315 4.557   4.134   1.00 56.87 ? 86  ILE A O   1 
ATOM   697  C  CB  . ILE A 1 86  ? -9.945  7.169   3.724   1.00 49.10 ? 86  ILE A CB  1 
ATOM   698  C  CG1 . ILE A 1 86  ? -9.572  8.412   2.909   1.00 47.93 ? 86  ILE A CG1 1 
ATOM   699  C  CG2 . ILE A 1 86  ? -9.083  7.047   4.975   1.00 49.66 ? 86  ILE A CG2 1 
ATOM   700  C  CD1 . ILE A 1 86  ? -9.312  9.643   3.747   1.00 44.86 ? 86  ILE A CD1 1 
ATOM   701  N  N   . PRO A 1 87  ? -9.216  3.766   3.880   1.00 51.74 ? 87  PRO A N   1 
ATOM   702  C  CA  . PRO A 1 87  ? -9.487  2.559   4.666   1.00 53.09 ? 87  PRO A CA  1 
ATOM   703  C  C   . PRO A 1 87  ? -9.703  2.884   6.136   1.00 55.88 ? 87  PRO A C   1 
ATOM   704  O  O   . PRO A 1 87  ? -8.880  3.587   6.719   1.00 53.83 ? 87  PRO A O   1 
ATOM   705  C  CB  . PRO A 1 87  ? -8.201  1.731   4.507   1.00 55.21 ? 87  PRO A CB  1 
ATOM   706  C  CG  . PRO A 1 87  ? -7.436  2.366   3.395   1.00 53.01 ? 87  PRO A CG  1 
ATOM   707  C  CD  . PRO A 1 87  ? -7.830  3.801   3.385   1.00 48.92 ? 87  PRO A CD  1 
ATOM   708  N  N   . PRO A 1 88  ? -10.796 2.384   6.733   1.00 62.49 ? 88  PRO A N   1 
ATOM   709  C  CA  . PRO A 1 88  ? -10.996 2.584   8.171   1.00 58.80 ? 88  PRO A CA  1 
ATOM   710  C  C   . PRO A 1 88  ? -9.813  2.037   8.961   1.00 56.05 ? 88  PRO A C   1 
ATOM   711  O  O   . PRO A 1 88  ? -9.377  0.914   8.716   1.00 55.95 ? 88  PRO A O   1 
ATOM   712  C  CB  . PRO A 1 88  ? -12.265 1.769   8.462   1.00 65.24 ? 88  PRO A CB  1 
ATOM   713  C  CG  . PRO A 1 88  ? -12.377 0.817   7.302   1.00 64.24 ? 88  PRO A CG  1 
ATOM   714  C  CD  . PRO A 1 88  ? -11.911 1.627   6.144   1.00 61.72 ? 88  PRO A CD  1 
ATOM   715  N  N   . THR A 1 89  ? -9.300  2.831   9.893   1.00 59.82 ? 89  THR A N   1 
ATOM   716  C  CA  . THR A 1 89  ? -8.124  2.448   10.666  1.00 54.60 ? 89  THR A CA  1 
ATOM   717  C  C   . THR A 1 89  ? -8.373  1.206   11.520  1.00 53.06 ? 89  THR A C   1 
ATOM   718  O  O   . THR A 1 89  ? -7.434  0.605   12.041  1.00 50.13 ? 89  THR A O   1 
ATOM   719  C  CB  . THR A 1 89  ? -7.674  3.598   11.583  1.00 58.25 ? 89  THR A CB  1 
ATOM   720  O  OG1 . THR A 1 89  ? -8.802  4.101   12.309  1.00 61.77 ? 89  THR A OG1 1 
ATOM   721  C  CG2 . THR A 1 89  ? -7.061  4.728   10.762  1.00 57.27 ? 89  THR A CG2 1 
ATOM   722  N  N   . SER A 1 90  ? -9.638  0.825   11.662  1.00 58.77 ? 90  SER A N   1 
ATOM   723  C  CA  . SER A 1 90  ? -9.999  -0.327  12.484  1.00 61.45 ? 90  SER A CA  1 
ATOM   724  C  C   . SER A 1 90  ? -9.800  -1.639  11.728  1.00 59.14 ? 90  SER A C   1 
ATOM   725  O  O   . SER A 1 90  ? -9.527  -2.678  12.332  1.00 57.89 ? 90  SER A O   1 
ATOM   726  C  CB  . SER A 1 90  ? -11.447 -0.209  12.965  1.00 58.90 ? 90  SER A CB  1 
ATOM   727  O  OG  . SER A 1 90  ? -12.335 -0.006  11.879  1.00 62.10 ? 90  SER A OG  1 
ATOM   728  N  N   . ALA A 1 91  ? -9.939  -1.585  10.407  1.00 55.91 ? 91  ALA A N   1 
ATOM   729  C  CA  . ALA A 1 91  ? -9.763  -2.765  9.566   1.00 56.07 ? 91  ALA A CA  1 
ATOM   730  C  C   . ALA A 1 91  ? -8.342  -3.301  9.677   1.00 47.57 ? 91  ALA A C   1 
ATOM   731  O  O   . ALA A 1 91  ? -7.422  -2.566  10.016  1.00 50.15 ? 91  ALA A O   1 
ATOM   732  C  CB  . ALA A 1 91  ? -10.083 -2.431  8.118   1.00 56.98 ? 91  ALA A CB  1 
ATOM   733  N  N   . THR A 1 92  ? -8.168  -4.586  9.396   1.00 49.57 ? 92  THR A N   1 
ATOM   734  C  CA  . THR A 1 92  ? -6.842  -5.188  9.413   1.00 48.15 ? 92  THR A CA  1 
ATOM   735  C  C   . THR A 1 92  ? -6.320  -5.263  7.980   1.00 45.11 ? 92  THR A C   1 
ATOM   736  O  O   . THR A 1 92  ? -7.055  -4.988  7.034   1.00 44.26 ? 92  THR A O   1 
ATOM   737  C  CB  . THR A 1 92  ? -6.869  -6.586  10.075  1.00 49.66 ? 92  THR A CB  1 
ATOM   738  O  OG1 . THR A 1 92  ? -5.546  -6.969  10.468  1.00 51.83 ? 92  THR A OG1 1 
ATOM   739  C  CG2 . THR A 1 92  ? -7.432  -7.617  9.136   1.00 49.41 ? 92  THR A CG2 1 
ATOM   740  N  N   . MET A 1 93  ? -5.050  -5.615  7.818   1.00 43.03 ? 93  MET A N   1 
ATOM   741  C  CA  . MET A 1 93  ? -4.444  -5.672  6.495   1.00 43.57 ? 93  MET A CA  1 
ATOM   742  C  C   . MET A 1 93  ? -4.909  -6.917  5.757   1.00 39.41 ? 93  MET A C   1 
ATOM   743  O  O   . MET A 1 93  ? -4.970  -6.934  4.531   1.00 40.38 ? 93  MET A O   1 
ATOM   744  C  CB  . MET A 1 93  ? -2.920  -5.660  6.603   1.00 39.78 ? 93  MET A CB  1 
ATOM   745  C  CG  . MET A 1 93  ? -2.351  -4.388  7.209   1.00 41.09 ? 93  MET A CG  1 
ATOM   746  S  SD  . MET A 1 93  ? -2.139  -3.046  6.022   1.00 48.94 ? 93  MET A SD  1 
ATOM   747  C  CE  . MET A 1 93  ? -3.812  -2.440  5.849   1.00 46.74 ? 93  MET A CE  1 
ATOM   748  N  N   . GLY A 1 94  ? -5.239  -7.958  6.512   1.00 43.37 ? 94  GLY A N   1 
ATOM   749  C  CA  . GLY A 1 94  ? -5.742  -9.193  5.939   1.00 42.95 ? 94  GLY A CA  1 
ATOM   750  C  C   . GLY A 1 94  ? -7.142  -9.032  5.378   1.00 39.34 ? 94  GLY A C   1 
ATOM   751  O  O   . GLY A 1 94  ? -7.467  -9.602  4.341   1.00 38.76 ? 94  GLY A O   1 
ATOM   752  N  N   . GLN A 1 95  ? -7.968  -8.252  6.069   1.00 43.18 ? 95  GLN A N   1 
ATOM   753  C  CA  . GLN A 1 95  ? -9.332  -7.980  5.632   1.00 42.32 ? 95  GLN A CA  1 
ATOM   754  C  C   . GLN A 1 95  ? -9.301  -7.008  4.464   1.00 42.62 ? 95  GLN A C   1 
ATOM   755  O  O   . GLN A 1 95  ? -10.101 -7.104  3.534   1.00 42.97 ? 95  GLN A O   1 
ATOM   756  C  CB  . GLN A 1 95  ? -10.153 -7.380  6.776   1.00 46.57 ? 95  GLN A CB  1 
ATOM   757  C  CG  . GLN A 1 95  ? -10.375 -8.312  7.954   1.00 51.60 ? 95  GLN A CG  1 
ATOM   758  C  CD  . GLN A 1 95  ? -10.811 -7.569  9.206   1.00 60.46 ? 95  GLN A CD  1 
ATOM   759  O  OE1 . GLN A 1 95  ? -11.357 -6.466  9.127   1.00 55.40 ? 95  GLN A OE1 1 
ATOM   760  N  NE2 . GLN A 1 95  ? -10.568 -8.167  10.369  1.00 55.68 ? 95  GLN A NE2 1 
ATOM   761  N  N   . LEU A 1 96  ? -8.366  -6.067  4.525   1.00 42.21 ? 96  LEU A N   1 
ATOM   762  C  CA  . LEU A 1 96  ? -8.197  -5.086  3.466   1.00 43.71 ? 96  LEU A CA  1 
ATOM   763  C  C   . LEU A 1 96  ? -7.730  -5.779  2.192   1.00 40.13 ? 96  LEU A C   1 
ATOM   764  O  O   . LEU A 1 96  ? -8.188  -5.461  1.099   1.00 40.72 ? 96  LEU A O   1 
ATOM   765  C  CB  . LEU A 1 96  ? -7.182  -4.021  3.886   1.00 43.16 ? 96  LEU A CB  1 
ATOM   766  C  CG  . LEU A 1 96  ? -7.302  -2.693  3.139   1.00 43.60 ? 96  LEU A CG  1 
ATOM   767  C  CD1 . LEU A 1 96  ? -8.603  -2.004  3.508   1.00 49.24 ? 96  LEU A CD1 1 
ATOM   768  C  CD2 . LEU A 1 96  ? -6.117  -1.791  3.439   1.00 47.95 ? 96  LEU A CD2 1 
ATOM   769  N  N   . TYR A 1 97  ? -6.817  -6.734  2.341   1.00 39.61 ? 97  TYR A N   1 
ATOM   770  C  CA  . TYR A 1 97  ? -6.314  -7.486  1.202   1.00 38.76 ? 97  TYR A CA  1 
ATOM   771  C  C   . TYR A 1 97  ? -7.432  -8.330  0.603   1.00 36.32 ? 97  TYR A C   1 
ATOM   772  O  O   . TYR A 1 97  ? -7.655  -8.316  -0.601  1.00 34.35 ? 97  TYR A O   1 
ATOM   773  C  CB  . TYR A 1 97  ? -5.144  -8.385  1.608   1.00 34.45 ? 97  TYR A CB  1 
ATOM   774  C  CG  . TYR A 1 97  ? -4.646  -9.258  0.477   1.00 35.94 ? 97  TYR A CG  1 
ATOM   775  C  CD1 . TYR A 1 97  ? -5.196  -10.513 0.245   1.00 33.56 ? 97  TYR A CD1 1 
ATOM   776  C  CD2 . TYR A 1 97  ? -3.639  -8.818  -0.373  1.00 34.09 ? 97  TYR A CD2 1 
ATOM   777  C  CE1 . TYR A 1 97  ? -4.752  -11.308 -0.796  1.00 29.64 ? 97  TYR A CE1 1 
ATOM   778  C  CE2 . TYR A 1 97  ? -3.187  -9.606  -1.413  1.00 33.77 ? 97  TYR A CE2 1 
ATOM   779  C  CZ  . TYR A 1 97  ? -3.749  -10.851 -1.621  1.00 32.16 ? 97  TYR A CZ  1 
ATOM   780  O  OH  . TYR A 1 97  ? -3.302  -11.637 -2.659  1.00 32.42 ? 97  TYR A OH  1 
ATOM   781  N  N   . GLN A 1 98  ? -8.134  -9.064  1.458   1.00 36.58 ? 98  GLN A N   1 
ATOM   782  C  CA  . GLN A 1 98  ? -9.232  -9.907  1.012   1.00 40.62 ? 98  GLN A CA  1 
ATOM   783  C  C   . GLN A 1 98  ? -10.233 -9.082  0.220   1.00 40.81 ? 98  GLN A C   1 
ATOM   784  O  O   . GLN A 1 98  ? -10.712 -9.501  -0.833  1.00 40.60 ? 98  GLN A O   1 
ATOM   785  C  CB  . GLN A 1 98  ? -9.931  -10.545 2.216   1.00 39.61 ? 98  GLN A CB  1 
ATOM   786  C  CG  . GLN A 1 98  ? -11.153 -11.372 1.850   1.00 47.12 ? 98  GLN A CG  1 
ATOM   787  C  CD  . GLN A 1 98  ? -11.922 -11.856 3.068   1.00 49.80 ? 98  GLN A CD  1 
ATOM   788  O  OE1 . GLN A 1 98  ? -11.334 -12.196 4.096   1.00 55.09 ? 98  GLN A OE1 1 
ATOM   789  N  NE2 . GLN A 1 98  ? -13.245 -11.889 2.954   1.00 45.40 ? 98  GLN A NE2 1 
ATOM   790  N  N   . GLU A 1 99  ? -10.525 -7.893  0.732   1.00 40.81 ? 99  GLU A N   1 
ATOM   791  C  CA  . GLU A 1 99  ? -11.617 -7.077  0.227   1.00 42.27 ? 99  GLU A CA  1 
ATOM   792  C  C   . GLU A 1 99  ? -11.207 -6.170  -0.936  1.00 45.55 ? 99  GLU A C   1 
ATOM   793  O  O   . GLU A 1 99  ? -12.062 -5.719  -1.697  1.00 49.62 ? 99  GLU A O   1 
ATOM   794  C  CB  . GLU A 1 99  ? -12.179 -6.229  1.371   1.00 46.76 ? 99  GLU A CB  1 
ATOM   795  C  CG  . GLU A 1 99  ? -13.357 -5.345  0.999   1.00 51.98 ? 99  GLU A CG  1 
ATOM   796  C  CD  . GLU A 1 99  ? -13.760 -4.416  2.130   1.00 52.13 ? 99  GLU A CD  1 
ATOM   797  O  OE1 . GLU A 1 99  ? -13.256 -4.601  3.259   1.00 53.02 ? 99  GLU A OE1 1 
ATOM   798  O  OE2 . GLU A 1 99  ? -14.576 -3.500  1.891   1.00 53.70 ? 99  GLU A OE2 1 
ATOM   799  N  N   . HIS A 1 100 ? -9.910  -5.911  -1.085  1.00 42.09 ? 100 HIS A N   1 
ATOM   800  C  CA  . HIS A 1 100 ? -9.455  -4.884  -2.024  1.00 42.43 ? 100 HIS A CA  1 
ATOM   801  C  C   . HIS A 1 100 ? -8.268  -5.272  -2.908  1.00 38.92 ? 100 HIS A C   1 
ATOM   802  O  O   . HIS A 1 100 ? -7.765  -4.441  -3.659  1.00 39.68 ? 100 HIS A O   1 
ATOM   803  C  CB  . HIS A 1 100 ? -9.090  -3.611  -1.257  1.00 45.58 ? 100 HIS A CB  1 
ATOM   804  C  CG  . HIS A 1 100 ? -10.269 -2.892  -0.683  1.00 44.43 ? 100 HIS A CG  1 
ATOM   805  N  ND1 . HIS A 1 100 ? -11.197 -2.245  -1.469  1.00 47.87 ? 100 HIS A ND1 1 
ATOM   806  C  CD2 . HIS A 1 100 ? -10.663 -2.707  0.598   1.00 47.92 ? 100 HIS A CD2 1 
ATOM   807  C  CE1 . HIS A 1 100 ? -12.120 -1.698  -0.697  1.00 52.89 ? 100 HIS A CE1 1 
ATOM   808  N  NE2 . HIS A 1 100 ? -11.818 -1.963  0.562   1.00 53.88 ? 100 HIS A NE2 1 
ATOM   809  N  N   . HIS A 1 101 ? -7.814  -6.517  -2.827  1.00 37.13 ? 101 HIS A N   1 
ATOM   810  C  CA  . HIS A 1 101 ? -6.660  -6.927  -3.615  1.00 33.50 ? 101 HIS A CA  1 
ATOM   811  C  C   . HIS A 1 101 ? -7.005  -6.912  -5.092  1.00 32.82 ? 101 HIS A C   1 
ATOM   812  O  O   . HIS A 1 101 ? -8.102  -7.296  -5.493  1.00 33.94 ? 101 HIS A O   1 
ATOM   813  C  CB  . HIS A 1 101 ? -6.176  -8.322  -3.215  1.00 30.68 ? 101 HIS A CB  1 
ATOM   814  C  CG  . HIS A 1 101 ? -7.175  -9.406  -3.477  1.00 35.79 ? 101 HIS A CG  1 
ATOM   815  N  ND1 . HIS A 1 101 ? -8.073  -9.837  -2.524  1.00 34.44 ? 101 HIS A ND1 1 
ATOM   816  C  CD2 . HIS A 1 101 ? -7.417  -10.147 -4.583  1.00 34.43 ? 101 HIS A CD2 1 
ATOM   817  C  CE1 . HIS A 1 101 ? -8.824  -10.796 -3.031  1.00 34.35 ? 101 HIS A CE1 1 
ATOM   818  N  NE2 . HIS A 1 101 ? -8.448  -11.005 -4.278  1.00 32.40 ? 101 HIS A NE2 1 
ATOM   819  N  N   . GLU A 1 102 ? -6.062  -6.446  -5.897  1.00 34.45 ? 102 GLU A N   1 
ATOM   820  C  CA  . GLU A 1 102 ? -6.177  -6.534  -7.341  1.00 32.62 ? 102 GLU A CA  1 
ATOM   821  C  C   . GLU A 1 102 ? -5.915  -7.982  -7.732  1.00 37.12 ? 102 GLU A C   1 
ATOM   822  O  O   . GLU A 1 102 ? -5.383  -8.757  -6.935  1.00 35.03 ? 102 GLU A O   1 
ATOM   823  C  CB  . GLU A 1 102 ? -5.172  -5.596  -8.002  1.00 34.57 ? 102 GLU A CB  1 
ATOM   824  C  CG  . GLU A 1 102 ? -5.642  -5.000  -9.308  1.00 42.90 ? 102 GLU A CG  1 
ATOM   825  C  CD  . GLU A 1 102 ? -5.074  -3.615  -9.546  1.00 42.41 ? 102 GLU A CD  1 
ATOM   826  O  OE1 . GLU A 1 102 ? -5.358  -2.709  -8.731  1.00 40.08 ? 102 GLU A OE1 1 
ATOM   827  O  OE2 . GLU A 1 102 ? -4.350  -3.428  -10.549 1.00 45.57 ? 102 GLU A OE2 1 
ATOM   828  N  N   . GLU A 1 103 ? -6.283  -8.355  -8.951  1.00 34.73 ? 103 GLU A N   1 
ATOM   829  C  CA  . GLU A 1 103 ? -6.232  -9.759  -9.342  1.00 33.74 ? 103 GLU A CA  1 
ATOM   830  C  C   . GLU A 1 103 ? -4.851  -10.175 -9.837  1.00 33.77 ? 103 GLU A C   1 
ATOM   831  O  O   . GLU A 1 103 ? -4.696  -11.211 -10.481 1.00 33.90 ? 103 GLU A O   1 
ATOM   832  C  CB  . GLU A 1 103 ? -7.315  -10.064 -10.379 1.00 34.57 ? 103 GLU A CB  1 
ATOM   833  C  CG  . GLU A 1 103 ? -8.718  -9.725  -9.888  1.00 32.70 ? 103 GLU A CG  1 
ATOM   834  C  CD  . GLU A 1 103 ? -9.012  -10.302 -8.509  1.00 35.77 ? 103 GLU A CD  1 
ATOM   835  O  OE1 . GLU A 1 103 ? -8.592  -11.447 -8.241  1.00 32.76 ? 103 GLU A OE1 1 
ATOM   836  O  OE2 . GLU A 1 103 ? -9.662  -9.613  -7.691  1.00 37.23 ? 103 GLU A OE2 1 
ATOM   837  N  N   . ASP A 1 104 ? -3.849  -9.359  -9.527  1.00 32.82 ? 104 ASP A N   1 
ATOM   838  C  CA  . ASP A 1 104 ? -2.458  -9.789  -9.626  1.00 34.25 ? 104 ASP A CA  1 
ATOM   839  C  C   . ASP A 1 104 ? -1.988  -10.274 -8.252  1.00 30.43 ? 104 ASP A C   1 
ATOM   840  O  O   . ASP A 1 104 ? -0.807  -10.559 -8.045  1.00 32.15 ? 104 ASP A O   1 
ATOM   841  C  CB  . ASP A 1 104 ? -1.563  -8.659  -10.148 1.00 37.08 ? 104 ASP A CB  1 
ATOM   842  C  CG  . ASP A 1 104 ? -1.716  -7.368  -9.356  1.00 32.83 ? 104 ASP A CG  1 
ATOM   843  O  OD1 . ASP A 1 104 ? -2.251  -7.401  -8.233  1.00 27.81 ? 104 ASP A OD1 1 
ATOM   844  O  OD2 . ASP A 1 104 ? -1.299  -6.311  -9.863  1.00 36.54 ? 104 ASP A OD2 1 
ATOM   845  N  N   . PHE A 1 105 ? -2.940  -10.361 -7.324  1.00 30.98 ? 105 PHE A N   1 
ATOM   846  C  CA  . PHE A 1 105 ? -2.704  -10.817 -5.950  1.00 32.40 ? 105 PHE A CA  1 
ATOM   847  C  C   . PHE A 1 105 ? -1.950  -9.805  -5.080  1.00 29.21 ? 105 PHE A C   1 
ATOM   848  O  O   . PHE A 1 105 ? -1.521  -10.132 -3.974  1.00 30.56 ? 105 PHE A O   1 
ATOM   849  C  CB  . PHE A 1 105 ? -2.004  -12.181 -5.944  1.00 32.04 ? 105 PHE A CB  1 
ATOM   850  C  CG  . PHE A 1 105 ? -2.821  -13.273 -6.570  1.00 31.89 ? 105 PHE A CG  1 
ATOM   851  C  CD1 . PHE A 1 105 ? -4.019  -13.669 -5.998  1.00 37.06 ? 105 PHE A CD1 1 
ATOM   852  C  CD2 . PHE A 1 105 ? -2.405  -13.892 -7.738  1.00 36.31 ? 105 PHE A CD2 1 
ATOM   853  C  CE1 . PHE A 1 105 ? -4.783  -14.667 -6.575  1.00 38.62 ? 105 PHE A CE1 1 
ATOM   854  C  CE2 . PHE A 1 105 ? -3.167  -14.892 -8.319  1.00 34.33 ? 105 PHE A CE2 1 
ATOM   855  C  CZ  . PHE A 1 105 ? -4.356  -15.279 -7.735  1.00 33.34 ? 105 PHE A CZ  1 
ATOM   856  N  N   . PHE A 1 106 ? -1.814  -8.576  -5.572  1.00 28.99 ? 106 PHE A N   1 
ATOM   857  C  CA  . PHE A 1 106 ? -1.235  -7.487  -4.786  1.00 30.14 ? 106 PHE A CA  1 
ATOM   858  C  C   . PHE A 1 106 ? -2.315  -6.527  -4.302  1.00 30.81 ? 106 PHE A C   1 
ATOM   859  O  O   . PHE A 1 106 ? -3.344  -6.351  -4.950  1.00 31.23 ? 106 PHE A O   1 
ATOM   860  C  CB  . PHE A 1 106 ? -0.213  -6.694  -5.603  1.00 28.11 ? 106 PHE A CB  1 
ATOM   861  C  CG  . PHE A 1 106 ? 0.951   -7.504  -6.076  1.00 28.24 ? 106 PHE A CG  1 
ATOM   862  C  CD1 . PHE A 1 106 ? 1.518   -8.470  -5.266  1.00 32.75 ? 106 PHE A CD1 1 
ATOM   863  C  CD2 . PHE A 1 106 ? 1.496   -7.282  -7.323  1.00 32.97 ? 106 PHE A CD2 1 
ATOM   864  C  CE1 . PHE A 1 106 ? 2.595   -9.215  -5.705  1.00 36.92 ? 106 PHE A CE1 1 
ATOM   865  C  CE2 . PHE A 1 106 ? 2.573   -8.018  -7.768  1.00 32.73 ? 106 PHE A CE2 1 
ATOM   866  C  CZ  . PHE A 1 106 ? 3.123   -8.985  -6.960  1.00 34.51 ? 106 PHE A CZ  1 
ATOM   867  N  N   . LEU A 1 107 ? -2.061  -5.903  -3.157  1.00 32.53 ? 107 LEU A N   1 
ATOM   868  C  CA  . LEU A 1 107 ? -2.922  -4.852  -2.633  1.00 32.26 ? 107 LEU A CA  1 
ATOM   869  C  C   . LEU A 1 107 ? -2.270  -3.513  -2.950  1.00 30.41 ? 107 LEU A C   1 
ATOM   870  O  O   . LEU A 1 107 ? -1.079  -3.340  -2.726  1.00 28.02 ? 107 LEU A O   1 
ATOM   871  C  CB  . LEU A 1 107 ? -3.090  -5.016  -1.121  1.00 29.63 ? 107 LEU A CB  1 
ATOM   872  C  CG  . LEU A 1 107 ? -3.879  -3.925  -0.398  1.00 34.80 ? 107 LEU A CG  1 
ATOM   873  C  CD1 . LEU A 1 107 ? -5.292  -3.850  -0.936  1.00 33.53 ? 107 LEU A CD1 1 
ATOM   874  C  CD2 . LEU A 1 107 ? -3.887  -4.179  1.103   1.00 38.56 ? 107 LEU A CD2 1 
ATOM   875  N  N   . TYR A 1 108 ? -3.046  -2.570  -3.473  1.00 29.00 ? 108 TYR A N   1 
ATOM   876  C  CA  . TYR A 1 108 ? -2.497  -1.281  -3.882  1.00 33.11 ? 108 TYR A CA  1 
ATOM   877  C  C   . TYR A 1 108 ? -2.993  -0.141  -3.001  1.00 30.89 ? 108 TYR A C   1 
ATOM   878  O  O   . TYR A 1 108 ? -4.191  0.122   -2.912  1.00 33.87 ? 108 TYR A O   1 
ATOM   879  C  CB  . TYR A 1 108 ? -2.825  -0.997  -5.353  1.00 33.49 ? 108 TYR A CB  1 
ATOM   880  C  CG  . TYR A 1 108 ? -2.054  -1.867  -6.320  1.00 34.13 ? 108 TYR A CG  1 
ATOM   881  C  CD1 . TYR A 1 108 ? -2.539  -3.110  -6.703  1.00 34.30 ? 108 TYR A CD1 1 
ATOM   882  C  CD2 . TYR A 1 108 ? -0.840  -1.449  -6.841  1.00 32.88 ? 108 TYR A CD2 1 
ATOM   883  C  CE1 . TYR A 1 108 ? -1.837  -3.908  -7.582  1.00 32.84 ? 108 TYR A CE1 1 
ATOM   884  C  CE2 . TYR A 1 108 ? -0.129  -2.240  -7.717  1.00 31.43 ? 108 TYR A CE2 1 
ATOM   885  C  CZ  . TYR A 1 108 ? -0.634  -3.471  -8.083  1.00 31.54 ? 108 TYR A CZ  1 
ATOM   886  O  OH  . TYR A 1 108 ? 0.063   -4.270  -8.955  1.00 29.78 ? 108 TYR A OH  1 
ATOM   887  N  N   . ILE A 1 109 ? -2.053  0.538   -2.355  1.00 30.68 ? 109 ILE A N   1 
ATOM   888  C  CA  . ILE A 1 109 ? -2.369  1.671   -1.499  1.00 32.10 ? 109 ILE A CA  1 
ATOM   889  C  C   . ILE A 1 109 ? -1.617  2.918   -1.940  1.00 31.72 ? 109 ILE A C   1 
ATOM   890  O  O   . ILE A 1 109 ? -0.389  2.918   -2.006  1.00 30.41 ? 109 ILE A O   1 
ATOM   891  C  CB  . ILE A 1 109 ? -1.994  1.386   -0.040  1.00 30.44 ? 109 ILE A CB  1 
ATOM   892  C  CG1 . ILE A 1 109 ? -2.783  0.187   0.481   1.00 32.73 ? 109 ILE A CG1 1 
ATOM   893  C  CG2 . ILE A 1 109 ? -2.244  2.621   0.818   1.00 35.99 ? 109 ILE A CG2 1 
ATOM   894  C  CD1 . ILE A 1 109 ? -2.519  -0.136  1.937   1.00 37.34 ? 109 ILE A CD1 1 
ATOM   895  N  N   . ALA A 1 110 ? -2.361  3.974   -2.249  1.00 30.51 ? 110 ALA A N   1 
ATOM   896  C  CA  . ALA A 1 110 ? -1.774  5.282   -2.491  1.00 35.02 ? 110 ALA A CA  1 
ATOM   897  C  C   . ALA A 1 110 ? -1.818  6.093   -1.201  1.00 36.69 ? 110 ALA A C   1 
ATOM   898  O  O   . ALA A 1 110 ? -2.766  5.987   -0.429  1.00 39.38 ? 110 ALA A O   1 
ATOM   899  C  CB  . ALA A 1 110 ? -2.523  6.003   -3.594  1.00 37.42 ? 110 ALA A CB  1 
ATOM   900  N  N   . TYR A 1 111 ? -0.788  6.894   -0.959  1.00 35.23 ? 111 TYR A N   1 
ATOM   901  C  CA  . TYR A 1 111 ? -0.768  7.745   0.221   1.00 33.96 ? 111 TYR A CA  1 
ATOM   902  C  C   . TYR A 1 111 ? -0.660  9.202   -0.187  1.00 34.57 ? 111 TYR A C   1 
ATOM   903  O  O   . TYR A 1 111 ? -0.074  9.531   -1.213  1.00 33.56 ? 111 TYR A O   1 
ATOM   904  C  CB  . TYR A 1 111 ? 0.371   7.357   1.171   1.00 35.31 ? 111 TYR A CB  1 
ATOM   905  C  CG  . TYR A 1 111 ? 1.763   7.698   0.684   1.00 32.64 ? 111 TYR A CG  1 
ATOM   906  C  CD1 . TYR A 1 111 ? 2.321   8.948   0.923   1.00 37.05 ? 111 TYR A CD1 1 
ATOM   907  C  CD2 . TYR A 1 111 ? 2.530   6.757   0.010   1.00 34.64 ? 111 TYR A CD2 1 
ATOM   908  C  CE1 . TYR A 1 111 ? 3.603   9.255   0.487   1.00 35.69 ? 111 TYR A CE1 1 
ATOM   909  C  CE2 . TYR A 1 111 ? 3.808   7.054   -0.429  1.00 33.30 ? 111 TYR A CE2 1 
ATOM   910  C  CZ  . TYR A 1 111 ? 4.340   8.301   -0.186  1.00 33.38 ? 111 TYR A CZ  1 
ATOM   911  O  OH  . TYR A 1 111 ? 5.609   8.593   -0.624  1.00 34.39 ? 111 TYR A OH  1 
ATOM   912  N  N   . SER A 1 112 ? -1.244  10.075  0.623   1.00 34.77 ? 112 SER A N   1 
ATOM   913  C  CA  . SER A 1 112 ? -1.284  11.494  0.315   1.00 35.89 ? 112 SER A CA  1 
ATOM   914  C  C   . SER A 1 112 ? -1.280  12.294  1.609   1.00 30.91 ? 112 SER A C   1 
ATOM   915  O  O   . SER A 1 112 ? -1.501  11.746  2.682   1.00 29.45 ? 112 SER A O   1 
ATOM   916  C  CB  . SER A 1 112 ? -2.542  11.808  -0.496  1.00 35.00 ? 112 SER A CB  1 
ATOM   917  O  OG  . SER A 1 112 ? -2.461  13.080  -1.115  1.00 36.27 ? 112 SER A OG  1 
ATOM   918  N  N   . ASP A 1 113 ? -1.006  13.589  1.512   1.00 34.16 ? 113 ASP A N   1 
ATOM   919  C  CA  . ASP A 1 113 ? -1.127  14.472  2.664   1.00 32.09 ? 113 ASP A CA  1 
ATOM   920  C  C   . ASP A 1 113 ? -2.526  15.088  2.690   1.00 31.77 ? 113 ASP A C   1 
ATOM   921  O  O   . ASP A 1 113 ? -2.879  15.820  3.615   1.00 33.12 ? 113 ASP A O   1 
ATOM   922  C  CB  . ASP A 1 113 ? -0.064  15.569  2.622   1.00 31.45 ? 113 ASP A CB  1 
ATOM   923  C  CG  . ASP A 1 113 ? -0.297  16.562  1.500   1.00 34.72 ? 113 ASP A CG  1 
ATOM   924  O  OD1 . ASP A 1 113 ? -0.529  16.124  0.353   1.00 33.70 ? 113 ASP A OD1 1 
ATOM   925  O  OD2 . ASP A 1 113 ? -0.249  17.782  1.765   1.00 36.18 ? 113 ASP A OD2 1 
ATOM   926  N  N   . GLU A 1 114 ? -3.317  14.781  1.664   1.00 31.55 ? 114 GLU A N   1 
ATOM   927  C  CA  . GLU A 1 114 ? -4.685  15.271  1.560   1.00 35.81 ? 114 GLU A CA  1 
ATOM   928  C  C   . GLU A 1 114 ? -5.693  14.125  1.740   1.00 39.52 ? 114 GLU A C   1 
ATOM   929  O  O   . GLU A 1 114 ? -5.402  12.977  1.394   1.00 36.45 ? 114 GLU A O   1 
ATOM   930  C  CB  . GLU A 1 114 ? -4.881  15.954  0.205   1.00 36.23 ? 114 GLU A CB  1 
ATOM   931  C  CG  . GLU A 1 114 ? -6.132  16.792  0.113   1.00 40.42 ? 114 GLU A CG  1 
ATOM   932  C  CD  . GLU A 1 114 ? -6.169  17.879  1.160   1.00 37.14 ? 114 GLU A CD  1 
ATOM   933  O  OE1 . GLU A 1 114 ? -5.416  18.865  1.027   1.00 37.63 ? 114 GLU A OE1 1 
ATOM   934  O  OE2 . GLU A 1 114 ? -6.957  17.748  2.117   1.00 40.41 ? 114 GLU A OE2 1 
ATOM   935  N  N   . SER A 1 115 ? -6.873  14.441  2.277   1.00 39.03 ? 115 SER A N   1 
ATOM   936  C  CA  . SER A 1 115 ? -7.886  13.425  2.586   1.00 36.71 ? 115 SER A CA  1 
ATOM   937  C  C   . SER A 1 115 ? -8.728  13.046  1.368   1.00 38.79 ? 115 SER A C   1 
ATOM   938  O  O   . SER A 1 115 ? -9.656  12.240  1.466   1.00 39.69 ? 115 SER A O   1 
ATOM   939  C  CB  . SER A 1 115 ? -8.803  13.900  3.724   1.00 36.92 ? 115 SER A CB  1 
ATOM   940  O  OG  . SER A 1 115 ? -9.880  14.693  3.250   1.00 28.67 ? 115 SER A OG  1 
ATOM   941  N  N   . VAL A 1 116 ? -8.399  13.635  0.224   1.00 40.98 ? 116 VAL A N   1 
ATOM   942  C  CA  . VAL A 1 116 ? -9.086  13.338  -1.027  1.00 41.12 ? 116 VAL A CA  1 
ATOM   943  C  C   . VAL A 1 116 ? -8.047  12.951  -2.069  1.00 40.89 ? 116 VAL A C   1 
ATOM   944  O  O   . VAL A 1 116 ? -7.038  13.636  -2.227  1.00 37.07 ? 116 VAL A O   1 
ATOM   945  C  CB  . VAL A 1 116 ? -9.883  14.553  -1.529  1.00 39.25 ? 116 VAL A CB  1 
ATOM   946  C  CG1 . VAL A 1 116 ? -10.578 14.229  -2.838  1.00 41.32 ? 116 VAL A CG1 1 
ATOM   947  C  CG2 . VAL A 1 116 ? -10.893 14.995  -0.481  1.00 37.75 ? 116 VAL A CG2 1 
ATOM   948  N  N   . TYR A 1 117 ? -8.292  11.853  -2.780  1.00 45.36 ? 117 TYR A N   1 
ATOM   949  C  CA  . TYR A 1 117 ? -7.301  11.313  -3.706  1.00 42.33 ? 117 TYR A CA  1 
ATOM   950  C  C   . TYR A 1 117 ? -7.020  12.229  -4.892  1.00 41.98 ? 117 TYR A C   1 
ATOM   951  O  O   . TYR A 1 117 ? -7.936  12.641  -5.606  1.00 41.51 ? 117 TYR A O   1 
ATOM   952  C  CB  . TYR A 1 117 ? -7.736  9.947   -4.232  1.00 47.03 ? 117 TYR A CB  1 
ATOM   953  C  CG  . TYR A 1 117 ? -6.740  9.358   -5.201  1.00 47.35 ? 117 TYR A CG  1 
ATOM   954  C  CD1 . TYR A 1 117 ? -5.629  8.663   -4.744  1.00 47.21 ? 117 TYR A CD1 1 
ATOM   955  C  CD2 . TYR A 1 117 ? -6.896  9.519   -6.571  1.00 47.73 ? 117 TYR A CD2 1 
ATOM   956  C  CE1 . TYR A 1 117 ? -4.709  8.133   -5.624  1.00 46.23 ? 117 TYR A CE1 1 
ATOM   957  C  CE2 . TYR A 1 117 ? -5.980  8.991   -7.458  1.00 51.69 ? 117 TYR A CE2 1 
ATOM   958  C  CZ  . TYR A 1 117 ? -4.889  8.300   -6.978  1.00 46.64 ? 117 TYR A CZ  1 
ATOM   959  O  OH  . TYR A 1 117 ? -3.971  7.771   -7.853  1.00 50.67 ? 117 TYR A OH  1 
ATOM   960  N  N   . GLY A 1 118 ? -5.743  12.531  -5.102  1.00 41.55 ? 118 GLY A N   1 
ATOM   961  C  CA  . GLY A 1 118 ? -5.315  13.281  -6.269  1.00 42.04 ? 118 GLY A CA  1 
ATOM   962  C  C   . GLY A 1 118 ? -5.584  14.771  -6.184  1.00 36.61 ? 118 GLY A C   1 
ATOM   963  O  O   . GLY A 1 118 ? -5.508  15.479  -7.188  1.00 42.78 ? 118 GLY A O   1 
ATOM   964  N  N   . LEU A 1 119 ? -5.894  15.255  -4.986  1.00 35.68 ? 119 LEU A N   1 
ATOM   965  C  CA  . LEU A 1 119 ? -6.180  16.670  -4.792  1.00 41.60 ? 119 LEU A CA  1 
ATOM   966  C  C   . LEU A 1 119 ? -4.902  17.399  -4.405  1.00 37.90 ? 119 LEU A C   1 
ATOM   967  O  O   . LEU A 1 119 ? -4.155  16.911  -3.564  1.00 32.76 ? 119 LEU A O   1 
ATOM   968  C  CB  . LEU A 1 119 ? -7.244  16.861  -3.708  1.00 40.24 ? 119 LEU A CB  1 
ATOM   969  C  CG  . LEU A 1 119 ? -7.785  18.281  -3.522  1.00 42.30 ? 119 LEU A CG  1 
ATOM   970  C  CD1 . LEU A 1 119 ? -8.436  18.789  -4.801  1.00 38.98 ? 119 LEU A CD1 1 
ATOM   971  C  CD2 . LEU A 1 119 ? -8.770  18.330  -2.364  1.00 37.07 ? 119 LEU A CD2 1 
ATOM   972  O  OXT . LEU A 1 119 ? -4.587  18.473  -4.921  1.00 38.70 ? 119 LEU A OXT 1 
ATOM   973  N  N   . ASP B 2 5   ? 14.038  -7.915  -2.614  1.00 58.73 ? 5   ASP B N   1 
ATOM   974  C  CA  . ASP B 2 5   ? 13.207  -6.987  -3.373  1.00 53.78 ? 5   ASP B CA  1 
ATOM   975  C  C   . ASP B 2 5   ? 12.055  -6.485  -2.505  1.00 55.00 ? 5   ASP B C   1 
ATOM   976  O  O   . ASP B 2 5   ? 11.760  -5.290  -2.481  1.00 53.40 ? 5   ASP B O   1 
ATOM   977  C  CB  . ASP B 2 5   ? 12.665  -7.671  -4.629  1.00 52.31 ? 5   ASP B CB  1 
ATOM   978  C  CG  . ASP B 2 5   ? 12.211  -6.680  -5.685  1.00 53.19 ? 5   ASP B CG  1 
ATOM   979  O  OD1 . ASP B 2 5   ? 12.650  -5.510  -5.643  1.00 52.53 ? 5   ASP B OD1 1 
ATOM   980  O  OD2 . ASP B 2 5   ? 11.420  -7.078  -6.564  1.00 54.75 ? 5   ASP B OD2 1 
ATOM   981  N  N   . TRP B 2 6   ? 11.410  -7.404  -1.793  1.00 51.03 ? 6   TRP B N   1 
ATOM   982  C  CA  . TRP B 2 6   ? 10.326  -7.051  -0.886  1.00 46.74 ? 6   TRP B CA  1 
ATOM   983  C  C   . TRP B 2 6   ? 10.864  -6.663  0.483   1.00 47.42 ? 6   TRP B C   1 
ATOM   984  O  O   . TRP B 2 6   ? 11.730  -7.336  1.039   1.00 51.03 ? 6   TRP B O   1 
ATOM   985  C  CB  . TRP B 2 6   ? 9.355   -8.220  -0.717  1.00 43.97 ? 6   TRP B CB  1 
ATOM   986  C  CG  . TRP B 2 6   ? 8.551   -8.538  -1.932  1.00 41.56 ? 6   TRP B CG  1 
ATOM   987  C  CD1 . TRP B 2 6   ? 8.896   -9.388  -2.940  1.00 41.69 ? 6   TRP B CD1 1 
ATOM   988  C  CD2 . TRP B 2 6   ? 7.259   -8.027  -2.268  1.00 39.60 ? 6   TRP B CD2 1 
ATOM   989  N  NE1 . TRP B 2 6   ? 7.904   -9.434  -3.885  1.00 41.45 ? 6   TRP B NE1 1 
ATOM   990  C  CE2 . TRP B 2 6   ? 6.878   -8.598  -3.492  1.00 38.31 ? 6   TRP B CE2 1 
ATOM   991  C  CE3 . TRP B 2 6   ? 6.378   -7.129  -1.646  1.00 38.72 ? 6   TRP B CE3 1 
ATOM   992  C  CZ2 . TRP B 2 6   ? 5.671   -8.317  -4.119  1.00 36.93 ? 6   TRP B CZ2 1 
ATOM   993  C  CZ3 . TRP B 2 6   ? 5.174   -6.845  -2.266  1.00 34.82 ? 6   TRP B CZ3 1 
ATOM   994  C  CH2 . TRP B 2 6   ? 4.831   -7.436  -3.489  1.00 38.09 ? 6   TRP B CH2 1 
ATOM   995  N  N   . ASP B 2 7   ? 10.333  -5.576  1.028   1.00 46.92 ? 7   ASP B N   1 
ATOM   996  C  CA  . ASP B 2 7   ? 10.701  -5.130  2.361   1.00 47.82 ? 7   ASP B CA  1 
ATOM   997  C  C   . ASP B 2 7   ? 9.643   -5.600  3.357   1.00 45.49 ? 7   ASP B C   1 
ATOM   998  O  O   . ASP B 2 7   ? 8.455   -5.353  3.172   1.00 41.14 ? 7   ASP B O   1 
ATOM   999  C  CB  . ASP B 2 7   ? 10.819  -3.604  2.383   1.00 49.88 ? 7   ASP B CB  1 
ATOM   1000 C  CG  . ASP B 2 7   ? 11.747  -3.103  3.474   1.00 57.43 ? 7   ASP B CG  1 
ATOM   1001 O  OD1 . ASP B 2 7   ? 11.591  -3.524  4.641   1.00 55.77 ? 7   ASP B OD1 1 
ATOM   1002 O  OD2 . ASP B 2 7   ? 12.632  -2.278  3.160   1.00 59.24 ? 7   ASP B OD2 1 
ATOM   1003 N  N   . PHE B 2 8   ? 10.076  -6.286  4.406   1.00 49.13 ? 8   PHE B N   1 
ATOM   1004 C  CA  . PHE B 2 8   ? 9.155   -6.788  5.418   1.00 45.53 ? 8   PHE B CA  1 
ATOM   1005 C  C   . PHE B 2 8   ? 8.878   -5.710  6.459   1.00 49.88 ? 8   PHE B C   1 
ATOM   1006 O  O   . PHE B 2 8   ? 9.798   -5.065  6.958   1.00 57.55 ? 8   PHE B O   1 
ATOM   1007 C  CB  . PHE B 2 8   ? 9.725   -8.045  6.072   1.00 52.10 ? 8   PHE B CB  1 
ATOM   1008 C  CG  . PHE B 2 8   ? 9.900   -9.189  5.115   1.00 52.57 ? 8   PHE B CG  1 
ATOM   1009 C  CD1 . PHE B 2 8   ? 10.897  -9.157  4.152   1.00 54.06 ? 8   PHE B CD1 1 
ATOM   1010 C  CD2 . PHE B 2 8   ? 9.063   -10.291 5.171   1.00 52.17 ? 8   PHE B CD2 1 
ATOM   1011 C  CE1 . PHE B 2 8   ? 11.059  -10.204 3.265   1.00 54.44 ? 8   PHE B CE1 1 
ATOM   1012 C  CE2 . PHE B 2 8   ? 9.220   -11.343 4.287   1.00 54.08 ? 8   PHE B CE2 1 
ATOM   1013 C  CZ  . PHE B 2 8   ? 10.221  -11.299 3.332   1.00 54.86 ? 8   PHE B CZ  1 
ATOM   1014 N  N   . LEU B 2 9   ? 7.602   -5.519  6.780   1.00 48.92 ? 9   LEU B N   1 
ATOM   1015 C  CA  . LEU B 2 9   ? 7.186   -4.411  7.628   1.00 55.62 ? 9   LEU B CA  1 
ATOM   1016 C  C   . LEU B 2 9   ? 6.095   -4.835  8.607   1.00 56.71 ? 9   LEU B C   1 
ATOM   1017 O  O   . LEU B 2 9   ? 4.936   -4.972  8.221   1.00 55.51 ? 9   LEU B O   1 
ATOM   1018 C  CB  . LEU B 2 9   ? 6.666   -3.268  6.756   1.00 50.45 ? 9   LEU B CB  1 
ATOM   1019 C  CG  . LEU B 2 9   ? 6.776   -1.867  7.351   1.00 53.51 ? 9   LEU B CG  1 
ATOM   1020 C  CD1 . LEU B 2 9   ? 8.199   -1.360  7.216   1.00 62.10 ? 9   LEU B CD1 1 
ATOM   1021 C  CD2 . LEU B 2 9   ? 5.811   -0.922  6.667   1.00 54.68 ? 9   LEU B CD2 1 
ATOM   1022 N  N   . PRO B 2 10  ? 6.460   -5.041  9.885   1.00 63.03 ? 10  PRO B N   1 
ATOM   1023 C  CA  . PRO B 2 10  ? 7.826   -4.941  10.410  1.00 61.54 ? 10  PRO B CA  1 
ATOM   1024 C  C   . PRO B 2 10  ? 8.651   -6.160  10.029  1.00 61.97 ? 10  PRO B C   1 
ATOM   1025 O  O   . PRO B 2 10  ? 8.077   -7.213  9.748   1.00 62.63 ? 10  PRO B O   1 
ATOM   1026 C  CB  . PRO B 2 10  ? 7.624   -4.906  11.934  1.00 59.48 ? 10  PRO B CB  1 
ATOM   1027 C  CG  . PRO B 2 10  ? 6.150   -4.726  12.153  1.00 59.47 ? 10  PRO B CG  1 
ATOM   1028 C  CD  . PRO B 2 10  ? 5.489   -5.313  10.955  1.00 62.34 ? 10  PRO B CD  1 
ATOM   1029 N  N   . PRO B 2 11  ? 9.985   -6.024  10.019  1.00 62.35 ? 11  PRO B N   1 
ATOM   1030 C  CA  . PRO B 2 11  ? 10.864  -7.152  9.694   1.00 64.16 ? 11  PRO B CA  1 
ATOM   1031 C  C   . PRO B 2 11  ? 10.618  -8.357  10.602  1.00 68.45 ? 11  PRO B C   1 
ATOM   1032 O  O   . PRO B 2 11  ? 10.450  -9.465  10.085  1.00 69.79 ? 11  PRO B O   1 
ATOM   1033 C  CB  . PRO B 2 11  ? 12.267  -6.579  9.925   1.00 69.91 ? 11  PRO B CB  1 
ATOM   1034 C  CG  . PRO B 2 11  ? 12.110  -5.107  9.757   1.00 64.81 ? 11  PRO B CG  1 
ATOM   1035 C  CD  . PRO B 2 11  ? 10.740  -4.786  10.276  1.00 62.30 ? 11  PRO B CD  1 
HETATM 1036 N  N   . NH2 B 2 12  ? 10.274  -8.167  11.874  1.00 66.95 ? 12  NH2 B N   1 
HETATM 1037 ZN ZN  . ZN  C 3 .   ? -9.204  -12.040 -6.077  1.00 31.50 ? 201 ZN  A ZN  1 
HETATM 1038 O  O   . HOH D 4 .   ? -1.924  6.060   -7.042  1.00 44.32 ? 202 HOH A O   1 
HETATM 1039 O  O   . HOH D 4 .   ? -8.398  -13.705 -9.507  1.00 31.11 ? 203 HOH A O   1 
HETATM 1040 O  O   . HOH D 4 .   ? -9.267  17.204  2.834   1.00 32.50 ? 204 HOH A O   1 
HETATM 1041 O  O   . HOH D 4 .   ? -8.106  5.837   7.431   1.00 48.21 ? 205 HOH A O   1 
HETATM 1042 O  O   . HOH D 4 .   ? -3.391  14.214  -3.426  1.00 36.36 ? 206 HOH A O   1 
HETATM 1043 O  O   . HOH D 4 .   ? 4.904   20.518  5.404   1.00 42.32 ? 207 HOH A O   1 
HETATM 1044 O  O   . HOH D 4 .   ? 6.489   12.661  11.879  1.00 38.19 ? 208 HOH A O   1 
HETATM 1045 O  O   . HOH D 4 .   ? 9.113   14.089  4.581   1.00 33.93 ? 209 HOH A O   1 
HETATM 1046 O  O   . HOH D 4 .   ? -5.662  -3.103  -4.746  1.00 34.35 ? 210 HOH A O   1 
HETATM 1047 O  O   . HOH D 4 .   ? 2.597   12.457  -6.833  1.00 34.61 ? 211 HOH A O   1 
HETATM 1048 O  O   . HOH D 4 .   ? 6.433   14.806  4.437   1.00 38.93 ? 212 HOH A O   1 
HETATM 1049 O  O   . HOH D 4 .   ? -6.028  0.730   -4.761  1.00 44.58 ? 213 HOH A O   1 
HETATM 1050 O  O   . HOH D 4 .   ? -0.777  -19.764 -12.037 1.00 46.19 ? 214 HOH A O   1 
HETATM 1051 O  O   . HOH D 4 .   ? 2.808   15.668  11.148  1.00 38.52 ? 215 HOH A O   1 
HETATM 1052 O  O   . HOH D 4 .   ? -0.902  17.676  10.238  1.00 47.32 ? 216 HOH A O   1 
HETATM 1053 O  O   . HOH D 4 .   ? -6.315  -1.032  -6.810  1.00 46.37 ? 217 HOH A O   1 
HETATM 1054 O  O   . HOH D 4 .   ? 10.857  -3.367  -10.920 1.00 55.03 ? 218 HOH A O   1 
HETATM 1055 O  O   . HOH D 4 .   ? 11.696  7.690   -4.581  1.00 48.84 ? 219 HOH A O   1 
HETATM 1056 O  O   . HOH D 4 .   ? 11.223  2.591   -12.507 1.00 55.73 ? 220 HOH A O   1 
HETATM 1057 O  O   . HOH D 4 .   ? 12.848  5.727   -6.012  1.00 48.24 ? 221 HOH A O   1 
HETATM 1058 O  O   . HOH D 4 .   ? -11.081 10.367  -1.536  1.00 43.95 ? 222 HOH A O   1 
HETATM 1059 O  O   . HOH D 4 .   ? 8.040   22.663  -3.379  1.00 42.01 ? 223 HOH A O   1 
HETATM 1060 O  O   . HOH D 4 .   ? -10.562 -7.644  -4.150  1.00 37.31 ? 224 HOH A O   1 
HETATM 1061 O  O   . HOH D 4 .   ? 6.436   4.791   -3.368  1.00 39.31 ? 225 HOH A O   1 
HETATM 1062 O  O   . HOH D 4 .   ? 11.143  -13.070 -0.959  1.00 60.86 ? 226 HOH A O   1 
HETATM 1063 O  O   . HOH D 4 .   ? 10.851  8.262   11.717  1.00 47.28 ? 227 HOH A O   1 
HETATM 1064 O  O   . HOH D 4 .   ? -8.133  -16.356 -9.292  1.00 37.58 ? 229 HOH A O   1 
HETATM 1065 O  O   . HOH D 4 .   ? 7.232   18.143  4.211   1.00 37.88 ? 230 HOH A O   1 
HETATM 1066 O  O   . HOH E 4 .   ? 12.127  -10.643 -1.479  1.00 60.84 ? 231 HOH B O   1 
# 
